data_3AB5
# 
_entry.id   3AB5 
# 
_audit_conform.dict_name       mmcif_pdbx.dic 
_audit_conform.dict_version    5.388 
_audit_conform.dict_location   http://mmcif.pdb.org/dictionaries/ascii/mmcif_pdbx.dic 
# 
loop_
_database_2.database_id 
_database_2.database_code 
_database_2.pdbx_database_accession 
_database_2.pdbx_DOI 
PDB   3AB5         pdb_00003ab5 10.2210/pdb3ab5/pdb 
RCSB  RCSB029037   ?            ?                   
WWPDB D_1000029037 ?            ?                   
# 
loop_
_pdbx_audit_revision_history.ordinal 
_pdbx_audit_revision_history.data_content_type 
_pdbx_audit_revision_history.major_revision 
_pdbx_audit_revision_history.minor_revision 
_pdbx_audit_revision_history.revision_date 
1 'Structure model' 1 0 2010-11-17 
2 'Structure model' 1 1 2011-07-13 
3 'Structure model' 1 2 2024-03-13 
# 
_pdbx_audit_revision_details.ordinal             1 
_pdbx_audit_revision_details.revision_ordinal    1 
_pdbx_audit_revision_details.data_content_type   'Structure model' 
_pdbx_audit_revision_details.provider            repository 
_pdbx_audit_revision_details.type                'Initial release' 
_pdbx_audit_revision_details.description         ? 
_pdbx_audit_revision_details.details             ? 
# 
loop_
_pdbx_audit_revision_group.ordinal 
_pdbx_audit_revision_group.revision_ordinal 
_pdbx_audit_revision_group.data_content_type 
_pdbx_audit_revision_group.group 
1 2 'Structure model' 'Version format compliance' 
2 3 'Structure model' 'Data collection'           
3 3 'Structure model' 'Database references'       
4 3 'Structure model' 'Derived calculations'      
# 
loop_
_pdbx_audit_revision_category.ordinal 
_pdbx_audit_revision_category.revision_ordinal 
_pdbx_audit_revision_category.data_content_type 
_pdbx_audit_revision_category.category 
1 3 'Structure model' chem_comp_atom         
2 3 'Structure model' chem_comp_bond         
3 3 'Structure model' database_2             
4 3 'Structure model' pdbx_struct_conn_angle 
5 3 'Structure model' struct_conn            
6 3 'Structure model' struct_site            
# 
loop_
_pdbx_audit_revision_item.ordinal 
_pdbx_audit_revision_item.revision_ordinal 
_pdbx_audit_revision_item.data_content_type 
_pdbx_audit_revision_item.item 
1  3 'Structure model' '_database_2.pdbx_DOI'                        
2  3 'Structure model' '_database_2.pdbx_database_accession'         
3  3 'Structure model' '_pdbx_struct_conn_angle.ptnr1_auth_asym_id'  
4  3 'Structure model' '_pdbx_struct_conn_angle.ptnr1_auth_seq_id'   
5  3 'Structure model' '_pdbx_struct_conn_angle.ptnr1_label_asym_id' 
6  3 'Structure model' '_pdbx_struct_conn_angle.ptnr1_label_seq_id'  
7  3 'Structure model' '_pdbx_struct_conn_angle.ptnr2_auth_asym_id'  
8  3 'Structure model' '_pdbx_struct_conn_angle.ptnr2_label_asym_id' 
9  3 'Structure model' '_pdbx_struct_conn_angle.ptnr3_auth_asym_id'  
10 3 'Structure model' '_pdbx_struct_conn_angle.ptnr3_auth_seq_id'   
11 3 'Structure model' '_pdbx_struct_conn_angle.ptnr3_label_asym_id' 
12 3 'Structure model' '_pdbx_struct_conn_angle.ptnr3_label_seq_id'  
13 3 'Structure model' '_pdbx_struct_conn_angle.value'               
14 3 'Structure model' '_struct_conn.pdbx_dist_value'                
15 3 'Structure model' '_struct_conn.ptnr1_auth_asym_id'             
16 3 'Structure model' '_struct_conn.ptnr1_auth_seq_id'              
17 3 'Structure model' '_struct_conn.ptnr1_label_asym_id'            
18 3 'Structure model' '_struct_conn.ptnr1_label_seq_id'             
19 3 'Structure model' '_struct_conn.ptnr2_auth_asym_id'             
20 3 'Structure model' '_struct_conn.ptnr2_label_asym_id'            
21 3 'Structure model' '_struct_conn.ptnr2_label_atom_id'            
22 3 'Structure model' '_struct_site.pdbx_auth_asym_id'              
23 3 'Structure model' '_struct_site.pdbx_auth_comp_id'              
24 3 'Structure model' '_struct_site.pdbx_auth_seq_id'               
# 
_pdbx_database_status.status_code                     REL 
_pdbx_database_status.entry_id                        3AB5 
_pdbx_database_status.recvd_initial_deposition_date   2009-12-01 
_pdbx_database_status.deposit_site                    PDBJ 
_pdbx_database_status.process_site                    PDBJ 
_pdbx_database_status.status_code_sf                  REL 
_pdbx_database_status.status_code_mr                  ? 
_pdbx_database_status.SG_entry                        ? 
_pdbx_database_status.pdb_format_compatible           Y 
_pdbx_database_status.status_code_cs                  ? 
_pdbx_database_status.status_code_nmr_data            ? 
_pdbx_database_status.methods_development_category    ? 
# 
loop_
_audit_author.name 
_audit_author.pdbx_ordinal 
'Morimoto, Y.' 1 
'Imai, T.'     2 
'Ozawa, Y.'    3 
# 
_citation.id                        primary 
_citation.title                     'Crystal structure of the 2Fe 2S Ferredoxin from Cyanidioschyzon merolae at 1.18A resolution.' 
_citation.journal_abbrev            'To be Published' 
_citation.journal_volume            ? 
_citation.page_first                ? 
_citation.page_last                 ? 
_citation.year                      ? 
_citation.journal_id_ASTM           ? 
_citation.country                   ? 
_citation.journal_id_ISSN           ? 
_citation.journal_id_CSD            0353 
_citation.book_publisher            ? 
_citation.pdbx_database_id_PubMed   ? 
_citation.pdbx_database_id_DOI      ? 
# 
loop_
_citation_author.citation_id 
_citation_author.name 
_citation_author.ordinal 
_citation_author.identifier_ORCID 
primary 'Morimoto, Y.' 1 ? 
primary 'Imai, T.'     2 ? 
primary 'Ozawa, Y.'    3 ? 
# 
loop_
_entity.id 
_entity.type 
_entity.src_method 
_entity.pdbx_description 
_entity.formula_weight 
_entity.pdbx_number_of_molecules 
_entity.pdbx_ec 
_entity.pdbx_mutation 
_entity.pdbx_fragment 
_entity.details 
1 polymer     man Ferredoxin                   10580.788 2   ? ? ? ? 
2 non-polymer syn 'FE2/S2 (INORGANIC) CLUSTER' 175.820   2   ? ? ? ? 
3 water       nat water                        18.015    100 ? ? ? ? 
# 
_entity_poly.entity_id                      1 
_entity_poly.type                           'polypeptide(L)' 
_entity_poly.nstd_linkage                   no 
_entity_poly.nstd_monomer                   no 
_entity_poly.pdbx_seq_one_letter_code       
;MYKIQLVNQKEGIDVTIQCAGDQYILDAAEEQGVDLPYSCRAGACSTCAGKLVKGSVDQSDQSFLDEDQISKGFILTCVA
YPTSDCVIQTHQEEALY
;
_entity_poly.pdbx_seq_one_letter_code_can   
;MYKIQLVNQKEGIDVTIQCAGDQYILDAAEEQGVDLPYSCRAGACSTCAGKLVKGSVDQSDQSFLDEDQISKGFILTCVA
YPTSDCVIQTHQEEALY
;
_entity_poly.pdbx_strand_id                 A,B 
_entity_poly.pdbx_target_identifier         ? 
# 
loop_
_pdbx_entity_nonpoly.entity_id 
_pdbx_entity_nonpoly.name 
_pdbx_entity_nonpoly.comp_id 
2 'FE2/S2 (INORGANIC) CLUSTER' FES 
3 water                        HOH 
# 
loop_
_entity_poly_seq.entity_id 
_entity_poly_seq.num 
_entity_poly_seq.mon_id 
_entity_poly_seq.hetero 
1 1  MET n 
1 2  TYR n 
1 3  LYS n 
1 4  ILE n 
1 5  GLN n 
1 6  LEU n 
1 7  VAL n 
1 8  ASN n 
1 9  GLN n 
1 10 LYS n 
1 11 GLU n 
1 12 GLY n 
1 13 ILE n 
1 14 ASP n 
1 15 VAL n 
1 16 THR n 
1 17 ILE n 
1 18 GLN n 
1 19 CYS n 
1 20 ALA n 
1 21 GLY n 
1 22 ASP n 
1 23 GLN n 
1 24 TYR n 
1 25 ILE n 
1 26 LEU n 
1 27 ASP n 
1 28 ALA n 
1 29 ALA n 
1 30 GLU n 
1 31 GLU n 
1 32 GLN n 
1 33 GLY n 
1 34 VAL n 
1 35 ASP n 
1 36 LEU n 
1 37 PRO n 
1 38 TYR n 
1 39 SER n 
1 40 CYS n 
1 41 ARG n 
1 42 ALA n 
1 43 GLY n 
1 44 ALA n 
1 45 CYS n 
1 46 SER n 
1 47 THR n 
1 48 CYS n 
1 49 ALA n 
1 50 GLY n 
1 51 LYS n 
1 52 LEU n 
1 53 VAL n 
1 54 LYS n 
1 55 GLY n 
1 56 SER n 
1 57 VAL n 
1 58 ASP n 
1 59 GLN n 
1 60 SER n 
1 61 ASP n 
1 62 GLN n 
1 63 SER n 
1 64 PHE n 
1 65 LEU n 
1 66 ASP n 
1 67 GLU n 
1 68 ASP n 
1 69 GLN n 
1 70 ILE n 
1 71 SER n 
1 72 LYS n 
1 73 GLY n 
1 74 PHE n 
1 75 ILE n 
1 76 LEU n 
1 77 THR n 
1 78 CYS n 
1 79 VAL n 
1 80 ALA n 
1 81 TYR n 
1 82 PRO n 
1 83 THR n 
1 84 SER n 
1 85 ASP n 
1 86 CYS n 
1 87 VAL n 
1 88 ILE n 
1 89 GLN n 
1 90 THR n 
1 91 HIS n 
1 92 GLN n 
1 93 GLU n 
1 94 GLU n 
1 95 ALA n 
1 96 LEU n 
1 97 TYR n 
# 
_entity_src_gen.entity_id                          1 
_entity_src_gen.pdbx_src_id                        1 
_entity_src_gen.pdbx_alt_source_flag               sample 
_entity_src_gen.pdbx_seq_type                      ? 
_entity_src_gen.pdbx_beg_seq_num                   ? 
_entity_src_gen.pdbx_end_seq_num                   ? 
_entity_src_gen.gene_src_common_name               'Red alga' 
_entity_src_gen.gene_src_genus                     ? 
_entity_src_gen.pdbx_gene_src_gene                 petF 
_entity_src_gen.gene_src_species                   ? 
_entity_src_gen.gene_src_strain                    ? 
_entity_src_gen.gene_src_tissue                    ? 
_entity_src_gen.gene_src_tissue_fraction           ? 
_entity_src_gen.gene_src_details                   ? 
_entity_src_gen.pdbx_gene_src_fragment             ? 
_entity_src_gen.pdbx_gene_src_scientific_name      'Cyanidioschyzon merolae' 
_entity_src_gen.pdbx_gene_src_ncbi_taxonomy_id     45157 
_entity_src_gen.pdbx_gene_src_variant              ? 
_entity_src_gen.pdbx_gene_src_cell_line            ? 
_entity_src_gen.pdbx_gene_src_atcc                 ? 
_entity_src_gen.pdbx_gene_src_organ                ? 
_entity_src_gen.pdbx_gene_src_organelle            ? 
_entity_src_gen.pdbx_gene_src_cell                 ? 
_entity_src_gen.pdbx_gene_src_cellular_location    ? 
_entity_src_gen.host_org_common_name               ? 
_entity_src_gen.pdbx_host_org_scientific_name      'Escherichia coli' 
_entity_src_gen.pdbx_host_org_ncbi_taxonomy_id     562 
_entity_src_gen.host_org_genus                     ? 
_entity_src_gen.pdbx_host_org_gene                 ? 
_entity_src_gen.pdbx_host_org_organ                ? 
_entity_src_gen.host_org_species                   ? 
_entity_src_gen.pdbx_host_org_tissue               ? 
_entity_src_gen.pdbx_host_org_tissue_fraction      ? 
_entity_src_gen.pdbx_host_org_strain               ? 
_entity_src_gen.pdbx_host_org_variant              ? 
_entity_src_gen.pdbx_host_org_cell_line            ? 
_entity_src_gen.pdbx_host_org_atcc                 ? 
_entity_src_gen.pdbx_host_org_culture_collection   ? 
_entity_src_gen.pdbx_host_org_cell                 ? 
_entity_src_gen.pdbx_host_org_organelle            ? 
_entity_src_gen.pdbx_host_org_cellular_location    ? 
_entity_src_gen.pdbx_host_org_vector_type          ? 
_entity_src_gen.pdbx_host_org_vector               ? 
_entity_src_gen.host_org_details                   ? 
_entity_src_gen.expression_system_id               ? 
_entity_src_gen.plasmid_name                       ? 
_entity_src_gen.plasmid_details                    ? 
_entity_src_gen.pdbx_description                   ? 
# 
loop_
_chem_comp.id 
_chem_comp.type 
_chem_comp.mon_nstd_flag 
_chem_comp.name 
_chem_comp.pdbx_synonyms 
_chem_comp.formula 
_chem_comp.formula_weight 
ALA 'L-peptide linking' y ALANINE                      ? 'C3 H7 N O2'     89.093  
ARG 'L-peptide linking' y ARGININE                     ? 'C6 H15 N4 O2 1' 175.209 
ASN 'L-peptide linking' y ASPARAGINE                   ? 'C4 H8 N2 O3'    132.118 
ASP 'L-peptide linking' y 'ASPARTIC ACID'              ? 'C4 H7 N O4'     133.103 
CYS 'L-peptide linking' y CYSTEINE                     ? 'C3 H7 N O2 S'   121.158 
FES non-polymer         . 'FE2/S2 (INORGANIC) CLUSTER' ? 'Fe2 S2'         175.820 
GLN 'L-peptide linking' y GLUTAMINE                    ? 'C5 H10 N2 O3'   146.144 
GLU 'L-peptide linking' y 'GLUTAMIC ACID'              ? 'C5 H9 N O4'     147.129 
GLY 'peptide linking'   y GLYCINE                      ? 'C2 H5 N O2'     75.067  
HIS 'L-peptide linking' y HISTIDINE                    ? 'C6 H10 N3 O2 1' 156.162 
HOH non-polymer         . WATER                        ? 'H2 O'           18.015  
ILE 'L-peptide linking' y ISOLEUCINE                   ? 'C6 H13 N O2'    131.173 
LEU 'L-peptide linking' y LEUCINE                      ? 'C6 H13 N O2'    131.173 
LYS 'L-peptide linking' y LYSINE                       ? 'C6 H15 N2 O2 1' 147.195 
MET 'L-peptide linking' y METHIONINE                   ? 'C5 H11 N O2 S'  149.211 
PHE 'L-peptide linking' y PHENYLALANINE                ? 'C9 H11 N O2'    165.189 
PRO 'L-peptide linking' y PROLINE                      ? 'C5 H9 N O2'     115.130 
SER 'L-peptide linking' y SERINE                       ? 'C3 H7 N O3'     105.093 
THR 'L-peptide linking' y THREONINE                    ? 'C4 H9 N O3'     119.119 
TYR 'L-peptide linking' y TYROSINE                     ? 'C9 H11 N O3'    181.189 
VAL 'L-peptide linking' y VALINE                       ? 'C5 H11 N O2'    117.146 
# 
loop_
_pdbx_poly_seq_scheme.asym_id 
_pdbx_poly_seq_scheme.entity_id 
_pdbx_poly_seq_scheme.seq_id 
_pdbx_poly_seq_scheme.mon_id 
_pdbx_poly_seq_scheme.ndb_seq_num 
_pdbx_poly_seq_scheme.pdb_seq_num 
_pdbx_poly_seq_scheme.auth_seq_num 
_pdbx_poly_seq_scheme.pdb_mon_id 
_pdbx_poly_seq_scheme.auth_mon_id 
_pdbx_poly_seq_scheme.pdb_strand_id 
_pdbx_poly_seq_scheme.pdb_ins_code 
_pdbx_poly_seq_scheme.hetero 
A 1 1  MET 1  1  1  MET MET A . n 
A 1 2  TYR 2  2  2  TYR TYR A . n 
A 1 3  LYS 3  3  3  LYS LYS A . n 
A 1 4  ILE 4  4  4  ILE ILE A . n 
A 1 5  GLN 5  5  5  GLN GLN A . n 
A 1 6  LEU 6  6  6  LEU LEU A . n 
A 1 7  VAL 7  7  7  VAL VAL A . n 
A 1 8  ASN 8  8  8  ASN ASN A . n 
A 1 9  GLN 9  9  9  GLN GLN A . n 
A 1 10 LYS 10 10 10 LYS LYS A . n 
A 1 11 GLU 11 11 11 GLU GLU A . n 
A 1 12 GLY 12 12 12 GLY GLY A . n 
A 1 13 ILE 13 13 13 ILE ILE A . n 
A 1 14 ASP 14 14 14 ASP ASP A . n 
A 1 15 VAL 15 15 15 VAL VAL A . n 
A 1 16 THR 16 16 16 THR THR A . n 
A 1 17 ILE 17 17 17 ILE ILE A . n 
A 1 18 GLN 18 18 18 GLN GLN A . n 
A 1 19 CYS 19 19 19 CYS CYS A . n 
A 1 20 ALA 20 20 20 ALA ALA A . n 
A 1 21 GLY 21 21 21 GLY GLY A . n 
A 1 22 ASP 22 22 22 ASP ASP A . n 
A 1 23 GLN 23 23 23 GLN GLN A . n 
A 1 24 TYR 24 24 24 TYR TYR A . n 
A 1 25 ILE 25 25 25 ILE ILE A . n 
A 1 26 LEU 26 26 26 LEU LEU A . n 
A 1 27 ASP 27 27 27 ASP ASP A . n 
A 1 28 ALA 28 28 28 ALA ALA A . n 
A 1 29 ALA 29 29 29 ALA ALA A . n 
A 1 30 GLU 30 30 30 GLU GLU A . n 
A 1 31 GLU 31 31 31 GLU GLU A . n 
A 1 32 GLN 32 32 32 GLN GLU A . n 
A 1 33 GLY 33 33 33 GLY GLY A . n 
A 1 34 VAL 34 34 34 VAL VAL A . n 
A 1 35 ASP 35 35 35 ASP ASP A . n 
A 1 36 LEU 36 36 36 LEU LEU A . n 
A 1 37 PRO 37 37 37 PRO PRO A . n 
A 1 38 TYR 38 38 38 TYR TYR A . n 
A 1 39 SER 39 39 39 SER SER A . n 
A 1 40 CYS 40 40 40 CYS CYS A . n 
A 1 41 ARG 41 41 41 ARG ARG A . n 
A 1 42 ALA 42 42 42 ALA ALA A . n 
A 1 43 GLY 43 43 43 GLY GLY A . n 
A 1 44 ALA 44 44 44 ALA ALA A . n 
A 1 45 CYS 45 45 45 CYS CYS A . n 
A 1 46 SER 46 46 46 SER SER A . n 
A 1 47 THR 47 47 47 THR THR A . n 
A 1 48 CYS 48 48 48 CYS CYS A . n 
A 1 49 ALA 49 49 49 ALA ALA A . n 
A 1 50 GLY 50 50 50 GLY GLY A . n 
A 1 51 LYS 51 51 51 LYS LYS A . n 
A 1 52 LEU 52 52 52 LEU LEU A . n 
A 1 53 VAL 53 53 53 VAL VAL A . n 
A 1 54 LYS 54 54 54 LYS LYS A . n 
A 1 55 GLY 55 55 55 GLY GLY A . n 
A 1 56 SER 56 56 56 SER SER A . n 
A 1 57 VAL 57 57 57 VAL VAL A . n 
A 1 58 ASP 58 58 58 ASP ASP A . n 
A 1 59 GLN 59 59 59 GLN GLN A . n 
A 1 60 SER 60 60 60 SER SER A . n 
A 1 61 ASP 61 61 61 ASP ASP A . n 
A 1 62 GLN 62 62 62 GLN GLN A . n 
A 1 63 SER 63 63 63 SER SER A . n 
A 1 64 PHE 64 64 64 PHE PHE A . n 
A 1 65 LEU 65 65 65 LEU LEU A . n 
A 1 66 ASP 66 66 66 ASP ASP A . n 
A 1 67 GLU 67 67 67 GLU GLU A . n 
A 1 68 ASP 68 68 68 ASP ASP A . n 
A 1 69 GLN 69 69 69 GLN GLN A . n 
A 1 70 ILE 70 70 70 ILE ILE A . n 
A 1 71 SER 71 71 71 SER SER A . n 
A 1 72 LYS 72 72 72 LYS LYS A . n 
A 1 73 GLY 73 73 73 GLY GLY A . n 
A 1 74 PHE 74 74 74 PHE PHE A . n 
A 1 75 ILE 75 75 75 ILE ILE A . n 
A 1 76 LEU 76 76 76 LEU LEU A . n 
A 1 77 THR 77 77 77 THR THR A . n 
A 1 78 CYS 78 78 78 CYS CYS A . n 
A 1 79 VAL 79 79 79 VAL VAL A . n 
A 1 80 ALA 80 80 80 ALA ALA A . n 
A 1 81 TYR 81 81 81 TYR TYR A . n 
A 1 82 PRO 82 82 82 PRO PRO A . n 
A 1 83 THR 83 83 83 THR THR A . n 
A 1 84 SER 84 84 84 SER SER A . n 
A 1 85 ASP 85 85 85 ASP ASP A . n 
A 1 86 CYS 86 86 86 CYS CYS A . n 
A 1 87 VAL 87 87 87 VAL VAL A . n 
A 1 88 ILE 88 88 88 ILE ILE A . n 
A 1 89 GLN 89 89 89 GLN GLN A . n 
A 1 90 THR 90 90 90 THR THR A . n 
A 1 91 HIS 91 91 91 HIS HIS A . n 
A 1 92 GLN 92 92 92 GLN GLN A . n 
A 1 93 GLU 93 93 93 GLU GLU A . n 
A 1 94 GLU 94 94 94 GLU GLU A . n 
A 1 95 ALA 95 95 95 ALA ALA A . n 
A 1 96 LEU 96 96 96 LEU LEU A . n 
A 1 97 TYR 97 97 97 TYR TYR A . n 
B 1 1  MET 1  1  1  MET MET B . n 
B 1 2  TYR 2  2  2  TYR TYR B . n 
B 1 3  LYS 3  3  3  LYS LYS B . n 
B 1 4  ILE 4  4  4  ILE ILE B . n 
B 1 5  GLN 5  5  5  GLN GLN B . n 
B 1 6  LEU 6  6  6  LEU LEU B . n 
B 1 7  VAL 7  7  7  VAL VAL B . n 
B 1 8  ASN 8  8  8  ASN ASN B . n 
B 1 9  GLN 9  9  9  GLN GLN B . n 
B 1 10 LYS 10 10 10 LYS LYS B . n 
B 1 11 GLU 11 11 11 GLU GLU B . n 
B 1 12 GLY 12 12 12 GLY GLY B . n 
B 1 13 ILE 13 13 13 ILE ILE B . n 
B 1 14 ASP 14 14 14 ASP ASP B . n 
B 1 15 VAL 15 15 15 VAL VAL B . n 
B 1 16 THR 16 16 16 THR THR B . n 
B 1 17 ILE 17 17 17 ILE ILE B . n 
B 1 18 GLN 18 18 18 GLN GLN B . n 
B 1 19 CYS 19 19 19 CYS CYS B . n 
B 1 20 ALA 20 20 20 ALA ALA B . n 
B 1 21 GLY 21 21 21 GLY GLY B . n 
B 1 22 ASP 22 22 22 ASP ASP B . n 
B 1 23 GLN 23 23 23 GLN GLN B . n 
B 1 24 TYR 24 24 24 TYR TYR B . n 
B 1 25 ILE 25 25 25 ILE ILE B . n 
B 1 26 LEU 26 26 26 LEU LEU B . n 
B 1 27 ASP 27 27 27 ASP ASP B . n 
B 1 28 ALA 28 28 28 ALA ALA B . n 
B 1 29 ALA 29 29 29 ALA ALA B . n 
B 1 30 GLU 30 30 30 GLU GLU B . n 
B 1 31 GLU 31 31 31 GLU GLU B . n 
B 1 32 GLN 32 32 32 GLN GLU B . n 
B 1 33 GLY 33 33 33 GLY GLY B . n 
B 1 34 VAL 34 34 34 VAL VAL B . n 
B 1 35 ASP 35 35 35 ASP ASP B . n 
B 1 36 LEU 36 36 36 LEU LEU B . n 
B 1 37 PRO 37 37 37 PRO PRO B . n 
B 1 38 TYR 38 38 38 TYR TYR B . n 
B 1 39 SER 39 39 39 SER SER B . n 
B 1 40 CYS 40 40 40 CYS CYS B . n 
B 1 41 ARG 41 41 41 ARG ARG B . n 
B 1 42 ALA 42 42 42 ALA ALA B . n 
B 1 43 GLY 43 43 43 GLY GLY B . n 
B 1 44 ALA 44 44 44 ALA ALA B . n 
B 1 45 CYS 45 45 45 CYS CYS B . n 
B 1 46 SER 46 46 46 SER SER B . n 
B 1 47 THR 47 47 47 THR THR B . n 
B 1 48 CYS 48 48 48 CYS CYS B . n 
B 1 49 ALA 49 49 49 ALA ALA B . n 
B 1 50 GLY 50 50 50 GLY GLY B . n 
B 1 51 LYS 51 51 51 LYS LYS B . n 
B 1 52 LEU 52 52 52 LEU LEU B . n 
B 1 53 VAL 53 53 53 VAL VAL B . n 
B 1 54 LYS 54 54 54 LYS LYS B . n 
B 1 55 GLY 55 55 55 GLY GLY B . n 
B 1 56 SER 56 56 56 SER SER B . n 
B 1 57 VAL 57 57 57 VAL VAL B . n 
B 1 58 ASP 58 58 58 ASP ASP B . n 
B 1 59 GLN 59 59 59 GLN GLN B . n 
B 1 60 SER 60 60 60 SER SER B . n 
B 1 61 ASP 61 61 61 ASP ASP B . n 
B 1 62 GLN 62 62 62 GLN GLN B . n 
B 1 63 SER 63 63 63 SER SER B . n 
B 1 64 PHE 64 64 64 PHE PHE B . n 
B 1 65 LEU 65 65 65 LEU LEU B . n 
B 1 66 ASP 66 66 66 ASP ASP B . n 
B 1 67 GLU 67 67 67 GLU GLU B . n 
B 1 68 ASP 68 68 68 ASP ASP B . n 
B 1 69 GLN 69 69 69 GLN GLN B . n 
B 1 70 ILE 70 70 70 ILE ILE B . n 
B 1 71 SER 71 71 71 SER SER B . n 
B 1 72 LYS 72 72 72 LYS LYS B . n 
B 1 73 GLY 73 73 73 GLY GLY B . n 
B 1 74 PHE 74 74 74 PHE PHE B . n 
B 1 75 ILE 75 75 75 ILE ILE B . n 
B 1 76 LEU 76 76 76 LEU LEU B . n 
B 1 77 THR 77 77 77 THR THR B . n 
B 1 78 CYS 78 78 78 CYS CYS B . n 
B 1 79 VAL 79 79 79 VAL VAL B . n 
B 1 80 ALA 80 80 80 ALA ALA B . n 
B 1 81 TYR 81 81 81 TYR TYR B . n 
B 1 82 PRO 82 82 82 PRO PRO B . n 
B 1 83 THR 83 83 83 THR THR B . n 
B 1 84 SER 84 84 84 SER SER B . n 
B 1 85 ASP 85 85 85 ASP ASP B . n 
B 1 86 CYS 86 86 86 CYS CYS B . n 
B 1 87 VAL 87 87 87 VAL VAL B . n 
B 1 88 ILE 88 88 88 ILE ILE B . n 
B 1 89 GLN 89 89 89 GLN GLN B . n 
B 1 90 THR 90 90 90 THR THR B . n 
B 1 91 HIS 91 91 91 HIS HIS B . n 
B 1 92 GLN 92 92 92 GLN GLN B . n 
B 1 93 GLU 93 93 93 GLU GLU B . n 
B 1 94 GLU 94 94 94 GLU GLU B . n 
B 1 95 ALA 95 95 95 ALA ALA B . n 
B 1 96 LEU 96 96 96 LEU LEU B . n 
B 1 97 TYR 97 97 97 TYR TYR B . n 
# 
loop_
_pdbx_nonpoly_scheme.asym_id 
_pdbx_nonpoly_scheme.entity_id 
_pdbx_nonpoly_scheme.mon_id 
_pdbx_nonpoly_scheme.ndb_seq_num 
_pdbx_nonpoly_scheme.pdb_seq_num 
_pdbx_nonpoly_scheme.auth_seq_num 
_pdbx_nonpoly_scheme.pdb_mon_id 
_pdbx_nonpoly_scheme.auth_mon_id 
_pdbx_nonpoly_scheme.pdb_strand_id 
_pdbx_nonpoly_scheme.pdb_ins_code 
C 2 FES 1  100  100  FES FES A . 
D 2 FES 1  100  100  FES FES B . 
E 3 HOH 1  1604 1604 HOH HOH A . 
E 3 HOH 2  1605 1605 HOH HOH A . 
E 3 HOH 3  1606 1606 HOH HOH A . 
E 3 HOH 4  1607 1607 HOH HOH A . 
E 3 HOH 5  1608 1608 HOH HOH A . 
E 3 HOH 6  1609 1609 HOH HOH A . 
E 3 HOH 7  1612 1612 HOH HOH A . 
E 3 HOH 8  1613 1613 HOH HOH A . 
E 3 HOH 9  1614 1614 HOH HOH A . 
E 3 HOH 10 1617 1617 HOH HOH A . 
E 3 HOH 11 1618 1618 HOH HOH A . 
E 3 HOH 12 1620 1620 HOH HOH A . 
E 3 HOH 13 1624 1624 HOH HOH A . 
E 3 HOH 14 1625 1625 HOH HOH A . 
E 3 HOH 15 1628 1628 HOH HOH A . 
E 3 HOH 16 1629 1629 HOH HOH A . 
E 3 HOH 17 1630 1630 HOH HOH A . 
E 3 HOH 18 1632 1632 HOH HOH A . 
E 3 HOH 19 1635 1635 HOH HOH A . 
E 3 HOH 20 1637 1637 HOH HOH A . 
E 3 HOH 21 1639 1639 HOH HOH A . 
E 3 HOH 22 1640 1640 HOH HOH A . 
E 3 HOH 23 1642 1642 HOH HOH A . 
E 3 HOH 24 1643 1643 HOH HOH A . 
E 3 HOH 25 1644 1644 HOH HOH A . 
E 3 HOH 26 1645 1645 HOH HOH A . 
E 3 HOH 27 1646 1646 HOH HOH A . 
E 3 HOH 28 1647 1647 HOH HOH A . 
E 3 HOH 29 1651 1651 HOH HOH A . 
E 3 HOH 30 1652 1652 HOH HOH A . 
E 3 HOH 31 1653 1653 HOH HOH A . 
E 3 HOH 32 1654 1654 HOH HOH A . 
E 3 HOH 33 1656 1656 HOH HOH A . 
E 3 HOH 34 1660 1660 HOH HOH A . 
E 3 HOH 35 1661 1661 HOH HOH A . 
E 3 HOH 36 1664 1664 HOH HOH A . 
E 3 HOH 37 1665 1665 HOH HOH A . 
E 3 HOH 38 1667 1667 HOH HOH A . 
E 3 HOH 39 1668 1668 HOH HOH A . 
E 3 HOH 40 1669 1669 HOH HOH A . 
E 3 HOH 41 1670 1670 HOH HOH A . 
E 3 HOH 42 1672 1672 HOH HOH A . 
E 3 HOH 43 1676 1676 HOH HOH A . 
E 3 HOH 44 1677 1677 HOH HOH A . 
E 3 HOH 45 1678 1678 HOH HOH A . 
E 3 HOH 46 1680 1680 HOH HOH A . 
E 3 HOH 47 1681 1681 HOH HOH A . 
E 3 HOH 48 1683 1683 HOH HOH A . 
E 3 HOH 49 1684 1684 HOH HOH A . 
E 3 HOH 50 1687 1687 HOH HOH A . 
E 3 HOH 51 1688 1688 HOH HOH A . 
E 3 HOH 52 1692 1692 HOH HOH A . 
E 3 HOH 53 1693 1693 HOH HOH A . 
E 3 HOH 54 1694 1694 HOH HOH A . 
E 3 HOH 55 1695 1695 HOH HOH A . 
E 3 HOH 56 1697 1697 HOH HOH A . 
E 3 HOH 57 1698 1698 HOH HOH A . 
E 3 HOH 58 1699 1699 HOH HOH A . 
E 3 HOH 59 1701 1701 HOH HOH A . 
E 3 HOH 60 1801 1801 HOH HOH A . 
F 3 HOH 1  1610 1610 HOH HOH B . 
F 3 HOH 2  1611 1611 HOH HOH B . 
F 3 HOH 3  1615 1615 HOH HOH B . 
F 3 HOH 4  1616 1616 HOH HOH B . 
F 3 HOH 5  1619 1619 HOH HOH B . 
F 3 HOH 6  1621 1621 HOH HOH B . 
F 3 HOH 7  1622 1622 HOH HOH B . 
F 3 HOH 8  1623 1623 HOH HOH B . 
F 3 HOH 9  1626 1626 HOH HOH B . 
F 3 HOH 10 1627 1627 HOH HOH B . 
F 3 HOH 11 1631 1631 HOH HOH B . 
F 3 HOH 12 1634 1634 HOH HOH B . 
F 3 HOH 13 1636 1636 HOH HOH B . 
F 3 HOH 14 1638 1638 HOH HOH B . 
F 3 HOH 15 1641 1641 HOH HOH B . 
F 3 HOH 16 1648 1648 HOH HOH B . 
F 3 HOH 17 1649 1649 HOH HOH B . 
F 3 HOH 18 1655 1655 HOH HOH B . 
F 3 HOH 19 1657 1657 HOH HOH B . 
F 3 HOH 20 1658 1658 HOH HOH B . 
F 3 HOH 21 1659 1659 HOH HOH B . 
F 3 HOH 22 1662 1662 HOH HOH B . 
F 3 HOH 23 1663 1663 HOH HOH B . 
F 3 HOH 24 1666 1666 HOH HOH B . 
F 3 HOH 25 1671 1671 HOH HOH B . 
F 3 HOH 26 1673 1673 HOH HOH B . 
F 3 HOH 27 1674 1674 HOH HOH B . 
F 3 HOH 28 1675 1675 HOH HOH B . 
F 3 HOH 29 1679 1679 HOH HOH B . 
F 3 HOH 30 1682 1682 HOH HOH B . 
F 3 HOH 31 1685 1685 HOH HOH B . 
F 3 HOH 32 1686 1686 HOH HOH B . 
F 3 HOH 33 1689 1689 HOH HOH B . 
F 3 HOH 34 1690 1690 HOH HOH B . 
F 3 HOH 35 1691 1691 HOH HOH B . 
F 3 HOH 36 1696 1696 HOH HOH B . 
F 3 HOH 37 1700 1700 HOH HOH B . 
F 3 HOH 38 1702 1702 HOH HOH B . 
F 3 HOH 39 1703 1703 HOH HOH B . 
F 3 HOH 40 1802 1802 HOH HOH B . 
# 
loop_
_software.name 
_software.classification 
_software.version 
_software.citation_id 
_software.pdbx_ordinal 
HKL-2000 'data collection' .        ? 1 
MOLREP   phasing           .        ? 2 
REFMAC   refinement        5.5.0072 ? 3 
HKL-2000 'data reduction'  .        ? 4 
HKL-2000 'data scaling'    .        ? 5 
# 
_cell.entry_id           3AB5 
_cell.length_a           36.586 
_cell.length_b           54.922 
_cell.length_c           42.935 
_cell.angle_alpha        90.00 
_cell.angle_beta         96.32 
_cell.angle_gamma        90.00 
_cell.Z_PDB              4 
_cell.pdbx_unique_axis   ? 
_cell.length_a_esd       ? 
_cell.length_b_esd       ? 
_cell.length_c_esd       ? 
_cell.angle_alpha_esd    ? 
_cell.angle_beta_esd     ? 
_cell.angle_gamma_esd    ? 
# 
_symmetry.entry_id                         3AB5 
_symmetry.space_group_name_H-M             'P 1 21 1' 
_symmetry.pdbx_full_space_group_name_H-M   ? 
_symmetry.cell_setting                     ? 
_symmetry.Int_Tables_number                4 
_symmetry.space_group_name_Hall            ? 
# 
_exptl.entry_id          3AB5 
_exptl.method            'X-RAY DIFFRACTION' 
_exptl.crystals_number   1 
# 
_exptl_crystal.id                    1 
_exptl_crystal.density_meas          ? 
_exptl_crystal.density_Matthews      2.03 
_exptl_crystal.density_percent_sol   39.29 
_exptl_crystal.description           ? 
# 
_exptl_crystal_grow.crystal_id      1 
_exptl_crystal_grow.method          MICRODIALYSIS 
_exptl_crystal_grow.temp            ? 
_exptl_crystal_grow.temp_details    ? 
_exptl_crystal_grow.pH              ? 
_exptl_crystal_grow.pdbx_details    MICRODIALYSIS 
_exptl_crystal_grow.pdbx_pH_range   . 
# 
loop_
_diffrn.id 
_diffrn.ambient_temp 
_diffrn.ambient_temp_details 
_diffrn.crystal_id 
1 100 ? 1 
2 ?   ? 1 
# 
_diffrn_detector.diffrn_id              1 
_diffrn_detector.detector               'IMAGE PLATE' 
_diffrn_detector.type                   'MAC Science DIP-2030' 
_diffrn_detector.pdbx_collection_date   2009-10-17 
_diffrn_detector.details                ? 
# 
_diffrn_radiation.diffrn_id                        1 
_diffrn_radiation.wavelength_id                    1 
_diffrn_radiation.pdbx_monochromatic_or_laue_m_l   M 
_diffrn_radiation.monochromator                    ? 
_diffrn_radiation.pdbx_diffrn_protocol             'SINGLE WAVELENGTH' 
_diffrn_radiation.pdbx_scattering_type             x-ray 
# 
loop_
_diffrn_radiation_wavelength.id 
_diffrn_radiation_wavelength.wavelength 
_diffrn_radiation_wavelength.wt 
1 0.9    1.0 
2 1.5418 1.0 
# 
loop_
_diffrn_source.diffrn_id 
_diffrn_source.source 
_diffrn_source.type 
_diffrn_source.pdbx_synchrotron_site 
_diffrn_source.pdbx_synchrotron_beamline 
_diffrn_source.pdbx_wavelength 
_diffrn_source.pdbx_wavelength_list 
1 SYNCHROTRON      'SPRING-8 BEAMLINE BL44XU' SPring-8 BL44XU ? 0.9    
2 'ROTATING ANODE' 'RIGAKU MICROMAX-002'      ?        ?      ? 1.5418 
# 
_reflns.entry_id                     3AB5 
_reflns.observed_criterion_sigma_I   ? 
_reflns.observed_criterion_sigma_F   ? 
_reflns.d_resolution_low             36.36 
_reflns.d_resolution_high            1.18 
_reflns.number_obs                   50687 
_reflns.number_all                   ? 
_reflns.percent_possible_obs         ? 
_reflns.pdbx_Rmerge_I_obs            ? 
_reflns.pdbx_Rsym_value              ? 
_reflns.B_iso_Wilson_estimate        ? 
_reflns.pdbx_redundancy              ? 
_reflns.pdbx_netI_over_sigmaI        ? 
_reflns.R_free_details               ? 
_reflns.limit_h_max                  ? 
_reflns.limit_h_min                  ? 
_reflns.limit_k_max                  ? 
_reflns.limit_k_min                  ? 
_reflns.limit_l_max                  ? 
_reflns.limit_l_min                  ? 
_reflns.observed_criterion_F_max     ? 
_reflns.observed_criterion_F_min     ? 
_reflns.pdbx_chi_squared             ? 
_reflns.pdbx_scaling_rejects         ? 
_reflns.pdbx_diffrn_id               1 
_reflns.pdbx_ordinal                 1 
# 
_refine.entry_id                                 3AB5 
_refine.ls_number_reflns_obs                     50687 
_refine.ls_number_reflns_all                     ? 
_refine.pdbx_ls_sigma_I                          ? 
_refine.pdbx_ls_sigma_F                          ? 
_refine.pdbx_data_cutoff_high_absF               ? 
_refine.pdbx_data_cutoff_low_absF                ? 
_refine.pdbx_data_cutoff_high_rms_absF           ? 
_refine.ls_d_res_low                             36.36 
_refine.ls_d_res_high                            1.18 
_refine.ls_percent_reflns_obs                    96.45 
_refine.ls_R_factor_obs                          0.17743 
_refine.ls_R_factor_all                          ? 
_refine.ls_R_factor_R_work                       0.17643 
_refine.ls_R_factor_R_free                       0.19575 
_refine.ls_R_factor_R_free_error                 ? 
_refine.ls_R_factor_R_free_error_details         ? 
_refine.ls_percent_reflns_R_free                 5.1 
_refine.ls_number_reflns_R_free                  2713 
_refine.ls_number_parameters                     ? 
_refine.ls_number_restraints                     ? 
_refine.occupancy_min                            ? 
_refine.occupancy_max                            ? 
_refine.correlation_coeff_Fo_to_Fc               0.961 
_refine.correlation_coeff_Fo_to_Fc_free          0.954 
_refine.B_iso_mean                               11.270 
_refine.aniso_B[1][1]                            0.00 
_refine.aniso_B[2][2]                            0.00 
_refine.aniso_B[3][3]                            0.00 
_refine.aniso_B[1][2]                            0.00 
_refine.aniso_B[1][3]                            0.00 
_refine.aniso_B[2][3]                            0.00 
_refine.solvent_model_details                    MASK 
_refine.solvent_model_param_ksol                 ? 
_refine.solvent_model_param_bsol                 ? 
_refine.pdbx_solvent_vdw_probe_radii             1.40 
_refine.pdbx_solvent_ion_probe_radii             0.80 
_refine.pdbx_solvent_shrinkage_radii             0.80 
_refine.pdbx_ls_cross_valid_method               THROUGHOUT 
_refine.details                                  'HYDROGENS HAVE BEEN ADDED IN THE RIDING POSITIONS' 
_refine.pdbx_starting_model                      ? 
_refine.pdbx_method_to_determine_struct          'MOLECULAR REPLACEMENT' 
_refine.pdbx_isotropic_thermal_model             ? 
_refine.pdbx_stereochemistry_target_values       'MAXIMUM LIKELIHOOD' 
_refine.pdbx_stereochem_target_val_spec_case     ? 
_refine.pdbx_R_Free_selection_details            RANDOM 
_refine.pdbx_overall_ESU_R                       0.041 
_refine.pdbx_overall_ESU_R_Free                  0.042 
_refine.overall_SU_ML                            0.025 
_refine.overall_SU_B                             0.524 
_refine.ls_redundancy_reflns_obs                 ? 
_refine.B_iso_min                                ? 
_refine.B_iso_max                                ? 
_refine.overall_SU_R_Cruickshank_DPI             ? 
_refine.overall_SU_R_free                        ? 
_refine.ls_wR_factor_R_free                      ? 
_refine.ls_wR_factor_R_work                      ? 
_refine.overall_FOM_free_R_set                   ? 
_refine.overall_FOM_work_R_set                   ? 
_refine.pdbx_refine_id                           'X-RAY DIFFRACTION' 
_refine.pdbx_diffrn_id                           1 
_refine.pdbx_TLS_residual_ADP_flag               ? 
_refine.pdbx_overall_phase_error                 ? 
_refine.pdbx_overall_SU_R_free_Cruickshank_DPI   ? 
_refine.pdbx_overall_SU_R_Blow_DPI               ? 
_refine.pdbx_overall_SU_R_free_Blow_DPI          ? 
# 
_refine_hist.pdbx_refine_id                   'X-RAY DIFFRACTION' 
_refine_hist.cycle_id                         LAST 
_refine_hist.pdbx_number_atoms_protein        1472 
_refine_hist.pdbx_number_atoms_nucleic_acid   0 
_refine_hist.pdbx_number_atoms_ligand         8 
_refine_hist.number_atoms_solvent             100 
_refine_hist.number_atoms_total               1580 
_refine_hist.d_res_high                       1.18 
_refine_hist.d_res_low                        36.36 
# 
loop_
_refine_ls_restr.type 
_refine_ls_restr.dev_ideal 
_refine_ls_restr.dev_ideal_target 
_refine_ls_restr.weight 
_refine_ls_restr.number 
_refine_ls_restr.pdbx_refine_id 
_refine_ls_restr.pdbx_restraint_function 
r_bond_refined_d       0.032  0.022  ? 1498 'X-RAY DIFFRACTION' ? 
r_angle_refined_deg    2.550  1.970  ? 2024 'X-RAY DIFFRACTION' ? 
r_dihedral_angle_1_deg 6.416  5.000  ? 192  'X-RAY DIFFRACTION' ? 
r_dihedral_angle_2_deg 38.029 27.143 ? 70   'X-RAY DIFFRACTION' ? 
r_dihedral_angle_3_deg 12.133 15.000 ? 258  'X-RAY DIFFRACTION' ? 
r_dihedral_angle_4_deg 20.373 15.000 ? 2    'X-RAY DIFFRACTION' ? 
r_chiral_restr         0.142  0.200  ? 232  'X-RAY DIFFRACTION' ? 
r_gen_planes_refined   0.014  0.020  ? 1122 'X-RAY DIFFRACTION' ? 
r_mcbond_it            1.478  1.500  ? 958  'X-RAY DIFFRACTION' ? 
r_mcangle_it           2.455  2.000  ? 1538 'X-RAY DIFFRACTION' ? 
r_scbond_it            3.586  3.000  ? 540  'X-RAY DIFFRACTION' ? 
r_scangle_it           5.937  4.500  ? 482  'X-RAY DIFFRACTION' ? 
# 
_refine_ls_shell.pdbx_total_number_of_bins_used   20 
_refine_ls_shell.d_res_high                       1.181 
_refine_ls_shell.d_res_low                        1.212 
_refine_ls_shell.number_reflns_R_work             3172 
_refine_ls_shell.R_factor_R_work                  0.221 
_refine_ls_shell.percent_reflns_obs               82.63 
_refine_ls_shell.R_factor_R_free                  0.264 
_refine_ls_shell.R_factor_R_free_error            ? 
_refine_ls_shell.percent_reflns_R_free            ? 
_refine_ls_shell.number_reflns_R_free             195 
_refine_ls_shell.number_reflns_all                ? 
_refine_ls_shell.R_factor_all                     ? 
_refine_ls_shell.number_reflns_obs                ? 
_refine_ls_shell.redundancy_reflns_obs            ? 
_refine_ls_shell.pdbx_refine_id                   'X-RAY DIFFRACTION' 
# 
_struct.entry_id                  3AB5 
_struct.title                     'Crystal structure of the 2Fe 2S Ferredoxin from Cyanidioschyzon merolae' 
_struct.pdbx_model_details        ? 
_struct.pdbx_CASP_flag            N 
_struct.pdbx_model_type_details   ? 
# 
_struct_keywords.entry_id        3AB5 
_struct_keywords.pdbx_keywords   'ELECTRON TRANSPORT' 
_struct_keywords.text            'Iron sulfur cluster, Chloroplast, Iron, Iron-sulfur, Metal-binding, ELECTRON TRANSPORT' 
# 
loop_
_struct_asym.id 
_struct_asym.pdbx_blank_PDB_chainid_flag 
_struct_asym.pdbx_modified 
_struct_asym.entity_id 
_struct_asym.details 
A N N 1 ? 
B N N 1 ? 
C N N 2 ? 
D N N 2 ? 
E N N 3 ? 
F N N 3 ? 
# 
_struct_ref.id                         1 
_struct_ref.db_name                    UNP 
_struct_ref.db_code                    Q85FT5_CYAME 
_struct_ref.pdbx_db_accession          Q85FT5 
_struct_ref.entity_id                  1 
_struct_ref.pdbx_seq_one_letter_code   
;MYKIQLVNQKEGIDVTIQCAGDQYILDAAEEQGVDLPYSCRAGACSTCAGKLVKGSVDQSDQSFLDEDQISKGFILTCVA
YPTSDCVIQTHQEEALY
;
_struct_ref.pdbx_align_begin           1 
_struct_ref.pdbx_db_isoform            ? 
# 
loop_
_struct_ref_seq.align_id 
_struct_ref_seq.ref_id 
_struct_ref_seq.pdbx_PDB_id_code 
_struct_ref_seq.pdbx_strand_id 
_struct_ref_seq.seq_align_beg 
_struct_ref_seq.pdbx_seq_align_beg_ins_code 
_struct_ref_seq.seq_align_end 
_struct_ref_seq.pdbx_seq_align_end_ins_code 
_struct_ref_seq.pdbx_db_accession 
_struct_ref_seq.db_align_beg 
_struct_ref_seq.pdbx_db_align_beg_ins_code 
_struct_ref_seq.db_align_end 
_struct_ref_seq.pdbx_db_align_end_ins_code 
_struct_ref_seq.pdbx_auth_seq_align_beg 
_struct_ref_seq.pdbx_auth_seq_align_end 
1 1 3AB5 A 1 ? 97 ? Q85FT5 1 ? 97 ? 1 97 
2 1 3AB5 B 1 ? 97 ? Q85FT5 1 ? 97 ? 1 97 
# 
loop_
_pdbx_struct_assembly.id 
_pdbx_struct_assembly.details 
_pdbx_struct_assembly.method_details 
_pdbx_struct_assembly.oligomeric_details 
_pdbx_struct_assembly.oligomeric_count 
1 author_and_software_defined_assembly PISA monomeric 1 
2 author_and_software_defined_assembly PISA monomeric 1 
# 
loop_
_pdbx_struct_assembly_gen.assembly_id 
_pdbx_struct_assembly_gen.oper_expression 
_pdbx_struct_assembly_gen.asym_id_list 
1 1 A,C,E 
2 1 B,D,F 
# 
_pdbx_struct_oper_list.id                   1 
_pdbx_struct_oper_list.type                 'identity operation' 
_pdbx_struct_oper_list.name                 1_555 
_pdbx_struct_oper_list.symmetry_operation   x,y,z 
_pdbx_struct_oper_list.matrix[1][1]         1.0000000000 
_pdbx_struct_oper_list.matrix[1][2]         0.0000000000 
_pdbx_struct_oper_list.matrix[1][3]         0.0000000000 
_pdbx_struct_oper_list.vector[1]            0.0000000000 
_pdbx_struct_oper_list.matrix[2][1]         0.0000000000 
_pdbx_struct_oper_list.matrix[2][2]         1.0000000000 
_pdbx_struct_oper_list.matrix[2][3]         0.0000000000 
_pdbx_struct_oper_list.vector[2]            0.0000000000 
_pdbx_struct_oper_list.matrix[3][1]         0.0000000000 
_pdbx_struct_oper_list.matrix[3][2]         0.0000000000 
_pdbx_struct_oper_list.matrix[3][3]         1.0000000000 
_pdbx_struct_oper_list.vector[3]            0.0000000000 
# 
_struct_biol.id        1 
_struct_biol.details   ? 
# 
loop_
_struct_conf.conf_type_id 
_struct_conf.id 
_struct_conf.pdbx_PDB_helix_id 
_struct_conf.beg_label_comp_id 
_struct_conf.beg_label_asym_id 
_struct_conf.beg_label_seq_id 
_struct_conf.pdbx_beg_PDB_ins_code 
_struct_conf.end_label_comp_id 
_struct_conf.end_label_asym_id 
_struct_conf.end_label_seq_id 
_struct_conf.pdbx_end_PDB_ins_code 
_struct_conf.beg_auth_comp_id 
_struct_conf.beg_auth_asym_id 
_struct_conf.beg_auth_seq_id 
_struct_conf.end_auth_comp_id 
_struct_conf.end_auth_asym_id 
_struct_conf.end_auth_seq_id 
_struct_conf.pdbx_PDB_helix_class 
_struct_conf.details 
_struct_conf.pdbx_PDB_helix_length 
HELX_P HELX_P1 1 TYR A 24 ? GLN A 32 ? TYR A 24 GLN A 32 1 ? 9 
HELX_P HELX_P2 2 ASP A 66 ? LYS A 72 ? ASP A 66 LYS A 72 1 ? 7 
HELX_P HELX_P3 3 CYS A 78 ? ALA A 80 ? CYS A 78 ALA A 80 5 ? 3 
HELX_P HELX_P4 4 GLN A 92 ? TYR A 97 ? GLN A 92 TYR A 97 5 ? 6 
HELX_P HELX_P5 5 TYR B 24 ? GLN B 32 ? TYR B 24 GLN B 32 1 ? 9 
HELX_P HELX_P6 6 ASP B 66 ? LYS B 72 ? ASP B 66 LYS B 72 1 ? 7 
HELX_P HELX_P7 7 CYS B 78 ? ALA B 80 ? CYS B 78 ALA B 80 5 ? 3 
HELX_P HELX_P8 8 GLN B 92 ? TYR B 97 ? GLN B 92 TYR B 97 5 ? 6 
# 
_struct_conf_type.id          HELX_P 
_struct_conf_type.criteria    ? 
_struct_conf_type.reference   ? 
# 
loop_
_struct_conn.id 
_struct_conn.conn_type_id 
_struct_conn.pdbx_leaving_atom_flag 
_struct_conn.pdbx_PDB_id 
_struct_conn.ptnr1_label_asym_id 
_struct_conn.ptnr1_label_comp_id 
_struct_conn.ptnr1_label_seq_id 
_struct_conn.ptnr1_label_atom_id 
_struct_conn.pdbx_ptnr1_label_alt_id 
_struct_conn.pdbx_ptnr1_PDB_ins_code 
_struct_conn.pdbx_ptnr1_standard_comp_id 
_struct_conn.ptnr1_symmetry 
_struct_conn.ptnr2_label_asym_id 
_struct_conn.ptnr2_label_comp_id 
_struct_conn.ptnr2_label_seq_id 
_struct_conn.ptnr2_label_atom_id 
_struct_conn.pdbx_ptnr2_label_alt_id 
_struct_conn.pdbx_ptnr2_PDB_ins_code 
_struct_conn.ptnr1_auth_asym_id 
_struct_conn.ptnr1_auth_comp_id 
_struct_conn.ptnr1_auth_seq_id 
_struct_conn.ptnr2_auth_asym_id 
_struct_conn.ptnr2_auth_comp_id 
_struct_conn.ptnr2_auth_seq_id 
_struct_conn.ptnr2_symmetry 
_struct_conn.pdbx_ptnr3_label_atom_id 
_struct_conn.pdbx_ptnr3_label_seq_id 
_struct_conn.pdbx_ptnr3_label_comp_id 
_struct_conn.pdbx_ptnr3_label_asym_id 
_struct_conn.pdbx_ptnr3_label_alt_id 
_struct_conn.pdbx_ptnr3_PDB_ins_code 
_struct_conn.details 
_struct_conn.pdbx_dist_value 
_struct_conn.pdbx_value_order 
_struct_conn.pdbx_role 
metalc1 metalc ? ? A CYS 40 SG ? ? ? 1_555 C FES . FE1 ? ? A CYS 40 A FES 100 1_555 ? ? ? ? ? ? ? 2.339 ? ? 
metalc2 metalc ? ? A CYS 45 SG ? ? ? 1_555 C FES . FE1 ? ? A CYS 45 A FES 100 1_555 ? ? ? ? ? ? ? 2.298 ? ? 
metalc3 metalc ? ? A CYS 48 SG ? ? ? 1_555 C FES . FE2 ? ? A CYS 48 A FES 100 1_555 ? ? ? ? ? ? ? 2.302 ? ? 
metalc4 metalc ? ? A CYS 78 SG ? ? ? 1_555 C FES . FE2 ? ? A CYS 78 A FES 100 1_555 ? ? ? ? ? ? ? 2.304 ? ? 
metalc5 metalc ? ? B CYS 40 SG ? ? ? 1_555 D FES . FE1 ? ? B CYS 40 B FES 100 1_555 ? ? ? ? ? ? ? 2.338 ? ? 
metalc6 metalc ? ? B CYS 45 SG ? ? ? 1_555 D FES . FE1 ? ? B CYS 45 B FES 100 1_555 ? ? ? ? ? ? ? 2.268 ? ? 
metalc7 metalc ? ? B CYS 48 SG ? ? ? 1_555 D FES . FE2 ? ? B CYS 48 B FES 100 1_555 ? ? ? ? ? ? ? 2.286 ? ? 
metalc8 metalc ? ? B CYS 78 SG ? ? ? 1_555 D FES . FE2 ? ? B CYS 78 B FES 100 1_555 ? ? ? ? ? ? ? 2.311 ? ? 
# 
_struct_conn_type.id          metalc 
_struct_conn_type.criteria    ? 
_struct_conn_type.reference   ? 
# 
loop_
_pdbx_struct_conn_angle.id 
_pdbx_struct_conn_angle.ptnr1_label_atom_id 
_pdbx_struct_conn_angle.ptnr1_label_alt_id 
_pdbx_struct_conn_angle.ptnr1_label_asym_id 
_pdbx_struct_conn_angle.ptnr1_label_comp_id 
_pdbx_struct_conn_angle.ptnr1_label_seq_id 
_pdbx_struct_conn_angle.ptnr1_auth_atom_id 
_pdbx_struct_conn_angle.ptnr1_auth_asym_id 
_pdbx_struct_conn_angle.ptnr1_auth_comp_id 
_pdbx_struct_conn_angle.ptnr1_auth_seq_id 
_pdbx_struct_conn_angle.ptnr1_PDB_ins_code 
_pdbx_struct_conn_angle.ptnr1_symmetry 
_pdbx_struct_conn_angle.ptnr2_label_atom_id 
_pdbx_struct_conn_angle.ptnr2_label_alt_id 
_pdbx_struct_conn_angle.ptnr2_label_asym_id 
_pdbx_struct_conn_angle.ptnr2_label_comp_id 
_pdbx_struct_conn_angle.ptnr2_label_seq_id 
_pdbx_struct_conn_angle.ptnr2_auth_atom_id 
_pdbx_struct_conn_angle.ptnr2_auth_asym_id 
_pdbx_struct_conn_angle.ptnr2_auth_comp_id 
_pdbx_struct_conn_angle.ptnr2_auth_seq_id 
_pdbx_struct_conn_angle.ptnr2_PDB_ins_code 
_pdbx_struct_conn_angle.ptnr2_symmetry 
_pdbx_struct_conn_angle.ptnr3_label_atom_id 
_pdbx_struct_conn_angle.ptnr3_label_alt_id 
_pdbx_struct_conn_angle.ptnr3_label_asym_id 
_pdbx_struct_conn_angle.ptnr3_label_comp_id 
_pdbx_struct_conn_angle.ptnr3_label_seq_id 
_pdbx_struct_conn_angle.ptnr3_auth_atom_id 
_pdbx_struct_conn_angle.ptnr3_auth_asym_id 
_pdbx_struct_conn_angle.ptnr3_auth_comp_id 
_pdbx_struct_conn_angle.ptnr3_auth_seq_id 
_pdbx_struct_conn_angle.ptnr3_PDB_ins_code 
_pdbx_struct_conn_angle.ptnr3_symmetry 
_pdbx_struct_conn_angle.value 
_pdbx_struct_conn_angle.value_esd 
1  SG ? A CYS 40 ? A CYS 40  ? 1_555 FE1 ? C FES . ? A FES 100 ? 1_555 S1 ? C FES .  ? A FES 100 ? 1_555 117.8 ? 
2  SG ? A CYS 40 ? A CYS 40  ? 1_555 FE1 ? C FES . ? A FES 100 ? 1_555 S2 ? C FES .  ? A FES 100 ? 1_555 102.1 ? 
3  S1 ? C FES .  ? A FES 100 ? 1_555 FE1 ? C FES . ? A FES 100 ? 1_555 S2 ? C FES .  ? A FES 100 ? 1_555 101.8 ? 
4  SG ? A CYS 40 ? A CYS 40  ? 1_555 FE1 ? C FES . ? A FES 100 ? 1_555 SG ? A CYS 45 ? A CYS 45  ? 1_555 107.8 ? 
5  S1 ? C FES .  ? A FES 100 ? 1_555 FE1 ? C FES . ? A FES 100 ? 1_555 SG ? A CYS 45 ? A CYS 45  ? 1_555 110.4 ? 
6  S2 ? C FES .  ? A FES 100 ? 1_555 FE1 ? C FES . ? A FES 100 ? 1_555 SG ? A CYS 45 ? A CYS 45  ? 1_555 117.2 ? 
7  SG ? A CYS 48 ? A CYS 48  ? 1_555 FE2 ? C FES . ? A FES 100 ? 1_555 S1 ? C FES .  ? A FES 100 ? 1_555 112.3 ? 
8  SG ? A CYS 48 ? A CYS 48  ? 1_555 FE2 ? C FES . ? A FES 100 ? 1_555 S2 ? C FES .  ? A FES 100 ? 1_555 111.6 ? 
9  S1 ? C FES .  ? A FES 100 ? 1_555 FE2 ? C FES . ? A FES 100 ? 1_555 S2 ? C FES .  ? A FES 100 ? 1_555 104.6 ? 
10 SG ? A CYS 48 ? A CYS 48  ? 1_555 FE2 ? C FES . ? A FES 100 ? 1_555 SG ? A CYS 78 ? A CYS 78  ? 1_555 105.6 ? 
11 S1 ? C FES .  ? A FES 100 ? 1_555 FE2 ? C FES . ? A FES 100 ? 1_555 SG ? A CYS 78 ? A CYS 78  ? 1_555 118.7 ? 
12 S2 ? C FES .  ? A FES 100 ? 1_555 FE2 ? C FES . ? A FES 100 ? 1_555 SG ? A CYS 78 ? A CYS 78  ? 1_555 103.7 ? 
13 SG ? B CYS 40 ? B CYS 40  ? 1_555 FE1 ? D FES . ? B FES 100 ? 1_555 S1 ? D FES .  ? B FES 100 ? 1_555 119.1 ? 
14 SG ? B CYS 40 ? B CYS 40  ? 1_555 FE1 ? D FES . ? B FES 100 ? 1_555 S2 ? D FES .  ? B FES 100 ? 1_555 102.0 ? 
15 S1 ? D FES .  ? B FES 100 ? 1_555 FE1 ? D FES . ? B FES 100 ? 1_555 S2 ? D FES .  ? B FES 100 ? 1_555 102.6 ? 
16 SG ? B CYS 40 ? B CYS 40  ? 1_555 FE1 ? D FES . ? B FES 100 ? 1_555 SG ? B CYS 45 ? B CYS 45  ? 1_555 105.1 ? 
17 S1 ? D FES .  ? B FES 100 ? 1_555 FE1 ? D FES . ? B FES 100 ? 1_555 SG ? B CYS 45 ? B CYS 45  ? 1_555 108.9 ? 
18 S2 ? D FES .  ? B FES 100 ? 1_555 FE1 ? D FES . ? B FES 100 ? 1_555 SG ? B CYS 45 ? B CYS 45  ? 1_555 119.9 ? 
19 SG ? B CYS 48 ? B CYS 48  ? 1_555 FE2 ? D FES . ? B FES 100 ? 1_555 S1 ? D FES .  ? B FES 100 ? 1_555 111.0 ? 
20 SG ? B CYS 48 ? B CYS 48  ? 1_555 FE2 ? D FES . ? B FES 100 ? 1_555 S2 ? D FES .  ? B FES 100 ? 1_555 111.6 ? 
21 S1 ? D FES .  ? B FES 100 ? 1_555 FE2 ? D FES . ? B FES 100 ? 1_555 S2 ? D FES .  ? B FES 100 ? 1_555 104.5 ? 
22 SG ? B CYS 48 ? B CYS 48  ? 1_555 FE2 ? D FES . ? B FES 100 ? 1_555 SG ? B CYS 78 ? B CYS 78  ? 1_555 106.8 ? 
23 S1 ? D FES .  ? B FES 100 ? 1_555 FE2 ? D FES . ? B FES 100 ? 1_555 SG ? B CYS 78 ? B CYS 78  ? 1_555 119.6 ? 
24 S2 ? D FES .  ? B FES 100 ? 1_555 FE2 ? D FES . ? B FES 100 ? 1_555 SG ? B CYS 78 ? B CYS 78  ? 1_555 103.1 ? 
# 
loop_
_struct_sheet.id 
_struct_sheet.type 
_struct_sheet.number_strands 
_struct_sheet.details 
A ? 5 ? 
B ? 2 ? 
C ? 5 ? 
D ? 2 ? 
# 
loop_
_struct_sheet_order.sheet_id 
_struct_sheet_order.range_id_1 
_struct_sheet_order.range_id_2 
_struct_sheet_order.offset 
_struct_sheet_order.sense 
A 1 2 ? anti-parallel 
A 2 3 ? parallel      
A 3 4 ? anti-parallel 
A 4 5 ? anti-parallel 
B 1 2 ? anti-parallel 
C 1 2 ? anti-parallel 
C 2 3 ? parallel      
C 3 4 ? anti-parallel 
C 4 5 ? anti-parallel 
D 1 2 ? anti-parallel 
# 
loop_
_struct_sheet_range.sheet_id 
_struct_sheet_range.id 
_struct_sheet_range.beg_label_comp_id 
_struct_sheet_range.beg_label_asym_id 
_struct_sheet_range.beg_label_seq_id 
_struct_sheet_range.pdbx_beg_PDB_ins_code 
_struct_sheet_range.end_label_comp_id 
_struct_sheet_range.end_label_asym_id 
_struct_sheet_range.end_label_seq_id 
_struct_sheet_range.pdbx_end_PDB_ins_code 
_struct_sheet_range.beg_auth_comp_id 
_struct_sheet_range.beg_auth_asym_id 
_struct_sheet_range.beg_auth_seq_id 
_struct_sheet_range.end_auth_comp_id 
_struct_sheet_range.end_auth_asym_id 
_struct_sheet_range.end_auth_seq_id 
A 1 ILE A 13 ? CYS A 19 ? ILE A 13 CYS A 19 
A 2 TYR A 2  ? ASN A 8  ? TYR A 2  ASN A 8  
A 3 CYS A 86 ? GLN A 89 ? CYS A 86 GLN A 89 
A 4 ALA A 49 ? LYS A 54 ? ALA A 49 LYS A 54 
A 5 PHE A 74 ? LEU A 76 ? PHE A 74 LEU A 76 
B 1 VAL A 57 ? ASP A 58 ? VAL A 57 ASP A 58 
B 2 TYR A 81 ? PRO A 82 ? TYR A 81 PRO A 82 
C 1 ILE B 13 ? CYS B 19 ? ILE B 13 CYS B 19 
C 2 TYR B 2  ? ASN B 8  ? TYR B 2  ASN B 8  
C 3 CYS B 86 ? GLN B 89 ? CYS B 86 GLN B 89 
C 4 ALA B 49 ? LYS B 54 ? ALA B 49 LYS B 54 
C 5 PHE B 74 ? LEU B 76 ? PHE B 74 LEU B 76 
D 1 VAL B 57 ? ASP B 58 ? VAL B 57 ASP B 58 
D 2 TYR B 81 ? PRO B 82 ? TYR B 81 PRO B 82 
# 
loop_
_pdbx_struct_sheet_hbond.sheet_id 
_pdbx_struct_sheet_hbond.range_id_1 
_pdbx_struct_sheet_hbond.range_id_2 
_pdbx_struct_sheet_hbond.range_1_label_atom_id 
_pdbx_struct_sheet_hbond.range_1_label_comp_id 
_pdbx_struct_sheet_hbond.range_1_label_asym_id 
_pdbx_struct_sheet_hbond.range_1_label_seq_id 
_pdbx_struct_sheet_hbond.range_1_PDB_ins_code 
_pdbx_struct_sheet_hbond.range_1_auth_atom_id 
_pdbx_struct_sheet_hbond.range_1_auth_comp_id 
_pdbx_struct_sheet_hbond.range_1_auth_asym_id 
_pdbx_struct_sheet_hbond.range_1_auth_seq_id 
_pdbx_struct_sheet_hbond.range_2_label_atom_id 
_pdbx_struct_sheet_hbond.range_2_label_comp_id 
_pdbx_struct_sheet_hbond.range_2_label_asym_id 
_pdbx_struct_sheet_hbond.range_2_label_seq_id 
_pdbx_struct_sheet_hbond.range_2_PDB_ins_code 
_pdbx_struct_sheet_hbond.range_2_auth_atom_id 
_pdbx_struct_sheet_hbond.range_2_auth_comp_id 
_pdbx_struct_sheet_hbond.range_2_auth_asym_id 
_pdbx_struct_sheet_hbond.range_2_auth_seq_id 
A 1 2 O VAL A 15 ? O VAL A 15 N LEU A 6  ? N LEU A 6  
A 2 3 N GLN A 5  ? N GLN A 5  O ILE A 88 ? O ILE A 88 
A 3 4 O VAL A 87 ? O VAL A 87 N VAL A 53 ? N VAL A 53 
A 4 5 N GLY A 50 ? N GLY A 50 O ILE A 75 ? O ILE A 75 
B 1 2 N ASP A 58 ? N ASP A 58 O TYR A 81 ? O TYR A 81 
C 1 2 O VAL B 15 ? O VAL B 15 N LEU B 6  ? N LEU B 6  
C 2 3 N GLN B 5  ? N GLN B 5  O ILE B 88 ? O ILE B 88 
C 3 4 O VAL B 87 ? O VAL B 87 N VAL B 53 ? N VAL B 53 
C 4 5 N GLY B 50 ? N GLY B 50 O ILE B 75 ? O ILE B 75 
D 1 2 N ASP B 58 ? N ASP B 58 O TYR B 81 ? O TYR B 81 
# 
loop_
_struct_site.id 
_struct_site.pdbx_evidence_code 
_struct_site.pdbx_auth_asym_id 
_struct_site.pdbx_auth_comp_id 
_struct_site.pdbx_auth_seq_id 
_struct_site.pdbx_auth_ins_code 
_struct_site.pdbx_num_residues 
_struct_site.details 
AC1 Software A FES 100 ? 8 'BINDING SITE FOR RESIDUE FES A 100' 
AC2 Software B FES 100 ? 8 'BINDING SITE FOR RESIDUE FES B 100' 
# 
loop_
_struct_site_gen.id 
_struct_site_gen.site_id 
_struct_site_gen.pdbx_num_res 
_struct_site_gen.label_comp_id 
_struct_site_gen.label_asym_id 
_struct_site_gen.label_seq_id 
_struct_site_gen.pdbx_auth_ins_code 
_struct_site_gen.auth_comp_id 
_struct_site_gen.auth_asym_id 
_struct_site_gen.auth_seq_id 
_struct_site_gen.label_atom_id 
_struct_site_gen.label_alt_id 
_struct_site_gen.symmetry 
_struct_site_gen.details 
1  AC1 8 SER A 39 ? SER A 39 . ? 1_555 ? 
2  AC1 8 CYS A 40 ? CYS A 40 . ? 1_555 ? 
3  AC1 8 ARG A 41 ? ARG A 41 . ? 1_555 ? 
4  AC1 8 GLY A 43 ? GLY A 43 . ? 1_555 ? 
5  AC1 8 ALA A 44 ? ALA A 44 . ? 1_555 ? 
6  AC1 8 CYS A 45 ? CYS A 45 . ? 1_555 ? 
7  AC1 8 CYS A 48 ? CYS A 48 . ? 1_555 ? 
8  AC1 8 CYS A 78 ? CYS A 78 . ? 1_555 ? 
9  AC2 8 SER B 39 ? SER B 39 . ? 1_555 ? 
10 AC2 8 CYS B 40 ? CYS B 40 . ? 1_555 ? 
11 AC2 8 ARG B 41 ? ARG B 41 . ? 1_555 ? 
12 AC2 8 GLY B 43 ? GLY B 43 . ? 1_555 ? 
13 AC2 8 ALA B 44 ? ALA B 44 . ? 1_555 ? 
14 AC2 8 CYS B 45 ? CYS B 45 . ? 1_555 ? 
15 AC2 8 CYS B 48 ? CYS B 48 . ? 1_555 ? 
16 AC2 8 CYS B 78 ? CYS B 78 . ? 1_555 ? 
# 
loop_
_pdbx_validate_rmsd_bond.id 
_pdbx_validate_rmsd_bond.PDB_model_num 
_pdbx_validate_rmsd_bond.auth_atom_id_1 
_pdbx_validate_rmsd_bond.auth_asym_id_1 
_pdbx_validate_rmsd_bond.auth_comp_id_1 
_pdbx_validate_rmsd_bond.auth_seq_id_1 
_pdbx_validate_rmsd_bond.PDB_ins_code_1 
_pdbx_validate_rmsd_bond.label_alt_id_1 
_pdbx_validate_rmsd_bond.auth_atom_id_2 
_pdbx_validate_rmsd_bond.auth_asym_id_2 
_pdbx_validate_rmsd_bond.auth_comp_id_2 
_pdbx_validate_rmsd_bond.auth_seq_id_2 
_pdbx_validate_rmsd_bond.PDB_ins_code_2 
_pdbx_validate_rmsd_bond.label_alt_id_2 
_pdbx_validate_rmsd_bond.bond_value 
_pdbx_validate_rmsd_bond.bond_target_value 
_pdbx_validate_rmsd_bond.bond_deviation 
_pdbx_validate_rmsd_bond.bond_standard_deviation 
_pdbx_validate_rmsd_bond.linker_flag 
1 1 CG  A MET 1  ? ? SD  A MET 1  ? ? 1.636 1.807 -0.171 0.026 N 
2 1 CB  A GLU 11 ? ? CG  A GLU 11 ? ? 1.333 1.517 -0.184 0.019 N 
3 1 CE1 A TYR 38 ? ? CZ  A TYR 38 ? ? 1.291 1.381 -0.090 0.013 N 
4 1 CD1 B TYR 97 ? ? CE1 B TYR 97 ? ? 1.279 1.389 -0.110 0.015 N 
# 
loop_
_pdbx_validate_rmsd_angle.id 
_pdbx_validate_rmsd_angle.PDB_model_num 
_pdbx_validate_rmsd_angle.auth_atom_id_1 
_pdbx_validate_rmsd_angle.auth_asym_id_1 
_pdbx_validate_rmsd_angle.auth_comp_id_1 
_pdbx_validate_rmsd_angle.auth_seq_id_1 
_pdbx_validate_rmsd_angle.PDB_ins_code_1 
_pdbx_validate_rmsd_angle.label_alt_id_1 
_pdbx_validate_rmsd_angle.auth_atom_id_2 
_pdbx_validate_rmsd_angle.auth_asym_id_2 
_pdbx_validate_rmsd_angle.auth_comp_id_2 
_pdbx_validate_rmsd_angle.auth_seq_id_2 
_pdbx_validate_rmsd_angle.PDB_ins_code_2 
_pdbx_validate_rmsd_angle.label_alt_id_2 
_pdbx_validate_rmsd_angle.auth_atom_id_3 
_pdbx_validate_rmsd_angle.auth_asym_id_3 
_pdbx_validate_rmsd_angle.auth_comp_id_3 
_pdbx_validate_rmsd_angle.auth_seq_id_3 
_pdbx_validate_rmsd_angle.PDB_ins_code_3 
_pdbx_validate_rmsd_angle.label_alt_id_3 
_pdbx_validate_rmsd_angle.angle_value 
_pdbx_validate_rmsd_angle.angle_target_value 
_pdbx_validate_rmsd_angle.angle_deviation 
_pdbx_validate_rmsd_angle.angle_standard_deviation 
_pdbx_validate_rmsd_angle.linker_flag 
1  1 CB A ASP 14 ? ? CG A ASP 14 ? ? OD1 A ASP 14 ? ? 125.23 118.30 6.93   0.90 N 
2  1 NE A ARG 41 ? ? CZ A ARG 41 ? ? NH1 A ARG 41 ? ? 125.83 120.30 5.53   0.50 N 
3  1 CB A ASP 66 ? ? CG A ASP 66 ? ? OD1 A ASP 66 ? ? 124.51 118.30 6.21   0.90 N 
4  1 CB A ASP 85 ? ? CG A ASP 85 ? ? OD1 A ASP 85 ? ? 124.66 118.30 6.36   0.90 N 
5  1 CD B LYS 3  ? ? CE B LYS 3  ? ? NZ  B LYS 3  ? ? 95.66  111.70 -16.04 2.30 N 
6  1 CB B ASP 22 ? ? CG B ASP 22 ? ? OD1 B ASP 22 ? ? 125.77 118.30 7.47   0.90 N 
7  1 NE B ARG 41 ? ? CZ B ARG 41 ? ? NH2 B ARG 41 ? ? 116.29 120.30 -4.01  0.50 N 
8  1 CB B PHE 64 ? ? CG B PHE 64 ? ? CD2 B PHE 64 ? ? 125.20 120.80 4.40   0.70 N 
9  1 CB B ASP 85 ? ? CG B ASP 85 ? ? OD1 B ASP 85 ? ? 125.36 118.30 7.06   0.90 N 
10 1 CB B ASP 85 ? ? CG B ASP 85 ? ? OD2 B ASP 85 ? ? 112.50 118.30 -5.80  0.90 N 
# 
loop_
_pdbx_validate_torsion.id 
_pdbx_validate_torsion.PDB_model_num 
_pdbx_validate_torsion.auth_comp_id 
_pdbx_validate_torsion.auth_asym_id 
_pdbx_validate_torsion.auth_seq_id 
_pdbx_validate_torsion.PDB_ins_code 
_pdbx_validate_torsion.label_alt_id 
_pdbx_validate_torsion.phi 
_pdbx_validate_torsion.psi 
1 1 ASN A 8  ? ? -161.25 108.06 
2 1 SER A 39 ? ? -140.07 -74.56 
3 1 SER B 39 ? ? -147.63 -73.61 
# 
loop_
_chem_comp_atom.comp_id 
_chem_comp_atom.atom_id 
_chem_comp_atom.type_symbol 
_chem_comp_atom.pdbx_aromatic_flag 
_chem_comp_atom.pdbx_stereo_config 
_chem_comp_atom.pdbx_ordinal 
ALA N    N  N N 1   
ALA CA   C  N S 2   
ALA C    C  N N 3   
ALA O    O  N N 4   
ALA CB   C  N N 5   
ALA OXT  O  N N 6   
ALA H    H  N N 7   
ALA H2   H  N N 8   
ALA HA   H  N N 9   
ALA HB1  H  N N 10  
ALA HB2  H  N N 11  
ALA HB3  H  N N 12  
ALA HXT  H  N N 13  
ARG N    N  N N 14  
ARG CA   C  N S 15  
ARG C    C  N N 16  
ARG O    O  N N 17  
ARG CB   C  N N 18  
ARG CG   C  N N 19  
ARG CD   C  N N 20  
ARG NE   N  N N 21  
ARG CZ   C  N N 22  
ARG NH1  N  N N 23  
ARG NH2  N  N N 24  
ARG OXT  O  N N 25  
ARG H    H  N N 26  
ARG H2   H  N N 27  
ARG HA   H  N N 28  
ARG HB2  H  N N 29  
ARG HB3  H  N N 30  
ARG HG2  H  N N 31  
ARG HG3  H  N N 32  
ARG HD2  H  N N 33  
ARG HD3  H  N N 34  
ARG HE   H  N N 35  
ARG HH11 H  N N 36  
ARG HH12 H  N N 37  
ARG HH21 H  N N 38  
ARG HH22 H  N N 39  
ARG HXT  H  N N 40  
ASN N    N  N N 41  
ASN CA   C  N S 42  
ASN C    C  N N 43  
ASN O    O  N N 44  
ASN CB   C  N N 45  
ASN CG   C  N N 46  
ASN OD1  O  N N 47  
ASN ND2  N  N N 48  
ASN OXT  O  N N 49  
ASN H    H  N N 50  
ASN H2   H  N N 51  
ASN HA   H  N N 52  
ASN HB2  H  N N 53  
ASN HB3  H  N N 54  
ASN HD21 H  N N 55  
ASN HD22 H  N N 56  
ASN HXT  H  N N 57  
ASP N    N  N N 58  
ASP CA   C  N S 59  
ASP C    C  N N 60  
ASP O    O  N N 61  
ASP CB   C  N N 62  
ASP CG   C  N N 63  
ASP OD1  O  N N 64  
ASP OD2  O  N N 65  
ASP OXT  O  N N 66  
ASP H    H  N N 67  
ASP H2   H  N N 68  
ASP HA   H  N N 69  
ASP HB2  H  N N 70  
ASP HB3  H  N N 71  
ASP HD2  H  N N 72  
ASP HXT  H  N N 73  
CYS N    N  N N 74  
CYS CA   C  N R 75  
CYS C    C  N N 76  
CYS O    O  N N 77  
CYS CB   C  N N 78  
CYS SG   S  N N 79  
CYS OXT  O  N N 80  
CYS H    H  N N 81  
CYS H2   H  N N 82  
CYS HA   H  N N 83  
CYS HB2  H  N N 84  
CYS HB3  H  N N 85  
CYS HG   H  N N 86  
CYS HXT  H  N N 87  
FES FE1  FE N N 88  
FES FE2  FE N N 89  
FES S1   S  N N 90  
FES S2   S  N N 91  
GLN N    N  N N 92  
GLN CA   C  N S 93  
GLN C    C  N N 94  
GLN O    O  N N 95  
GLN CB   C  N N 96  
GLN CG   C  N N 97  
GLN CD   C  N N 98  
GLN OE1  O  N N 99  
GLN NE2  N  N N 100 
GLN OXT  O  N N 101 
GLN H    H  N N 102 
GLN H2   H  N N 103 
GLN HA   H  N N 104 
GLN HB2  H  N N 105 
GLN HB3  H  N N 106 
GLN HG2  H  N N 107 
GLN HG3  H  N N 108 
GLN HE21 H  N N 109 
GLN HE22 H  N N 110 
GLN HXT  H  N N 111 
GLU N    N  N N 112 
GLU CA   C  N S 113 
GLU C    C  N N 114 
GLU O    O  N N 115 
GLU CB   C  N N 116 
GLU CG   C  N N 117 
GLU CD   C  N N 118 
GLU OE1  O  N N 119 
GLU OE2  O  N N 120 
GLU OXT  O  N N 121 
GLU H    H  N N 122 
GLU H2   H  N N 123 
GLU HA   H  N N 124 
GLU HB2  H  N N 125 
GLU HB3  H  N N 126 
GLU HG2  H  N N 127 
GLU HG3  H  N N 128 
GLU HE2  H  N N 129 
GLU HXT  H  N N 130 
GLY N    N  N N 131 
GLY CA   C  N N 132 
GLY C    C  N N 133 
GLY O    O  N N 134 
GLY OXT  O  N N 135 
GLY H    H  N N 136 
GLY H2   H  N N 137 
GLY HA2  H  N N 138 
GLY HA3  H  N N 139 
GLY HXT  H  N N 140 
HIS N    N  N N 141 
HIS CA   C  N S 142 
HIS C    C  N N 143 
HIS O    O  N N 144 
HIS CB   C  N N 145 
HIS CG   C  Y N 146 
HIS ND1  N  Y N 147 
HIS CD2  C  Y N 148 
HIS CE1  C  Y N 149 
HIS NE2  N  Y N 150 
HIS OXT  O  N N 151 
HIS H    H  N N 152 
HIS H2   H  N N 153 
HIS HA   H  N N 154 
HIS HB2  H  N N 155 
HIS HB3  H  N N 156 
HIS HD1  H  N N 157 
HIS HD2  H  N N 158 
HIS HE1  H  N N 159 
HIS HE2  H  N N 160 
HIS HXT  H  N N 161 
HOH O    O  N N 162 
HOH H1   H  N N 163 
HOH H2   H  N N 164 
ILE N    N  N N 165 
ILE CA   C  N S 166 
ILE C    C  N N 167 
ILE O    O  N N 168 
ILE CB   C  N S 169 
ILE CG1  C  N N 170 
ILE CG2  C  N N 171 
ILE CD1  C  N N 172 
ILE OXT  O  N N 173 
ILE H    H  N N 174 
ILE H2   H  N N 175 
ILE HA   H  N N 176 
ILE HB   H  N N 177 
ILE HG12 H  N N 178 
ILE HG13 H  N N 179 
ILE HG21 H  N N 180 
ILE HG22 H  N N 181 
ILE HG23 H  N N 182 
ILE HD11 H  N N 183 
ILE HD12 H  N N 184 
ILE HD13 H  N N 185 
ILE HXT  H  N N 186 
LEU N    N  N N 187 
LEU CA   C  N S 188 
LEU C    C  N N 189 
LEU O    O  N N 190 
LEU CB   C  N N 191 
LEU CG   C  N N 192 
LEU CD1  C  N N 193 
LEU CD2  C  N N 194 
LEU OXT  O  N N 195 
LEU H    H  N N 196 
LEU H2   H  N N 197 
LEU HA   H  N N 198 
LEU HB2  H  N N 199 
LEU HB3  H  N N 200 
LEU HG   H  N N 201 
LEU HD11 H  N N 202 
LEU HD12 H  N N 203 
LEU HD13 H  N N 204 
LEU HD21 H  N N 205 
LEU HD22 H  N N 206 
LEU HD23 H  N N 207 
LEU HXT  H  N N 208 
LYS N    N  N N 209 
LYS CA   C  N S 210 
LYS C    C  N N 211 
LYS O    O  N N 212 
LYS CB   C  N N 213 
LYS CG   C  N N 214 
LYS CD   C  N N 215 
LYS CE   C  N N 216 
LYS NZ   N  N N 217 
LYS OXT  O  N N 218 
LYS H    H  N N 219 
LYS H2   H  N N 220 
LYS HA   H  N N 221 
LYS HB2  H  N N 222 
LYS HB3  H  N N 223 
LYS HG2  H  N N 224 
LYS HG3  H  N N 225 
LYS HD2  H  N N 226 
LYS HD3  H  N N 227 
LYS HE2  H  N N 228 
LYS HE3  H  N N 229 
LYS HZ1  H  N N 230 
LYS HZ2  H  N N 231 
LYS HZ3  H  N N 232 
LYS HXT  H  N N 233 
MET N    N  N N 234 
MET CA   C  N S 235 
MET C    C  N N 236 
MET O    O  N N 237 
MET CB   C  N N 238 
MET CG   C  N N 239 
MET SD   S  N N 240 
MET CE   C  N N 241 
MET OXT  O  N N 242 
MET H    H  N N 243 
MET H2   H  N N 244 
MET HA   H  N N 245 
MET HB2  H  N N 246 
MET HB3  H  N N 247 
MET HG2  H  N N 248 
MET HG3  H  N N 249 
MET HE1  H  N N 250 
MET HE2  H  N N 251 
MET HE3  H  N N 252 
MET HXT  H  N N 253 
PHE N    N  N N 254 
PHE CA   C  N S 255 
PHE C    C  N N 256 
PHE O    O  N N 257 
PHE CB   C  N N 258 
PHE CG   C  Y N 259 
PHE CD1  C  Y N 260 
PHE CD2  C  Y N 261 
PHE CE1  C  Y N 262 
PHE CE2  C  Y N 263 
PHE CZ   C  Y N 264 
PHE OXT  O  N N 265 
PHE H    H  N N 266 
PHE H2   H  N N 267 
PHE HA   H  N N 268 
PHE HB2  H  N N 269 
PHE HB3  H  N N 270 
PHE HD1  H  N N 271 
PHE HD2  H  N N 272 
PHE HE1  H  N N 273 
PHE HE2  H  N N 274 
PHE HZ   H  N N 275 
PHE HXT  H  N N 276 
PRO N    N  N N 277 
PRO CA   C  N S 278 
PRO C    C  N N 279 
PRO O    O  N N 280 
PRO CB   C  N N 281 
PRO CG   C  N N 282 
PRO CD   C  N N 283 
PRO OXT  O  N N 284 
PRO H    H  N N 285 
PRO HA   H  N N 286 
PRO HB2  H  N N 287 
PRO HB3  H  N N 288 
PRO HG2  H  N N 289 
PRO HG3  H  N N 290 
PRO HD2  H  N N 291 
PRO HD3  H  N N 292 
PRO HXT  H  N N 293 
SER N    N  N N 294 
SER CA   C  N S 295 
SER C    C  N N 296 
SER O    O  N N 297 
SER CB   C  N N 298 
SER OG   O  N N 299 
SER OXT  O  N N 300 
SER H    H  N N 301 
SER H2   H  N N 302 
SER HA   H  N N 303 
SER HB2  H  N N 304 
SER HB3  H  N N 305 
SER HG   H  N N 306 
SER HXT  H  N N 307 
THR N    N  N N 308 
THR CA   C  N S 309 
THR C    C  N N 310 
THR O    O  N N 311 
THR CB   C  N R 312 
THR OG1  O  N N 313 
THR CG2  C  N N 314 
THR OXT  O  N N 315 
THR H    H  N N 316 
THR H2   H  N N 317 
THR HA   H  N N 318 
THR HB   H  N N 319 
THR HG1  H  N N 320 
THR HG21 H  N N 321 
THR HG22 H  N N 322 
THR HG23 H  N N 323 
THR HXT  H  N N 324 
TYR N    N  N N 325 
TYR CA   C  N S 326 
TYR C    C  N N 327 
TYR O    O  N N 328 
TYR CB   C  N N 329 
TYR CG   C  Y N 330 
TYR CD1  C  Y N 331 
TYR CD2  C  Y N 332 
TYR CE1  C  Y N 333 
TYR CE2  C  Y N 334 
TYR CZ   C  Y N 335 
TYR OH   O  N N 336 
TYR OXT  O  N N 337 
TYR H    H  N N 338 
TYR H2   H  N N 339 
TYR HA   H  N N 340 
TYR HB2  H  N N 341 
TYR HB3  H  N N 342 
TYR HD1  H  N N 343 
TYR HD2  H  N N 344 
TYR HE1  H  N N 345 
TYR HE2  H  N N 346 
TYR HH   H  N N 347 
TYR HXT  H  N N 348 
VAL N    N  N N 349 
VAL CA   C  N S 350 
VAL C    C  N N 351 
VAL O    O  N N 352 
VAL CB   C  N N 353 
VAL CG1  C  N N 354 
VAL CG2  C  N N 355 
VAL OXT  O  N N 356 
VAL H    H  N N 357 
VAL H2   H  N N 358 
VAL HA   H  N N 359 
VAL HB   H  N N 360 
VAL HG11 H  N N 361 
VAL HG12 H  N N 362 
VAL HG13 H  N N 363 
VAL HG21 H  N N 364 
VAL HG22 H  N N 365 
VAL HG23 H  N N 366 
VAL HXT  H  N N 367 
# 
loop_
_chem_comp_bond.comp_id 
_chem_comp_bond.atom_id_1 
_chem_comp_bond.atom_id_2 
_chem_comp_bond.value_order 
_chem_comp_bond.pdbx_aromatic_flag 
_chem_comp_bond.pdbx_stereo_config 
_chem_comp_bond.pdbx_ordinal 
ALA N   CA   sing N N 1   
ALA N   H    sing N N 2   
ALA N   H2   sing N N 3   
ALA CA  C    sing N N 4   
ALA CA  CB   sing N N 5   
ALA CA  HA   sing N N 6   
ALA C   O    doub N N 7   
ALA C   OXT  sing N N 8   
ALA CB  HB1  sing N N 9   
ALA CB  HB2  sing N N 10  
ALA CB  HB3  sing N N 11  
ALA OXT HXT  sing N N 12  
ARG N   CA   sing N N 13  
ARG N   H    sing N N 14  
ARG N   H2   sing N N 15  
ARG CA  C    sing N N 16  
ARG CA  CB   sing N N 17  
ARG CA  HA   sing N N 18  
ARG C   O    doub N N 19  
ARG C   OXT  sing N N 20  
ARG CB  CG   sing N N 21  
ARG CB  HB2  sing N N 22  
ARG CB  HB3  sing N N 23  
ARG CG  CD   sing N N 24  
ARG CG  HG2  sing N N 25  
ARG CG  HG3  sing N N 26  
ARG CD  NE   sing N N 27  
ARG CD  HD2  sing N N 28  
ARG CD  HD3  sing N N 29  
ARG NE  CZ   sing N N 30  
ARG NE  HE   sing N N 31  
ARG CZ  NH1  sing N N 32  
ARG CZ  NH2  doub N N 33  
ARG NH1 HH11 sing N N 34  
ARG NH1 HH12 sing N N 35  
ARG NH2 HH21 sing N N 36  
ARG NH2 HH22 sing N N 37  
ARG OXT HXT  sing N N 38  
ASN N   CA   sing N N 39  
ASN N   H    sing N N 40  
ASN N   H2   sing N N 41  
ASN CA  C    sing N N 42  
ASN CA  CB   sing N N 43  
ASN CA  HA   sing N N 44  
ASN C   O    doub N N 45  
ASN C   OXT  sing N N 46  
ASN CB  CG   sing N N 47  
ASN CB  HB2  sing N N 48  
ASN CB  HB3  sing N N 49  
ASN CG  OD1  doub N N 50  
ASN CG  ND2  sing N N 51  
ASN ND2 HD21 sing N N 52  
ASN ND2 HD22 sing N N 53  
ASN OXT HXT  sing N N 54  
ASP N   CA   sing N N 55  
ASP N   H    sing N N 56  
ASP N   H2   sing N N 57  
ASP CA  C    sing N N 58  
ASP CA  CB   sing N N 59  
ASP CA  HA   sing N N 60  
ASP C   O    doub N N 61  
ASP C   OXT  sing N N 62  
ASP CB  CG   sing N N 63  
ASP CB  HB2  sing N N 64  
ASP CB  HB3  sing N N 65  
ASP CG  OD1  doub N N 66  
ASP CG  OD2  sing N N 67  
ASP OD2 HD2  sing N N 68  
ASP OXT HXT  sing N N 69  
CYS N   CA   sing N N 70  
CYS N   H    sing N N 71  
CYS N   H2   sing N N 72  
CYS CA  C    sing N N 73  
CYS CA  CB   sing N N 74  
CYS CA  HA   sing N N 75  
CYS C   O    doub N N 76  
CYS C   OXT  sing N N 77  
CYS CB  SG   sing N N 78  
CYS CB  HB2  sing N N 79  
CYS CB  HB3  sing N N 80  
CYS SG  HG   sing N N 81  
CYS OXT HXT  sing N N 82  
FES FE1 S1   sing N N 83  
FES FE1 S2   sing N N 84  
FES FE2 S1   sing N N 85  
FES FE2 S2   sing N N 86  
GLN N   CA   sing N N 87  
GLN N   H    sing N N 88  
GLN N   H2   sing N N 89  
GLN CA  C    sing N N 90  
GLN CA  CB   sing N N 91  
GLN CA  HA   sing N N 92  
GLN C   O    doub N N 93  
GLN C   OXT  sing N N 94  
GLN CB  CG   sing N N 95  
GLN CB  HB2  sing N N 96  
GLN CB  HB3  sing N N 97  
GLN CG  CD   sing N N 98  
GLN CG  HG2  sing N N 99  
GLN CG  HG3  sing N N 100 
GLN CD  OE1  doub N N 101 
GLN CD  NE2  sing N N 102 
GLN NE2 HE21 sing N N 103 
GLN NE2 HE22 sing N N 104 
GLN OXT HXT  sing N N 105 
GLU N   CA   sing N N 106 
GLU N   H    sing N N 107 
GLU N   H2   sing N N 108 
GLU CA  C    sing N N 109 
GLU CA  CB   sing N N 110 
GLU CA  HA   sing N N 111 
GLU C   O    doub N N 112 
GLU C   OXT  sing N N 113 
GLU CB  CG   sing N N 114 
GLU CB  HB2  sing N N 115 
GLU CB  HB3  sing N N 116 
GLU CG  CD   sing N N 117 
GLU CG  HG2  sing N N 118 
GLU CG  HG3  sing N N 119 
GLU CD  OE1  doub N N 120 
GLU CD  OE2  sing N N 121 
GLU OE2 HE2  sing N N 122 
GLU OXT HXT  sing N N 123 
GLY N   CA   sing N N 124 
GLY N   H    sing N N 125 
GLY N   H2   sing N N 126 
GLY CA  C    sing N N 127 
GLY CA  HA2  sing N N 128 
GLY CA  HA3  sing N N 129 
GLY C   O    doub N N 130 
GLY C   OXT  sing N N 131 
GLY OXT HXT  sing N N 132 
HIS N   CA   sing N N 133 
HIS N   H    sing N N 134 
HIS N   H2   sing N N 135 
HIS CA  C    sing N N 136 
HIS CA  CB   sing N N 137 
HIS CA  HA   sing N N 138 
HIS C   O    doub N N 139 
HIS C   OXT  sing N N 140 
HIS CB  CG   sing N N 141 
HIS CB  HB2  sing N N 142 
HIS CB  HB3  sing N N 143 
HIS CG  ND1  sing Y N 144 
HIS CG  CD2  doub Y N 145 
HIS ND1 CE1  doub Y N 146 
HIS ND1 HD1  sing N N 147 
HIS CD2 NE2  sing Y N 148 
HIS CD2 HD2  sing N N 149 
HIS CE1 NE2  sing Y N 150 
HIS CE1 HE1  sing N N 151 
HIS NE2 HE2  sing N N 152 
HIS OXT HXT  sing N N 153 
HOH O   H1   sing N N 154 
HOH O   H2   sing N N 155 
ILE N   CA   sing N N 156 
ILE N   H    sing N N 157 
ILE N   H2   sing N N 158 
ILE CA  C    sing N N 159 
ILE CA  CB   sing N N 160 
ILE CA  HA   sing N N 161 
ILE C   O    doub N N 162 
ILE C   OXT  sing N N 163 
ILE CB  CG1  sing N N 164 
ILE CB  CG2  sing N N 165 
ILE CB  HB   sing N N 166 
ILE CG1 CD1  sing N N 167 
ILE CG1 HG12 sing N N 168 
ILE CG1 HG13 sing N N 169 
ILE CG2 HG21 sing N N 170 
ILE CG2 HG22 sing N N 171 
ILE CG2 HG23 sing N N 172 
ILE CD1 HD11 sing N N 173 
ILE CD1 HD12 sing N N 174 
ILE CD1 HD13 sing N N 175 
ILE OXT HXT  sing N N 176 
LEU N   CA   sing N N 177 
LEU N   H    sing N N 178 
LEU N   H2   sing N N 179 
LEU CA  C    sing N N 180 
LEU CA  CB   sing N N 181 
LEU CA  HA   sing N N 182 
LEU C   O    doub N N 183 
LEU C   OXT  sing N N 184 
LEU CB  CG   sing N N 185 
LEU CB  HB2  sing N N 186 
LEU CB  HB3  sing N N 187 
LEU CG  CD1  sing N N 188 
LEU CG  CD2  sing N N 189 
LEU CG  HG   sing N N 190 
LEU CD1 HD11 sing N N 191 
LEU CD1 HD12 sing N N 192 
LEU CD1 HD13 sing N N 193 
LEU CD2 HD21 sing N N 194 
LEU CD2 HD22 sing N N 195 
LEU CD2 HD23 sing N N 196 
LEU OXT HXT  sing N N 197 
LYS N   CA   sing N N 198 
LYS N   H    sing N N 199 
LYS N   H2   sing N N 200 
LYS CA  C    sing N N 201 
LYS CA  CB   sing N N 202 
LYS CA  HA   sing N N 203 
LYS C   O    doub N N 204 
LYS C   OXT  sing N N 205 
LYS CB  CG   sing N N 206 
LYS CB  HB2  sing N N 207 
LYS CB  HB3  sing N N 208 
LYS CG  CD   sing N N 209 
LYS CG  HG2  sing N N 210 
LYS CG  HG3  sing N N 211 
LYS CD  CE   sing N N 212 
LYS CD  HD2  sing N N 213 
LYS CD  HD3  sing N N 214 
LYS CE  NZ   sing N N 215 
LYS CE  HE2  sing N N 216 
LYS CE  HE3  sing N N 217 
LYS NZ  HZ1  sing N N 218 
LYS NZ  HZ2  sing N N 219 
LYS NZ  HZ3  sing N N 220 
LYS OXT HXT  sing N N 221 
MET N   CA   sing N N 222 
MET N   H    sing N N 223 
MET N   H2   sing N N 224 
MET CA  C    sing N N 225 
MET CA  CB   sing N N 226 
MET CA  HA   sing N N 227 
MET C   O    doub N N 228 
MET C   OXT  sing N N 229 
MET CB  CG   sing N N 230 
MET CB  HB2  sing N N 231 
MET CB  HB3  sing N N 232 
MET CG  SD   sing N N 233 
MET CG  HG2  sing N N 234 
MET CG  HG3  sing N N 235 
MET SD  CE   sing N N 236 
MET CE  HE1  sing N N 237 
MET CE  HE2  sing N N 238 
MET CE  HE3  sing N N 239 
MET OXT HXT  sing N N 240 
PHE N   CA   sing N N 241 
PHE N   H    sing N N 242 
PHE N   H2   sing N N 243 
PHE CA  C    sing N N 244 
PHE CA  CB   sing N N 245 
PHE CA  HA   sing N N 246 
PHE C   O    doub N N 247 
PHE C   OXT  sing N N 248 
PHE CB  CG   sing N N 249 
PHE CB  HB2  sing N N 250 
PHE CB  HB3  sing N N 251 
PHE CG  CD1  doub Y N 252 
PHE CG  CD2  sing Y N 253 
PHE CD1 CE1  sing Y N 254 
PHE CD1 HD1  sing N N 255 
PHE CD2 CE2  doub Y N 256 
PHE CD2 HD2  sing N N 257 
PHE CE1 CZ   doub Y N 258 
PHE CE1 HE1  sing N N 259 
PHE CE2 CZ   sing Y N 260 
PHE CE2 HE2  sing N N 261 
PHE CZ  HZ   sing N N 262 
PHE OXT HXT  sing N N 263 
PRO N   CA   sing N N 264 
PRO N   CD   sing N N 265 
PRO N   H    sing N N 266 
PRO CA  C    sing N N 267 
PRO CA  CB   sing N N 268 
PRO CA  HA   sing N N 269 
PRO C   O    doub N N 270 
PRO C   OXT  sing N N 271 
PRO CB  CG   sing N N 272 
PRO CB  HB2  sing N N 273 
PRO CB  HB3  sing N N 274 
PRO CG  CD   sing N N 275 
PRO CG  HG2  sing N N 276 
PRO CG  HG3  sing N N 277 
PRO CD  HD2  sing N N 278 
PRO CD  HD3  sing N N 279 
PRO OXT HXT  sing N N 280 
SER N   CA   sing N N 281 
SER N   H    sing N N 282 
SER N   H2   sing N N 283 
SER CA  C    sing N N 284 
SER CA  CB   sing N N 285 
SER CA  HA   sing N N 286 
SER C   O    doub N N 287 
SER C   OXT  sing N N 288 
SER CB  OG   sing N N 289 
SER CB  HB2  sing N N 290 
SER CB  HB3  sing N N 291 
SER OG  HG   sing N N 292 
SER OXT HXT  sing N N 293 
THR N   CA   sing N N 294 
THR N   H    sing N N 295 
THR N   H2   sing N N 296 
THR CA  C    sing N N 297 
THR CA  CB   sing N N 298 
THR CA  HA   sing N N 299 
THR C   O    doub N N 300 
THR C   OXT  sing N N 301 
THR CB  OG1  sing N N 302 
THR CB  CG2  sing N N 303 
THR CB  HB   sing N N 304 
THR OG1 HG1  sing N N 305 
THR CG2 HG21 sing N N 306 
THR CG2 HG22 sing N N 307 
THR CG2 HG23 sing N N 308 
THR OXT HXT  sing N N 309 
TYR N   CA   sing N N 310 
TYR N   H    sing N N 311 
TYR N   H2   sing N N 312 
TYR CA  C    sing N N 313 
TYR CA  CB   sing N N 314 
TYR CA  HA   sing N N 315 
TYR C   O    doub N N 316 
TYR C   OXT  sing N N 317 
TYR CB  CG   sing N N 318 
TYR CB  HB2  sing N N 319 
TYR CB  HB3  sing N N 320 
TYR CG  CD1  doub Y N 321 
TYR CG  CD2  sing Y N 322 
TYR CD1 CE1  sing Y N 323 
TYR CD1 HD1  sing N N 324 
TYR CD2 CE2  doub Y N 325 
TYR CD2 HD2  sing N N 326 
TYR CE1 CZ   doub Y N 327 
TYR CE1 HE1  sing N N 328 
TYR CE2 CZ   sing Y N 329 
TYR CE2 HE2  sing N N 330 
TYR CZ  OH   sing N N 331 
TYR OH  HH   sing N N 332 
TYR OXT HXT  sing N N 333 
VAL N   CA   sing N N 334 
VAL N   H    sing N N 335 
VAL N   H2   sing N N 336 
VAL CA  C    sing N N 337 
VAL CA  CB   sing N N 338 
VAL CA  HA   sing N N 339 
VAL C   O    doub N N 340 
VAL C   OXT  sing N N 341 
VAL CB  CG1  sing N N 342 
VAL CB  CG2  sing N N 343 
VAL CB  HB   sing N N 344 
VAL CG1 HG11 sing N N 345 
VAL CG1 HG12 sing N N 346 
VAL CG1 HG13 sing N N 347 
VAL CG2 HG21 sing N N 348 
VAL CG2 HG22 sing N N 349 
VAL CG2 HG23 sing N N 350 
VAL OXT HXT  sing N N 351 
# 
_atom_sites.entry_id                    3AB5 
_atom_sites.fract_transf_matrix[1][1]   0.01338958 
_atom_sites.fract_transf_matrix[1][2]   0.02272171 
_atom_sites.fract_transf_matrix[1][3]   0.00779015 
_atom_sites.fract_transf_matrix[2][1]   -0.00860148 
_atom_sites.fract_transf_matrix[2][2]   -0.00043143 
_atom_sites.fract_transf_matrix[2][3]   0.01604243 
_atom_sites.fract_transf_matrix[3][1]   0.01836656 
_atom_sites.fract_transf_matrix[3][2]   -0.01097849 
_atom_sites.fract_transf_matrix[3][3]   0.00955237 
_atom_sites.fract_transf_vector[1]      0.700667 
_atom_sites.fract_transf_vector[2]      0.023924 
_atom_sites.fract_transf_vector[3]      0.177831 
# 
loop_
_atom_type.symbol 
C  
FE 
N  
O  
S  
# 
loop_
_atom_site.group_PDB 
_atom_site.id 
_atom_site.type_symbol 
_atom_site.label_atom_id 
_atom_site.label_alt_id 
_atom_site.label_comp_id 
_atom_site.label_asym_id 
_atom_site.label_entity_id 
_atom_site.label_seq_id 
_atom_site.pdbx_PDB_ins_code 
_atom_site.Cartn_x 
_atom_site.Cartn_y 
_atom_site.Cartn_z 
_atom_site.occupancy 
_atom_site.B_iso_or_equiv 
_atom_site.pdbx_formal_charge 
_atom_site.auth_seq_id 
_atom_site.auth_comp_id 
_atom_site.auth_asym_id 
_atom_site.auth_atom_id 
_atom_site.pdbx_PDB_model_num 
ATOM   1    N  N   . MET A 1 1  ? 4.292   -20.470 16.532  1.00 9.35  ? 1    MET A N   1 
ATOM   2    C  CA  . MET A 1 1  ? 4.724   -20.088 15.130  1.00 7.68  ? 1    MET A CA  1 
ATOM   3    C  C   . MET A 1 1  ? 3.576   -20.460 14.212  1.00 6.40  ? 1    MET A C   1 
ATOM   4    O  O   . MET A 1 1  ? 2.712   -21.287 14.515  1.00 7.33  ? 1    MET A O   1 
ATOM   5    C  CB  . MET A 1 1  ? 6.001   -20.766 14.705  1.00 10.62 ? 1    MET A CB  1 
ATOM   6    C  CG  . MET A 1 1  ? 7.399   -20.267 15.529  1.00 11.12 ? 1    MET A CG  1 
ATOM   7    S  SD  . MET A 1 1  ? 8.727   -20.834 14.760  1.00 16.09 ? 1    MET A SD  1 
ATOM   8    C  CE  . MET A 1 1  ? 8.522   -22.451 15.299  1.00 22.23 ? 1    MET A CE  1 
ATOM   9    N  N   . TYR A 1 2  ? 3.587   -19.810 13.071  1.00 5.82  ? 2    TYR A N   1 
ATOM   10   C  CA  . TYR A 1 2  ? 2.554   -20.010 12.039  1.00 5.69  ? 2    TYR A CA  1 
ATOM   11   C  C   . TYR A 1 2  ? 2.925   -21.075 11.086  1.00 6.14  ? 2    TYR A C   1 
ATOM   12   O  O   . TYR A 1 2  ? 4.089   -21.189 10.693  1.00 8.09  ? 2    TYR A O   1 
ATOM   13   C  CB  . TYR A 1 2  ? 2.363   -18.648 11.322  1.00 5.33  ? 2    TYR A CB  1 
ATOM   14   C  CG  . TYR A 1 2  ? 1.958   -17.516 12.230  1.00 5.61  ? 2    TYR A CG  1 
ATOM   15   C  CD1 . TYR A 1 2  ? 2.902   -16.707 12.822  1.00 5.76  ? 2    TYR A CD1 1 
ATOM   16   C  CD2 . TYR A 1 2  ? 0.622   -17.339 12.596  1.00 5.79  ? 2    TYR A CD2 1 
ATOM   17   C  CE1 . TYR A 1 2  ? 2.530   -15.671 13.713  1.00 7.09  ? 2    TYR A CE1 1 
ATOM   18   C  CE2 . TYR A 1 2  ? 0.211   -16.295 13.407  1.00 6.16  ? 2    TYR A CE2 1 
ATOM   19   C  CZ  . TYR A 1 2  ? 1.152   -15.503 14.000  1.00 6.96  ? 2    TYR A CZ  1 
ATOM   20   O  OH  . TYR A 1 2  ? 0.786   -14.436 14.826  1.00 7.56  ? 2    TYR A OH  1 
ATOM   21   N  N   . LYS A 1 3  ? 1.945   -21.816 10.601  1.00 5.75  ? 3    LYS A N   1 
ATOM   22   C  CA  . LYS A 1 3  ? 2.171   -22.829 9.588   1.00 5.81  ? 3    LYS A CA  1 
ATOM   23   C  C   . LYS A 1 3  ? 1.939   -22.202 8.221   1.00 6.08  ? 3    LYS A C   1 
ATOM   24   O  O   . LYS A 1 3  ? 0.861   -21.641 7.978   1.00 6.78  ? 3    LYS A O   1 
ATOM   25   C  CB  . LYS A 1 3  ? 1.089   -23.924 9.780   1.00 7.87  ? 3    LYS A CB  1 
ATOM   26   C  CG  . LYS A 1 3  ? 1.264   -24.665 11.094  1.00 16.21 ? 3    LYS A CG  1 
ATOM   27   C  CD  . LYS A 1 3  ? 0.012   -25.642 11.322  1.00 19.38 ? 3    LYS A CD  1 
ATOM   28   C  CE  . LYS A 1 3  ? 0.063   -26.526 12.632  1.00 26.94 ? 3    LYS A CE  1 
ATOM   29   N  NZ  . LYS A 1 3  ? -1.213  -27.270 12.741  1.00 28.76 ? 3    LYS A NZ  1 
ATOM   30   N  N   . ILE A 1 4  ? 2.915   -22.292 7.317   1.00 5.20  ? 4    ILE A N   1 
ATOM   31   C  CA  . ILE A 1 4  ? 2.893   -21.621 6.031   1.00 5.18  ? 4    ILE A CA  1 
ATOM   32   C  C   . ILE A 1 4  ? 3.057   -22.680 4.956   1.00 4.05  ? 4    ILE A C   1 
ATOM   33   O  O   . ILE A 1 4  ? 4.142   -23.229 4.803   1.00 5.40  ? 4    ILE A O   1 
ATOM   34   C  CB  . ILE A 1 4  ? 4.019   -20.594 5.874   1.00 5.68  ? 4    ILE A CB  1 
ATOM   35   C  CG1 . ILE A 1 4  ? 4.052   -19.590 7.094   1.00 6.40  ? 4    ILE A CG1 1 
ATOM   36   C  CG2 . ILE A 1 4  ? 3.813   -19.821 4.554   1.00 6.36  ? 4    ILE A CG2 1 
ATOM   37   C  CD1 . ILE A 1 4  ? 2.881   -18.756 7.289   1.00 7.91  ? 4    ILE A CD1 1 
ATOM   38   N  N   . GLN A 1 5  ? 1.977   -22.978 4.245   1.00 4.69  ? 5    GLN A N   1 
ATOM   39   C  CA  . GLN A 1 5  ? 2.075   -23.889 3.081   1.00 5.09  ? 5    GLN A CA  1 
ATOM   40   C  C   . GLN A 1 5  ? 2.402   -23.105 1.866   1.00 4.67  ? 5    GLN A C   1 
ATOM   41   O  O   . GLN A 1 5  ? 1.660   -22.171 1.497   1.00 6.53  ? 5    GLN A O   1 
ATOM   42   C  CB  . GLN A 1 5  ? 0.737   -24.630 2.966   1.00 5.65  ? 5    GLN A CB  1 
ATOM   43   C  CG  . GLN A 1 5  ? 0.855   -25.624 1.819   1.00 7.94  ? 5    GLN A CG  1 
ATOM   44   C  CD  . GLN A 1 5  ? -0.308  -26.472 1.594   1.00 13.16 ? 5    GLN A CD  1 
ATOM   45   O  OE1 . GLN A 1 5  ? -1.377  -26.221 2.086   1.00 14.37 ? 5    GLN A OE1 1 
ATOM   46   N  NE2 . GLN A 1 5  ? -0.095  -27.582 0.716   1.00 16.73 ? 5    GLN A NE2 1 
ATOM   47   N  N   . LEU A 1 6  ? 3.445   -23.464 1.167   1.00 5.01  ? 6    LEU A N   1 
ATOM   48   C  CA  . LEU A 1 6  ? 3.915   -22.784 -0.036  1.00 5.85  ? 6    LEU A CA  1 
ATOM   49   C  C   . LEU A 1 6  ? 3.719   -23.756 -1.201  1.00 6.17  ? 6    LEU A C   1 
ATOM   50   O  O   . LEU A 1 6  ? 4.144   -24.942 -1.146  1.00 7.72  ? 6    LEU A O   1 
ATOM   51   C  CB  . LEU A 1 6  ? 5.406   -22.505 0.098   1.00 6.13  ? 6    LEU A CB  1 
ATOM   52   C  CG  . LEU A 1 6  ? 5.774   -21.579 1.231   1.00 6.13  ? 6    LEU A CG  1 
ATOM   53   C  CD1 . LEU A 1 6  ? 7.264   -21.600 1.548   1.00 8.67  ? 6    LEU A CD1 1 
ATOM   54   C  CD2 . LEU A 1 6  ? 5.274   -20.157 0.960   1.00 8.20  ? 6    LEU A CD2 1 
ATOM   55   N  N   . VAL A 1 7  ? 3.082   -23.267 -2.282  1.00 4.88  ? 7    VAL A N   1 
ATOM   56   C  CA  . VAL A 1 7  ? 2.752   -24.143 -3.437  1.00 6.62  ? 7    VAL A CA  1 
ATOM   57   C  C   . VAL A 1 7  ? 3.005   -23.453 -4.724  1.00 5.69  ? 7    VAL A C   1 
ATOM   58   O  O   . VAL A 1 7  ? 2.646   -22.310 -4.953  1.00 6.79  ? 7    VAL A O   1 
ATOM   59   C  CB  . VAL A 1 7  ? 1.289   -24.607 -3.364  1.00 8.87  ? 7    VAL A CB  1 
ATOM   60   C  CG1 . VAL A 1 7  ? 0.865   -25.624 -4.457  1.00 14.27 ? 7    VAL A CG1 1 
ATOM   61   C  CG2 . VAL A 1 7  ? 0.918   -25.153 -1.993  1.00 14.62 ? 7    VAL A CG2 1 
ATOM   62   N  N   . ASN A 1 8  ? 3.581   -24.260 -5.621  1.00 5.84  ? 8    ASN A N   1 
ATOM   63   C  CA  . ASN A 1 8  ? 3.701   -23.870 -7.038  1.00 6.18  ? 8    ASN A CA  1 
ATOM   64   C  C   . ASN A 1 8  ? 3.949   -25.155 -7.812  1.00 6.91  ? 8    ASN A C   1 
ATOM   65   O  O   . ASN A 1 8  ? 5.070   -25.673 -7.753  1.00 8.25  ? 8    ASN A O   1 
ATOM   66   C  CB  . ASN A 1 8  ? 4.759   -22.859 -7.284  1.00 8.14  ? 8    ASN A CB  1 
ATOM   67   C  CG  . ASN A 1 8  ? 4.655   -22.365 -8.724  1.00 8.69  ? 8    ASN A CG  1 
ATOM   68   O  OD1 . ASN A 1 8  ? 4.868   -23.153 -9.678  1.00 9.91  ? 8    ASN A OD1 1 
ATOM   69   N  ND2 . ASN A 1 8  ? 4.306   -21.146 -8.922  1.00 11.07 ? 8    ASN A ND2 1 
ATOM   70   N  N   . GLN A 1 9  ? 2.947   -25.606 -8.563  1.00 8.78  ? 9    GLN A N   1 
ATOM   71   C  CA  . GLN A 1 9  ? 3.093   -26.923 -9.225  1.00 12.57 ? 9    GLN A CA  1 
ATOM   72   C  C   . GLN A 1 9  ? 4.137   -26.908 -10.315 1.00 10.41 ? 9    GLN A C   1 
ATOM   73   O  O   . GLN A 1 9  ? 4.993   -27.770 -10.371 1.00 13.57 ? 9    GLN A O   1 
ATOM   74   C  CB  . GLN A 1 9  ? 1.730   -27.332 -9.778  1.00 15.92 ? 9    GLN A CB  1 
ATOM   75   C  CG  . GLN A 1 9  ? 0.625   -27.478 -8.665  1.00 25.22 ? 9    GLN A CG  1 
ATOM   76   C  CD  . GLN A 1 9  ? -0.849  -27.448 -9.209  1.00 35.39 ? 9    GLN A CD  1 
ATOM   77   O  OE1 . GLN A 1 9  ? -1.177  -28.100 -10.216 1.00 38.75 ? 9    GLN A OE1 1 
ATOM   78   N  NE2 . GLN A 1 9  ? -1.721  -26.683 -8.532  1.00 37.39 ? 9    GLN A NE2 1 
ATOM   79   N  N   . LYS A 1 10 ? 4.175   -25.766 -11.032 1.00 9.26  ? 10   LYS A N   1 
ATOM   80   C  CA  . LYS A 1 10 ? 5.201   -25.649 -12.119 1.00 9.52  ? 10   LYS A CA  1 
ATOM   81   C  C   . LYS A 1 10 ? 6.585   -25.718 -11.592 1.00 12.08 ? 10   LYS A C   1 
ATOM   82   O  O   . LYS A 1 10 ? 7.466   -26.383 -12.174 1.00 14.08 ? 10   LYS A O   1 
ATOM   83   C  CB  . LYS A 1 10 ? 4.938   -24.355 -12.907 1.00 11.26 ? 10   LYS A CB  1 
ATOM   84   C  CG  . LYS A 1 10 ? 5.995   -24.138 -13.992 1.00 14.27 ? 10   LYS A CG  1 
ATOM   85   C  CD  . LYS A 1 10 ? 5.529   -23.004 -14.872 1.00 17.10 ? 10   LYS A CD  1 
ATOM   86   C  CE  . LYS A 1 10 ? 6.586   -22.767 -16.074 1.00 17.93 ? 10   LYS A CE  1 
ATOM   87   N  NZ  . LYS A 1 10 ? 6.541   -23.890 -17.000 1.00 18.28 ? 10   LYS A NZ  1 
ATOM   88   N  N   . GLU A 1 11 ? 6.861   -25.067 -10.444 1.00 10.08 ? 11   GLU A N   1 
ATOM   89   C  CA  . GLU A 1 11 ? 8.189   -25.087 -9.897  1.00 12.61 ? 11   GLU A CA  1 
ATOM   90   C  C   . GLU A 1 11 ? 8.412   -26.298 -8.983  1.00 12.56 ? 11   GLU A C   1 
ATOM   91   O  O   . GLU A 1 11 ? 9.531   -26.412 -8.444  1.00 17.91 ? 11   GLU A O   1 
ATOM   92   C  CB  . GLU A 1 11 ? 8.405   -23.851 -9.045  1.00 15.05 ? 11   GLU A CB  1 
ATOM   93   C  CG  . GLU A 1 11 ? 8.331   -22.754 -9.798  1.00 16.66 ? 11   GLU A CG  1 
ATOM   94   C  CD  . GLU A 1 11 ? 9.576   -22.527 -10.633 1.00 25.19 ? 11   GLU A CD  1 
ATOM   95   O  OE1 . GLU A 1 11 ? 10.703  -23.064 -10.344 1.00 27.96 ? 11   GLU A OE1 1 
ATOM   96   O  OE2 . GLU A 1 11 ? 9.382   -21.791 -11.594 1.00 27.76 ? 11   GLU A OE2 1 
ATOM   97   N  N   . GLY A 1 12 ? 7.427   -27.143 -8.833  1.00 11.86 ? 12   GLY A N   1 
ATOM   98   C  CA  . GLY A 1 12 ? 7.616   -28.321 -7.986  1.00 13.35 ? 12   GLY A CA  1 
ATOM   99   C  C   . GLY A 1 12 ? 7.652   -28.032 -6.493  1.00 12.51 ? 12   GLY A C   1 
ATOM   100  O  O   . GLY A 1 12 ? 8.256   -28.846 -5.777  1.00 15.64 ? 12   GLY A O   1 
ATOM   101  N  N   . ILE A 1 13 ? 7.029   -26.930 -6.039  1.00 10.10 ? 13   ILE A N   1 
ATOM   102  C  CA  . ILE A 1 13 ? 7.048   -26.526 -4.630  1.00 8.92  ? 13   ILE A CA  1 
ATOM   103  C  C   . ILE A 1 13 ? 5.781   -26.980 -4.009  1.00 7.56  ? 13   ILE A C   1 
ATOM   104  O  O   . ILE A 1 13 ? 4.685   -26.665 -4.464  1.00 7.13  ? 13   ILE A O   1 
ATOM   105  C  CB  . ILE A 1 13 ? 7.220   -25.069 -4.566  1.00 9.22  ? 13   ILE A CB  1 
ATOM   106  C  CG1 . ILE A 1 13 ? 8.651   -24.747 -5.085  1.00 14.21 ? 13   ILE A CG1 1 
ATOM   107  C  CG2 . ILE A 1 13 ? 7.137   -24.602 -3.111  1.00 11.40 ? 13   ILE A CG2 1 
ATOM   108  C  CD1 . ILE A 1 13 ? 8.833   -23.360 -5.210  1.00 16.45 ? 13   ILE A CD1 1 
ATOM   109  N  N   . ASP A 1 14 ? 5.945   -27.727 -2.923  1.00 7.86  ? 14   ASP A N   1 
ATOM   110  C  CA  . ASP A 1 14 ? 4.814   -28.059 -2.112  1.00 8.30  ? 14   ASP A CA  1 
ATOM   111  C  C   . ASP A 1 14 ? 5.349   -28.443 -0.748  1.00 6.87  ? 14   ASP A C   1 
ATOM   112  O  O   . ASP A 1 14 ? 5.872   -29.556 -0.507  1.00 7.79  ? 14   ASP A O   1 
ATOM   113  C  CB  . ASP A 1 14 ? 3.849   -29.205 -2.600  1.00 14.05 ? 14   ASP A CB  1 
ATOM   114  C  CG  . ASP A 1 14 ? 2.522   -29.266 -1.680  1.00 12.54 ? 14   ASP A CG  1 
ATOM   115  O  OD1 . ASP A 1 14 ? 2.404   -28.734 -0.462  1.00 18.30 ? 14   ASP A OD1 1 
ATOM   116  O  OD2 . ASP A 1 14 ? 1.447   -29.725 -2.214  1.00 21.37 ? 14   ASP A OD2 1 
ATOM   117  N  N   . VAL A 1 15 ? 5.355   -27.469 0.149   1.00 6.63  ? 15   VAL A N   1 
ATOM   118  C  CA  . VAL A 1 15 ? 6.054   -27.628 1.419   1.00 5.49  ? 15   VAL A CA  1 
ATOM   119  C  C   . VAL A 1 15 ? 5.368   -26.770 2.443   1.00 6.67  ? 15   VAL A C   1 
ATOM   120  O  O   . VAL A 1 15 ? 4.966   -25.582 2.110   1.00 7.77  ? 15   VAL A O   1 
ATOM   121  C  CB  . VAL A 1 15 ? 7.544   -27.321 1.277   1.00 7.13  ? 15   VAL A CB  1 
ATOM   122  C  CG1 . VAL A 1 15 ? 7.797   -25.836 0.822   1.00 8.39  ? 15   VAL A CG1 1 
ATOM   123  C  CG2 . VAL A 1 15 ? 8.375   -27.576 2.511   1.00 7.84  ? 15   VAL A CG2 1 
ATOM   124  N  N   . THR A 1 16 ? 5.228   -27.241 3.659   1.00 5.76  ? 16   THR A N   1 
ATOM   125  C  CA  . THR A 1 16 ? 4.691   -26.438 4.757   1.00 5.42  ? 16   THR A CA  1 
ATOM   126  C  C   . THR A 1 16 ? 5.753   -26.267 5.739   1.00 6.15  ? 16   THR A C   1 
ATOM   127  O  O   . THR A 1 16 ? 6.362   -27.232 6.276   1.00 7.72  ? 16   THR A O   1 
ATOM   128  C  CB  . THR A 1 16 ? 3.477   -27.145 5.378   1.00 6.98  ? 16   THR A CB  1 
ATOM   129  O  OG1 . THR A 1 16 ? 2.482   -27.348 4.348   1.00 8.18  ? 16   THR A OG1 1 
ATOM   130  C  CG2 . THR A 1 16 ? 2.837   -26.240 6.447   1.00 7.93  ? 16   THR A CG2 1 
ATOM   131  N  N   . ILE A 1 17 ? 6.069   -25.030 6.112   1.00 6.49  ? 17   ILE A N   1 
ATOM   132  C  CA  . ILE A 1 17 ? 7.150   -24.650 7.042   1.00 6.35  ? 17   ILE A CA  1 
ATOM   133  C  C   . ILE A 1 17 ? 6.532   -23.900 8.186   1.00 7.49  ? 17   ILE A C   1 
ATOM   134  O  O   . ILE A 1 17 ? 5.363   -23.454 8.147   1.00 8.61  ? 17   ILE A O   1 
ATOM   135  C  CB  . ILE A 1 17 ? 8.199   -23.724 6.346   1.00 8.49  ? 17   ILE A CB  1 
ATOM   136  C  CG1 . ILE A 1 17 ? 7.571   -22.464 5.931   1.00 9.87  ? 17   ILE A CG1 1 
ATOM   137  C  CG2 . ILE A 1 17 ? 8.785   -24.520 5.158   1.00 11.49 ? 17   ILE A CG2 1 
ATOM   138  C  CD1 . ILE A 1 17 ? 8.439   -21.298 5.559   1.00 13.95 ? 17   ILE A CD1 1 
ATOM   139  N  N   . GLN A 1 18 ? 7.274   -23.802 9.285   1.00 7.00  ? 18   GLN A N   1 
ATOM   140  C  CA  . GLN A 1 18 ? 6.926   -22.917 10.416  1.00 7.80  ? 18   GLN A CA  1 
ATOM   141  C  C   . GLN A 1 18 ? 7.554   -21.570 10.204  1.00 6.29  ? 18   GLN A C   1 
ATOM   142  O  O   . GLN A 1 18 ? 8.728   -21.495 9.792   1.00 8.29  ? 18   GLN A O   1 
ATOM   143  C  CB  . GLN A 1 18 ? 7.467   -23.483 11.734  1.00 10.85 ? 18   GLN A CB  1 
ATOM   144  C  CG  . GLN A 1 18 ? 6.940   -24.770 12.215  1.00 16.76 ? 18   GLN A CG  1 
ATOM   145  C  CD  . GLN A 1 18 ? 5.421   -24.681 12.565  1.00 25.69 ? 18   GLN A CD  1 
ATOM   146  O  OE1 . GLN A 1 18 ? 5.018   -24.122 13.622  1.00 30.81 ? 18   GLN A OE1 1 
ATOM   147  N  NE2 . GLN A 1 18 ? 4.583   -25.174 11.658  1.00 29.47 ? 18   GLN A NE2 1 
ATOM   148  N  N   . CYS A 1 19 ? 6.866   -20.508 10.556  1.00 6.24  ? 19   CYS A N   1 
ATOM   149  C  CA  . CYS A 1 19 ? 7.460   -19.167 10.483  1.00 5.39  ? 19   CYS A CA  1 
ATOM   150  C  C   . CYS A 1 19 ? 6.988   -18.398 11.681  1.00 4.94  ? 19   CYS A C   1 
ATOM   151  O  O   . CYS A 1 19 ? 5.754   -18.298 11.928  1.00 6.44  ? 19   CYS A O   1 
ATOM   152  C  CB  . CYS A 1 19 ? 6.977   -18.440 9.257   1.00 5.40  ? 19   CYS A CB  1 
ATOM   153  S  SG  . CYS A 1 19 ? 7.752   -16.837 8.928   1.00 4.85  ? 19   CYS A SG  1 
ATOM   154  N  N   . ALA A 1 20 ? 7.872   -17.838 12.470  1.00 5.30  ? 20   ALA A N   1 
ATOM   155  C  CA  . ALA A 1 20 ? 7.534   -16.947 13.592  1.00 6.21  ? 20   ALA A CA  1 
ATOM   156  C  C   . ALA A 1 20 ? 6.914   -15.663 13.083  1.00 6.26  ? 20   ALA A C   1 
ATOM   157  O  O   . ALA A 1 20 ? 7.117   -15.219 11.953  1.00 5.50  ? 20   ALA A O   1 
ATOM   158  C  CB  . ALA A 1 20 ? 8.770   -16.618 14.368  1.00 7.46  ? 20   ALA A CB  1 
ATOM   159  N  N   . GLY A 1 21 ? 6.092   -15.032 13.956  1.00 6.21  ? 21   GLY A N   1 
ATOM   160  C  CA  . GLY A 1 21 ? 5.508   -13.801 13.630  1.00 6.56  ? 21   GLY A CA  1 
ATOM   161  C  C   . GLY A 1 21 ? 6.460   -12.651 13.411  1.00 4.80  ? 21   GLY A C   1 
ATOM   162  O  O   . GLY A 1 21 ? 6.051   -11.642 12.869  1.00 6.38  ? 21   GLY A O   1 
ATOM   163  N  N   . ASP A 1 22 ? 7.737   -12.826 13.837  1.00 5.46  ? 22   ASP A N   1 
ATOM   164  C  CA  . ASP A 1 22 ? 8.733   -11.804 13.675  1.00 4.92  ? 22   ASP A CA  1 
ATOM   165  C  C   . ASP A 1 22 ? 9.810   -12.184 12.681  1.00 5.17  ? 22   ASP A C   1 
ATOM   166  O  O   . ASP A 1 22 ? 10.902  -11.528 12.622  1.00 5.68  ? 22   ASP A O   1 
ATOM   167  C  CB  . ASP A 1 22 ? 9.378   -11.484 15.058  1.00 7.39  ? 22   ASP A CB  1 
ATOM   168  C  CG  . ASP A 1 22 ? 10.049  -12.582 15.648  1.00 7.39  ? 22   ASP A CG  1 
ATOM   169  O  OD1 . ASP A 1 22 ? 10.040  -13.703 15.111  1.00 11.36 ? 22   ASP A OD1 1 
ATOM   170  O  OD2 . ASP A 1 22 ? 10.735  -12.337 16.724  1.00 10.80 ? 22   ASP A OD2 1 
ATOM   171  N  N   . GLN A 1 23 ? 9.553   -13.194 11.791  1.00 5.03  ? 23   GLN A N   1 
ATOM   172  C  CA  . GLN A 1 23 ? 10.426  -13.449 10.629  1.00 5.62  ? 23   GLN A CA  1 
ATOM   173  C  C   . GLN A 1 23 ? 9.587   -13.349 9.390   1.00 3.97  ? 23   GLN A C   1 
ATOM   174  O  O   . GLN A 1 23 ? 8.432   -13.794 9.337   1.00 4.91  ? 23   GLN A O   1 
ATOM   175  C  CB  . GLN A 1 23 ? 10.974  -14.888 10.785  1.00 6.01  ? 23   GLN A CB  1 
ATOM   176  C  CG  . GLN A 1 23 ? 12.080  -15.116 9.677   1.00 6.01  ? 23   GLN A CG  1 
ATOM   177  C  CD  . GLN A 1 23 ? 12.877  -16.405 9.767   1.00 6.86  ? 23   GLN A CD  1 
ATOM   178  O  OE1 . GLN A 1 23 ? 12.321  -17.389 10.249  1.00 9.34  ? 23   GLN A OE1 1 
ATOM   179  N  NE2 . GLN A 1 23 ? 14.097  -16.480 9.324   1.00 7.07  ? 23   GLN A NE2 1 
ATOM   180  N  N   . TYR A 1 24 ? 10.145  -12.762 8.339   1.00 4.29  ? 24   TYR A N   1 
ATOM   181  C  CA  . TYR A 1 24 ? 9.406   -12.727 7.058   1.00 4.79  ? 24   TYR A CA  1 
ATOM   182  C  C   . TYR A 1 24 ? 9.339   -14.114 6.429   1.00 4.06  ? 24   TYR A C   1 
ATOM   183  O  O   . TYR A 1 24 ? 10.220  -14.940 6.580   1.00 4.73  ? 24   TYR A O   1 
ATOM   184  C  CB  . TYR A 1 24 ? 10.115  -11.786 6.087   1.00 5.71  ? 24   TYR A CB  1 
ATOM   185  C  CG  . TYR A 1 24 ? 10.200  -10.354 6.578   1.00 5.25  ? 24   TYR A CG  1 
ATOM   186  C  CD1 . TYR A 1 24 ? 9.035   -9.683  6.880   1.00 6.81  ? 24   TYR A CD1 1 
ATOM   187  C  CD2 . TYR A 1 24 ? 11.405  -9.726  6.633   1.00 7.37  ? 24   TYR A CD2 1 
ATOM   188  C  CE1 . TYR A 1 24 ? 9.101   -8.298  7.293   1.00 8.29  ? 24   TYR A CE1 1 
ATOM   189  C  CE2 . TYR A 1 24 ? 11.464  -8.399  7.048   1.00 7.66  ? 24   TYR A CE2 1 
ATOM   190  C  CZ  . TYR A 1 24 ? 10.364  -7.741  7.355   1.00 7.80  ? 24   TYR A CZ  1 
ATOM   191  O  OH  . TYR A 1 24 ? 10.559  -6.379  7.779   1.00 12.46 ? 24   TYR A OH  1 
ATOM   192  N  N   . ILE A 1 25 ? 8.207   -14.299 5.692   1.00 4.58  ? 25   ILE A N   1 
ATOM   193  C  CA  . ILE A 1 25 ? 7.951   -15.594 5.071   1.00 4.68  ? 25   ILE A CA  1 
ATOM   194  C  C   . ILE A 1 25 ? 9.108   -16.077 4.171   1.00 4.06  ? 25   ILE A C   1 
ATOM   195  O  O   . ILE A 1 25 ? 9.522   -17.200 4.233   1.00 4.66  ? 25   ILE A O   1 
ATOM   196  C  CB  . ILE A 1 25 ? 6.616   -15.594 4.413   1.00 4.97  ? 25   ILE A CB  1 
ATOM   197  C  CG1 . ILE A 1 25 ? 5.467   -15.581 5.503   1.00 6.68  ? 25   ILE A CG1 1 
ATOM   198  C  CG2 . ILE A 1 25 ? 6.454   -16.819 3.446   1.00 6.34  ? 25   ILE A CG2 1 
ATOM   199  C  CD1 . ILE A 1 25 ? 4.136   -15.272 4.971   1.00 8.83  ? 25   ILE A CD1 1 
ATOM   200  N  N   . LEU A 1 26 ? 9.582   -15.169 3.329   1.00 5.06  ? 26   LEU A N   1 
ATOM   201  C  CA  . LEU A 1 26 ? 10.699  -15.549 2.418   1.00 4.18  ? 26   LEU A CA  1 
ATOM   202  C  C   . LEU A 1 26 ? 11.874  -16.030 3.219   1.00 5.47  ? 26   LEU A C   1 
ATOM   203  O  O   . LEU A 1 26 ? 12.557  -16.989 2.852   1.00 5.60  ? 26   LEU A O   1 
ATOM   204  C  CB  . LEU A 1 26 ? 11.079  -14.339 1.579   1.00 6.50  ? 26   LEU A CB  1 
ATOM   205  C  CG  . LEU A 1 26 ? 12.396  -14.539 0.755   1.00 7.33  ? 26   LEU A CG  1 
ATOM   206  C  CD1 . LEU A 1 26 ? 12.286  -15.543 -0.247  1.00 10.31 ? 26   LEU A CD1 1 
ATOM   207  C  CD2 . LEU A 1 26 ? 12.906  -13.166 0.250   1.00 10.18 ? 26   LEU A CD2 1 
ATOM   208  N  N   . ASP A 1 27 ? 12.221  -15.302 4.322   1.00 4.67  ? 27   ASP A N   1 
ATOM   209  C  CA  . ASP A 1 27 ? 13.411  -15.633 5.071   1.00 6.24  ? 27   ASP A CA  1 
ATOM   210  C  C   . ASP A 1 27 ? 13.216  -16.954 5.742   1.00 5.68  ? 27   ASP A C   1 
ATOM   211  O  O   . ASP A 1 27 ? 14.170  -17.786 5.782   1.00 6.97  ? 27   ASP A O   1 
ATOM   212  C  CB  . ASP A 1 27 ? 13.678  -14.553 6.132   1.00 5.54  ? 27   ASP A CB  1 
ATOM   213  C  CG  . ASP A 1 27 ? 14.123  -13.314 5.563   1.00 8.02  ? 27   ASP A CG  1 
ATOM   214  O  OD1 . ASP A 1 27 ? 14.843  -13.276 4.539   1.00 15.28 ? 27   ASP A OD1 1 
ATOM   215  O  OD2 . ASP A 1 27 ? 13.861  -12.231 6.092   1.00 10.65 ? 27   ASP A OD2 1 
ATOM   216  N  N   . ALA A 1 28 ? 12.038  -17.252 6.312   1.00 5.82  ? 28   ALA A N   1 
ATOM   217  C  CA  . ALA A 1 28 ? 11.857  -18.536 6.944   1.00 5.78  ? 28   ALA A CA  1 
ATOM   218  C  C   . ALA A 1 28 ? 11.988  -19.659 5.947   1.00 6.31  ? 28   ALA A C   1 
ATOM   219  O  O   . ALA A 1 28 ? 12.566  -20.764 6.220   1.00 7.58  ? 28   ALA A O   1 
ATOM   220  C  CB  . ALA A 1 28 ? 10.509  -18.620 7.617   1.00 6.62  ? 28   ALA A CB  1 
ATOM   221  N  N   . ALA A 1 29 ? 11.390  -19.473 4.756   1.00 5.82  ? 29   ALA A N   1 
ATOM   222  C  CA  . ALA A 1 29 ? 11.501  -20.477 3.680   1.00 7.53  ? 29   ALA A CA  1 
ATOM   223  C  C   . ALA A 1 29 ? 12.924  -20.707 3.260   1.00 7.57  ? 29   ALA A C   1 
ATOM   224  O  O   . ALA A 1 29 ? 13.373  -21.896 3.187   1.00 8.81  ? 29   ALA A O   1 
ATOM   225  C  CB  . ALA A 1 29 ? 10.609  -20.021 2.492   1.00 7.73  ? 29   ALA A CB  1 
ATOM   226  N  N   . GLU A 1 30 ? 13.644  -19.665 2.994   1.00 8.08  ? 30   GLU A N   1 
ATOM   227  C  CA  . GLU A 1 30 ? 15.049  -19.804 2.530   1.00 10.73 ? 30   GLU A CA  1 
ATOM   228  C  C   . GLU A 1 30 ? 15.893  -20.439 3.656   1.00 11.87 ? 30   GLU A C   1 
ATOM   229  O  O   . GLU A 1 30 ? 16.744  -21.331 3.362   1.00 14.02 ? 30   GLU A O   1 
ATOM   230  C  CB  . GLU A 1 30 ? 15.605  -18.464 2.199   1.00 11.35 ? 30   GLU A CB  1 
ATOM   231  C  CG  . GLU A 1 30 ? 14.980  -17.771 0.954   1.00 14.53 ? 30   GLU A CG  1 
ATOM   232  C  CD  . GLU A 1 30 ? 15.530  -18.430 -0.304  1.00 26.16 ? 30   GLU A CD  1 
ATOM   233  O  OE1 . GLU A 1 30 ? 16.696  -18.891 -0.226  1.00 25.59 ? 30   GLU A OE1 1 
ATOM   234  O  OE2 . GLU A 1 30 ? 14.789  -18.543 -1.312  1.00 27.51 ? 30   GLU A OE2 1 
ATOM   235  N  N   . GLU A 1 31 ? 15.631  -20.137 4.912   1.00 12.24 ? 31   GLU A N   1 
ATOM   236  C  CA  . GLU A 1 31 ? 16.354  -20.733 6.032   1.00 12.55 ? 31   GLU A CA  1 
ATOM   237  C  C   . GLU A 1 31 ? 16.075  -22.254 6.031   1.00 14.29 ? 31   GLU A C   1 
ATOM   238  O  O   . GLU A 1 31 ? 17.020  -23.003 6.438   1.00 18.51 ? 31   GLU A O   1 
ATOM   239  C  CB  . GLU A 1 31 ? 15.932  -20.073 7.342   1.00 12.62 ? 31   GLU A CB  1 
ATOM   240  C  CG  . GLU A 1 31 ? 16.855  -20.448 8.475   1.00 14.85 ? 31   GLU A CG  1 
ATOM   241  C  CD  . GLU A 1 31 ? 16.461  -19.738 9.798   1.00 15.03 ? 31   GLU A CD  1 
ATOM   242  O  OE1 . GLU A 1 31 ? 17.253  -19.915 10.810  1.00 18.72 ? 31   GLU A OE1 1 
ATOM   243  O  OE2 . GLU A 1 31 ? 15.386  -19.055 9.977   1.00 14.35 ? 31   GLU A OE2 1 
ATOM   244  N  N   . GLN A 1 32 ? 14.895  -22.735 5.677   1.00 14.42 ? 32   GLN A N   1 
ATOM   245  C  CA  . GLN A 1 32 ? 14.468  -24.107 5.707   1.00 15.38 ? 32   GLN A CA  1 
ATOM   246  C  C   . GLN A 1 32 ? 14.801  -24.863 4.413   1.00 14.76 ? 32   GLN A C   1 
ATOM   247  O  O   . GLN A 1 32 ? 14.362  -26.049 4.278   1.00 17.74 ? 32   GLN A O   1 
ATOM   248  C  CB  . GLN A 1 32 ? 12.999  -24.277 6.132   1.00 14.29 ? 32   GLN A CB  1 
ATOM   249  C  CG  . GLN A 1 32 ? 12.928  -23.844 7.626   1.00 17.81 ? 32   GLN A CG  1 
ATOM   250  C  CD  . GLN A 1 32 ? 11.546  -23.683 8.130   1.00 13.09 ? 32   GLN A CD  1 
ATOM   251  O  OE1 . GLN A 1 32 ? 10.754  -24.619 8.388   1.00 18.90 ? 32   GLN A OE1 1 
ATOM   252  N  NE2 . GLN A 1 32 ? 11.152  -22.518 8.412   1.00 15.90 ? 32   GLN A NE2 1 
ATOM   253  N  N   . GLY A 1 33 ? 15.495  -24.217 3.498   1.00 11.57 ? 33   GLY A N   1 
ATOM   254  C  CA  . GLY A 1 33 ? 15.937  -24.899 2.234   1.00 12.81 ? 33   GLY A CA  1 
ATOM   255  C  C   . GLY A 1 33 ? 15.061  -24.685 1.035   1.00 10.43 ? 33   GLY A C   1 
ATOM   256  O  O   . GLY A 1 33 ? 15.343  -25.261 -0.040  1.00 11.17 ? 33   GLY A O   1 
ATOM   257  N  N   . VAL A 1 34 ? 13.979  -23.879 1.141   1.00 8.99  ? 34   VAL A N   1 
ATOM   258  C  CA  . VAL A 1 34 ? 13.111  -23.631 0.031   1.00 9.08  ? 34   VAL A CA  1 
ATOM   259  C  C   . VAL A 1 34 ? 13.652  -22.555 -0.933  1.00 11.46 ? 34   VAL A C   1 
ATOM   260  O  O   . VAL A 1 34 ? 14.208  -21.566 -0.448  1.00 14.72 ? 34   VAL A O   1 
ATOM   261  C  CB  . VAL A 1 34 ? 11.719  -23.225 0.522   1.00 9.86  ? 34   VAL A CB  1 
ATOM   262  C  CG1 . VAL A 1 34 ? 10.722  -23.088 -0.627  1.00 9.90  ? 34   VAL A CG1 1 
ATOM   263  C  CG2 . VAL A 1 34 ? 11.251  -24.217 1.559   1.00 11.97 ? 34   VAL A CG2 1 
ATOM   264  N  N   . ASP A 1 35 ? 13.630  -22.772 -2.227  1.00 11.19 ? 35   ASP A N   1 
ATOM   265  C  CA  . ASP A 1 35 ? 14.225  -21.816 -3.189  1.00 12.58 ? 35   ASP A CA  1 
ATOM   266  C  C   . ASP A 1 35 ? 13.089  -20.932 -3.779  1.00 10.96 ? 35   ASP A C   1 
ATOM   267  O  O   . ASP A 1 35 ? 12.377  -21.292 -4.718  1.00 13.00 ? 35   ASP A O   1 
ATOM   268  C  CB  . ASP A 1 35 ? 14.937  -22.661 -4.273  1.00 15.87 ? 35   ASP A CB  1 
ATOM   269  C  CG  . ASP A 1 35 ? 15.653  -21.857 -5.344  1.00 26.56 ? 35   ASP A CG  1 
ATOM   270  O  OD1 . ASP A 1 35 ? 15.734  -20.621 -5.232  1.00 29.11 ? 35   ASP A OD1 1 
ATOM   271  O  OD2 . ASP A 1 35 ? 16.142  -22.519 -6.309  1.00 29.75 ? 35   ASP A OD2 1 
ATOM   272  N  N   . LEU A 1 36 ? 12.970  -19.710 -3.222  1.00 9.51  ? 36   LEU A N   1 
ATOM   273  C  CA  . LEU A 1 36 ? 11.939  -18.737 -3.643  1.00 7.10  ? 36   LEU A CA  1 
ATOM   274  C  C   . LEU A 1 36 ? 12.599  -17.543 -4.329  1.00 6.80  ? 36   LEU A C   1 
ATOM   275  O  O   . LEU A 1 36 ? 13.762  -17.173 -3.973  1.00 9.39  ? 36   LEU A O   1 
ATOM   276  C  CB  . LEU A 1 36 ? 11.099  -18.236 -2.454  1.00 6.89  ? 36   LEU A CB  1 
ATOM   277  C  CG  . LEU A 1 36 ? 10.280  -19.324 -1.779  1.00 7.63  ? 36   LEU A CG  1 
ATOM   278  C  CD1 . LEU A 1 36 ? 9.391   -18.663 -0.722  1.00 11.41 ? 36   LEU A CD1 1 
ATOM   279  C  CD2 . LEU A 1 36 ? 9.447   -20.128 -2.719  1.00 9.78  ? 36   LEU A CD2 1 
ATOM   280  N  N   . PRO A 1 37 ? 11.914  -16.866 -5.213  1.00 5.69  ? 37   PRO A N   1 
ATOM   281  C  CA  . PRO A 1 37 ? 12.533  -15.729 -5.936  1.00 6.28  ? 37   PRO A CA  1 
ATOM   282  C  C   . PRO A 1 37 ? 12.574  -14.470 -5.108  1.00 4.69  ? 37   PRO A C   1 
ATOM   283  O  O   . PRO A 1 37 ? 11.623  -14.129 -4.368  1.00 5.43  ? 37   PRO A O   1 
ATOM   284  C  CB  . PRO A 1 37 ? 11.603  -15.578 -7.156  1.00 7.06  ? 37   PRO A CB  1 
ATOM   285  C  CG  . PRO A 1 37 ? 10.229  -16.041 -6.655  1.00 7.68  ? 37   PRO A CG  1 
ATOM   286  C  CD  . PRO A 1 37 ? 10.582  -17.207 -5.739  1.00 6.29  ? 37   PRO A CD  1 
ATOM   287  N  N   . TYR A 1 38 ? 13.628  -13.698 -5.271  1.00 5.13  ? 38   TYR A N   1 
ATOM   288  C  CA  . TYR A 1 38 ? 13.718  -12.372 -4.691  1.00 5.01  ? 38   TYR A CA  1 
ATOM   289  C  C   . TYR A 1 38 ? 14.818  -11.588 -5.356  1.00 5.36  ? 38   TYR A C   1 
ATOM   290  O  O   . TYR A 1 38 ? 15.801  -12.194 -5.942  1.00 5.73  ? 38   TYR A O   1 
ATOM   291  C  CB  . TYR A 1 38 ? 13.993  -12.459 -3.122  1.00 6.35  ? 38   TYR A CB  1 
ATOM   292  C  CG  . TYR A 1 38 ? 15.302  -13.079 -2.791  1.00 7.39  ? 38   TYR A CG  1 
ATOM   293  C  CD1 . TYR A 1 38 ? 15.392  -14.439 -2.647  1.00 9.35  ? 38   TYR A CD1 1 
ATOM   294  C  CD2 . TYR A 1 38 ? 16.483  -12.348 -2.607  1.00 9.79  ? 38   TYR A CD2 1 
ATOM   295  C  CE1 . TYR A 1 38 ? 16.615  -15.123 -2.352  1.00 13.22 ? 38   TYR A CE1 1 
ATOM   296  C  CE2 . TYR A 1 38 ? 17.734  -13.052 -2.327  1.00 11.64 ? 38   TYR A CE2 1 
ATOM   297  C  CZ  . TYR A 1 38 ? 17.666  -14.389 -2.205  1.00 11.80 ? 38   TYR A CZ  1 
ATOM   298  O  OH  . TYR A 1 38 ? 18.982  -14.990 -1.913  1.00 21.07 ? 38   TYR A OH  1 
ATOM   299  N  N   . SER A 1 39 ? 14.775  -10.293 -5.220  1.00 5.74  ? 39   SER A N   1 
ATOM   300  C  CA  . SER A 1 39 ? 15.887  -9.426  -5.753  1.00 8.46  ? 39   SER A CA  1 
ATOM   301  C  C   . SER A 1 39 ? 16.134  -8.328  -4.723  1.00 8.81  ? 39   SER A C   1 
ATOM   302  O  O   . SER A 1 39 ? 17.080  -8.432  -3.816  1.00 12.91 ? 39   SER A O   1 
ATOM   303  C  CB  . SER A 1 39 ? 15.587  -8.930  -7.157  1.00 8.52  ? 39   SER A CB  1 
ATOM   304  O  OG  . SER A 1 39 ? 14.364  -8.214  -7.249  1.00 8.51  ? 39   SER A OG  1 
ATOM   305  N  N   . CYS A 1 40 ? 15.286  -7.317  -4.593  1.00 7.13  ? 40   CYS A N   1 
ATOM   306  C  CA  . CYS A 1 40 ? 15.561  -6.194  -3.691  1.00 8.45  ? 40   CYS A CA  1 
ATOM   307  C  C   . CYS A 1 40 ? 15.477  -6.541  -2.222  1.00 8.13  ? 40   CYS A C   1 
ATOM   308  O  O   . CYS A 1 40 ? 16.193  -5.974  -1.368  1.00 9.87  ? 40   CYS A O   1 
ATOM   309  C  CB  . CYS A 1 40 ? 14.598  -5.037  -4.041  1.00 8.55  ? 40   CYS A CB  1 
ATOM   310  S  SG  . CYS A 1 40 ? 12.921  -5.086  -3.373  1.00 6.58  ? 40   CYS A SG  1 
ATOM   311  N  N   . ARG A 1 41 ? 14.616  -7.516  -1.867  1.00 8.40  ? 41   ARG A N   1 
ATOM   312  C  CA  . ARG A 1 41 ? 14.401  -7.928  -0.468  1.00 8.76  ? 41   ARG A CA  1 
ATOM   313  C  C   . ARG A 1 41 ? 13.983  -6.787  0.390   1.00 8.88  ? 41   ARG A C   1 
ATOM   314  O  O   . ARG A 1 41 ? 14.154  -6.859  1.646   1.00 10.86 ? 41   ARG A O   1 
ATOM   315  C  CB  . ARG A 1 41 ? 15.579  -8.775  0.100   1.00 10.99 ? 41   ARG A CB  1 
ATOM   316  C  CG  . ARG A 1 41 ? 15.142  -10.142 0.832   1.00 11.88 ? 41   ARG A CG  1 
ATOM   317  C  CD  . ARG A 1 41 ? 16.379  -10.841 1.372   1.00 13.26 ? 41   ARG A CD  1 
ATOM   318  N  NE  . ARG A 1 41 ? 16.076  -11.989 2.180   1.00 12.42 ? 41   ARG A NE  1 
ATOM   319  C  CZ  . ARG A 1 41 ? 16.459  -13.216 1.848   1.00 14.85 ? 41   ARG A CZ  1 
ATOM   320  N  NH1 . ARG A 1 41 ? 17.125  -13.551 0.752   1.00 15.62 ? 41   ARG A NH1 1 
ATOM   321  N  NH2 . ARG A 1 41 ? 16.175  -14.193 2.699   1.00 17.13 ? 41   ARG A NH2 1 
ATOM   322  N  N   . ALA A 1 42 ? 13.355  -5.752  -0.157  1.00 7.92  ? 42   ALA A N   1 
ATOM   323  C  CA  . ALA A 1 42 ? 12.976  -4.587  0.637   1.00 10.25 ? 42   ALA A CA  1 
ATOM   324  C  C   . ALA A 1 42 ? 11.550  -4.123  0.377   1.00 8.25  ? 42   ALA A C   1 
ATOM   325  O  O   . ALA A 1 42 ? 11.227  -3.021  0.815   1.00 11.46 ? 42   ALA A O   1 
ATOM   326  C  CB  . ALA A 1 42 ? 13.986  -3.468  0.445   1.00 13.39 ? 42   ALA A CB  1 
ATOM   327  N  N   . GLY A 1 43 ? 10.719  -4.830  -0.361  1.00 8.03  ? 43   GLY A N   1 
ATOM   328  C  CA  . GLY A 1 43 ? 9.334   -4.512  -0.550  1.00 8.12  ? 43   GLY A CA  1 
ATOM   329  C  C   . GLY A 1 43 ? 9.078   -3.510  -1.659  1.00 6.85  ? 43   GLY A C   1 
ATOM   330  O  O   . GLY A 1 43 ? 7.982   -2.974  -1.674  1.00 8.50  ? 43   GLY A O   1 
ATOM   331  N  N   . ALA A 1 44 ? 10.044  -3.263  -2.537  1.00 7.24  ? 44   ALA A N   1 
ATOM   332  C  CA  . ALA A 1 44 ? 9.906   -2.231  -3.512  1.00 8.21  ? 44   ALA A CA  1 
ATOM   333  C  C   . ALA A 1 44 ? 9.855   -2.745  -4.922  1.00 9.68  ? 44   ALA A C   1 
ATOM   334  O  O   . ALA A 1 44 ? 10.152  -1.960  -5.915  1.00 13.45 ? 44   ALA A O   1 
ATOM   335  C  CB  . ALA A 1 44 ? 11.110  -1.286  -3.394  1.00 11.43 ? 44   ALA A CB  1 
ATOM   336  N  N   . CYS A 1 45 ? 9.598   -3.999  -5.189  1.00 7.73  ? 45   CYS A N   1 
ATOM   337  C  CA  . CYS A 1 45 ? 9.510   -4.557  -6.503  1.00 7.60  ? 45   CYS A CA  1 
ATOM   338  C  C   . CYS A 1 45 ? 8.491   -5.738  -6.467  1.00 7.74  ? 45   CYS A C   1 
ATOM   339  O  O   . CYS A 1 45 ? 7.699   -5.857  -5.452  1.00 9.24  ? 45   CYS A O   1 
ATOM   340  C  CB  . CYS A 1 45 ? 10.878  -4.974  -7.053  1.00 9.27  ? 45   CYS A CB  1 
ATOM   341  S  SG  . CYS A 1 45 ? 11.536  -6.636  -6.490  1.00 6.45  ? 45   CYS A SG  1 
ATOM   342  N  N   . SER A 1 46 ? 8.368   -6.482  -7.523  1.00 8.16  ? 46   SER A N   1 
ATOM   343  C  CA  . SER A 1 46 ? 7.426   -7.584  -7.506  1.00 8.55  ? 46   SER A CA  1 
ATOM   344  C  C   . SER A 1 46 ? 8.086   -8.938  -7.635  1.00 6.12  ? 46   SER A C   1 
ATOM   345  O  O   . SER A 1 46 ? 7.396   -9.922  -7.785  1.00 6.98  ? 46   SER A O   1 
ATOM   346  C  CB  . SER A 1 46 ? 6.383   -7.396  -8.634  1.00 10.79 ? 46   SER A CB  1 
ATOM   347  O  OG  . SER A 1 46 ? 6.993   -7.188  -9.907  1.00 13.44 ? 46   SER A OG  1 
ATOM   348  N  N   . THR A 1 47 ? 9.437   -9.013  -7.533  1.00 6.50  ? 47   THR A N   1 
ATOM   349  C  CA  . THR A 1 47 ? 10.116  -10.277 -7.823  1.00 6.60  ? 47   THR A CA  1 
ATOM   350  C  C   . THR A 1 47 ? 9.598   -11.417 -6.927  1.00 5.78  ? 47   THR A C   1 
ATOM   351  O  O   . THR A 1 47 ? 9.436   -12.563 -7.373  1.00 6.79  ? 47   THR A O   1 
ATOM   352  C  CB  . THR A 1 47 ? 11.627  -10.173 -7.623  1.00 5.48  ? 47   THR A CB  1 
ATOM   353  O  OG1 . THR A 1 47 ? 12.059  -9.171  -8.574  1.00 6.99  ? 47   THR A OG1 1 
ATOM   354  C  CG2 . THR A 1 47 ? 12.352  -11.485 -7.902  1.00 6.90  ? 47   THR A CG2 1 
ATOM   355  N  N   . CYS A 1 48 ? 9.425   -11.110 -5.640  1.00 5.50  ? 48   CYS A N   1 
ATOM   356  C  CA  . CYS A 1 48 ? 9.061   -12.129 -4.633  1.00 5.28  ? 48   CYS A CA  1 
ATOM   357  C  C   . CYS A 1 48 ? 7.584   -12.260 -4.491  1.00 5.33  ? 48   CYS A C   1 
ATOM   358  O  O   . CYS A 1 48 ? 7.108   -12.892 -3.476  1.00 5.62  ? 48   CYS A O   1 
ATOM   359  C  CB  . CYS A 1 48 ? 9.713   -11.709 -3.279  1.00 5.33  ? 48   CYS A CB  1 
ATOM   360  S  SG  . CYS A 1 48 ? 8.861   -10.223 -2.654  1.00 4.39  ? 48   CYS A SG  1 
ATOM   361  N  N   . ALA A 1 49 ? 6.759   -11.757 -5.384  1.00 4.83  ? 49   ALA A N   1 
ATOM   362  C  CA  . ALA A 1 49 ? 5.306   -11.777 -5.203  1.00 5.18  ? 49   ALA A CA  1 
ATOM   363  C  C   . ALA A 1 49 ? 4.812   -13.168 -5.014  1.00 4.78  ? 49   ALA A C   1 
ATOM   364  O  O   . ALA A 1 49 ? 5.204   -14.113 -5.717  1.00 4.96  ? 49   ALA A O   1 
ATOM   365  C  CB  . ALA A 1 49 ? 4.649   -11.147 -6.403  1.00 6.11  ? 49   ALA A CB  1 
ATOM   366  N  N   . GLY A 1 50 ? 3.872   -13.309 -4.076  1.00 4.89  ? 50   GLY A N   1 
ATOM   367  C  CA  . GLY A 1 50 ? 3.098   -14.491 -3.893  1.00 5.26  ? 50   GLY A CA  1 
ATOM   368  C  C   . GLY A 1 50 ? 1.610   -14.102 -3.828  1.00 4.75  ? 50   GLY A C   1 
ATOM   369  O  O   . GLY A 1 50 ? 1.264   -12.930 -3.873  1.00 4.88  ? 50   GLY A O   1 
ATOM   370  N  N   . LYS A 1 51 ? 0.754   -15.124 -3.692  1.00 5.18  ? 51   LYS A N   1 
ATOM   371  C  CA  . LYS A 1 51 ? -0.664  -14.860 -3.559  1.00 5.33  ? 51   LYS A CA  1 
ATOM   372  C  C   . LYS A 1 51 ? -1.243  -15.682 -2.393  1.00 5.64  ? 51   LYS A C   1 
ATOM   373  O  O   . LYS A 1 51 ? -1.066  -16.893 -2.371  1.00 6.07  ? 51   LYS A O   1 
ATOM   374  C  CB  . LYS A 1 51 ? -1.444  -15.088 -4.768  1.00 7.21  ? 51   LYS A CB  1 
ATOM   375  C  CG  . LYS A 1 51 ? -2.805  -14.364 -4.699  1.00 9.72  ? 51   LYS A CG  1 
ATOM   376  C  CD  . LYS A 1 51 ? -3.720  -14.669 -5.829  1.00 12.48 ? 51   LYS A CD  1 
ATOM   377  C  CE  . LYS A 1 51 ? -4.333  -16.087 -5.572  1.00 16.74 ? 51   LYS A CE  1 
ATOM   378  N  NZ  . LYS A 1 51 ? -5.548  -16.169 -4.555  1.00 17.15 ? 51   LYS A NZ  1 
ATOM   379  N  N   . LEU A 1 52 ? -1.875  -15.004 -1.443  1.00 5.52  ? 52   LEU A N   1 
ATOM   380  C  CA  . LEU A 1 52 ? -2.557  -15.698 -0.379  1.00 5.32  ? 52   LEU A CA  1 
ATOM   381  C  C   . LEU A 1 52 ? -3.752  -16.464 -0.929  1.00 5.91  ? 52   LEU A C   1 
ATOM   382  O  O   . LEU A 1 52 ? -4.608  -15.879 -1.670  1.00 9.93  ? 52   LEU A O   1 
ATOM   383  C  CB  . LEU A 1 52 ? -3.126  -14.701 0.653   1.00 6.80  ? 52   LEU A CB  1 
ATOM   384  C  CG  . LEU A 1 52 ? -2.107  -14.217 1.615   1.00 8.24  ? 52   LEU A CG  1 
ATOM   385  C  CD1 . LEU A 1 52 ? -2.559  -12.949 2.283   1.00 8.14  ? 52   LEU A CD1 1 
ATOM   386  C  CD2 . LEU A 1 52 ? -1.682  -15.255 2.618   1.00 8.50  ? 52   LEU A CD2 1 
ATOM   387  N  N   . VAL A 1 53 ? -3.867  -17.726 -0.699  1.00 6.61  ? 53   VAL A N   1 
ATOM   388  C  CA  . VAL A 1 53 ? -5.090  -18.513 -0.920  1.00 6.67  ? 53   VAL A CA  1 
ATOM   389  C  C   . VAL A 1 53 ? -5.866  -18.500 0.359   1.00 6.49  ? 53   VAL A C   1 
ATOM   390  O  O   . VAL A 1 53 ? -7.158  -18.439 0.338   1.00 8.52  ? 53   VAL A O   1 
ATOM   391  C  CB  . VAL A 1 53 ? -4.629  -19.905 -1.314  1.00 7.25  ? 53   VAL A CB  1 
ATOM   392  C  CG1 . VAL A 1 53 ? -5.868  -20.914 -1.237  1.00 9.72  ? 53   VAL A CG1 1 
ATOM   393  C  CG2 . VAL A 1 53 ? -3.996  -19.876 -2.709  1.00 10.62 ? 53   VAL A CG2 1 
ATOM   394  N  N   . LYS A 1 54 ? -5.201  -18.573 1.532   1.00 6.98  ? 54   LYS A N   1 
ATOM   395  C  CA  . LYS A 1 54 ? -5.851  -18.535 2.822   1.00 6.96  ? 54   LYS A CA  1 
ATOM   396  C  C   . LYS A 1 54 ? -4.854  -17.902 3.754   1.00 5.80  ? 54   LYS A C   1 
ATOM   397  O  O   . LYS A 1 54 ? -3.625  -18.137 3.679   1.00 6.26  ? 54   LYS A O   1 
ATOM   398  C  CB  . LYS A 1 54 ? -6.194  -19.933 3.327   1.00 9.86  ? 54   LYS A CB  1 
ATOM   399  C  CG  . LYS A 1 54 ? -6.557  -20.101 4.792   1.00 15.05 ? 54   LYS A CG  1 
ATOM   400  C  CD  . LYS A 1 54 ? -7.737  -20.990 5.047   1.00 20.61 ? 54   LYS A CD  1 
ATOM   401  C  CE  . LYS A 1 54 ? -8.493  -20.544 6.364   1.00 21.49 ? 54   LYS A CE  1 
ATOM   402  N  NZ  . LYS A 1 54 ? -10.066 -20.489 6.075   1.00 24.73 ? 54   LYS A NZ  1 
ATOM   403  N  N   . GLY A 1 55 ? -5.364  -17.083 4.674   1.00 6.42  ? 55   GLY A N   1 
ATOM   404  C  CA  . GLY A 1 55 ? -4.522  -16.507 5.747   1.00 6.83  ? 55   GLY A CA  1 
ATOM   405  C  C   . GLY A 1 55 ? -4.338  -15.060 5.618   1.00 5.08  ? 55   GLY A C   1 
ATOM   406  O  O   . GLY A 1 55 ? -4.918  -14.365 4.780   1.00 7.88  ? 55   GLY A O   1 
ATOM   407  N  N   . SER A 1 56 ? -3.432  -14.551 6.462   1.00 5.41  ? 56   SER A N   1 
ATOM   408  C  CA  . SER A 1 56 ? -3.175  -13.104 6.535   1.00 5.92  ? 56   SER A CA  1 
ATOM   409  C  C   . SER A 1 56 ? -1.708  -12.842 6.847   1.00 4.39  ? 56   SER A C   1 
ATOM   410  O  O   . SER A 1 56 ? -1.036  -13.695 7.452   1.00 5.36  ? 56   SER A O   1 
ATOM   411  C  CB  . SER A 1 56 ? -4.061  -12.437 7.598   1.00 6.32  ? 56   SER A CB  1 
ATOM   412  O  OG  . SER A 1 56 ? -3.854  -12.961 8.865   1.00 7.83  ? 56   SER A OG  1 
ATOM   413  N  N   . VAL A 1 57 ? -1.243  -11.683 6.413   1.00 4.63  ? 57   VAL A N   1 
ATOM   414  C  CA  . VAL A 1 57 ? 0.121   -11.230 6.689   1.00 4.72  ? 57   VAL A CA  1 
ATOM   415  C  C   . VAL A 1 57 ? 0.093   -9.787  7.064   1.00 5.27  ? 57   VAL A C   1 
ATOM   416  O  O   . VAL A 1 57 ? -0.881  -9.048  6.797   1.00 6.99  ? 57   VAL A O   1 
ATOM   417  C  CB  . VAL A 1 57 ? 1.047   -11.410 5.470   1.00 5.50  ? 57   VAL A CB  1 
ATOM   418  C  CG1 . VAL A 1 57 ? 1.114   -12.898 5.016   1.00 6.54  ? 57   VAL A CG1 1 
ATOM   419  C  CG2 . VAL A 1 57 ? 0.682   -10.470 4.335   1.00 5.88  ? 57   VAL A CG2 1 
ATOM   420  N  N   . ASP A 1 58 ? 1.162   -9.353  7.728   1.00 5.09  ? 58   ASP A N   1 
ATOM   421  C  CA  . ASP A 1 58 ? 1.502   -8.022  7.921   1.00 5.83  ? 58   ASP A CA  1 
ATOM   422  C  C   . ASP A 1 58 ? 2.680   -7.706  6.963   1.00 5.60  ? 58   ASP A C   1 
ATOM   423  O  O   . ASP A 1 58 ? 3.812   -8.082  7.200   1.00 5.85  ? 58   ASP A O   1 
ATOM   424  C  CB  . ASP A 1 58 ? 1.900   -7.751  9.384   1.00 8.28  ? 58   ASP A CB  1 
ATOM   425  C  CG  . ASP A 1 58 ? 2.579   -6.402  9.575   1.00 12.00 ? 58   ASP A CG  1 
ATOM   426  O  OD1 . ASP A 1 58 ? 2.448   -5.480  8.733   1.00 11.33 ? 58   ASP A OD1 1 
ATOM   427  O  OD2 . ASP A 1 58 ? 3.257   -6.291  10.700  1.00 17.17 ? 58   ASP A OD2 1 
ATOM   428  N  N   . GLN A 1 59 ? 2.343   -6.948  5.882   1.00 5.93  ? 59   GLN A N   1 
ATOM   429  C  CA  . GLN A 1 59 ? 3.402   -6.580  4.902   1.00 6.43  ? 59   GLN A CA  1 
ATOM   430  C  C   . GLN A 1 59 ? 3.433   -5.077  4.839   1.00 6.52  ? 59   GLN A C   1 
ATOM   431  O  O   . GLN A 1 59 ? 3.666   -4.468  3.766   1.00 7.38  ? 59   GLN A O   1 
ATOM   432  C  CB  . GLN A 1 59 ? 3.099   -7.223  3.564   1.00 7.21  ? 59   GLN A CB  1 
ATOM   433  C  CG  . GLN A 1 59 ? 1.777   -6.778  2.918   1.00 6.60  ? 59   GLN A CG  1 
ATOM   434  C  CD  . GLN A 1 59 ? 1.582   -7.394  1.507   1.00 6.58  ? 59   GLN A CD  1 
ATOM   435  O  OE1 . GLN A 1 59 ? 0.405   -7.502  1.038   1.00 10.05 ? 59   GLN A OE1 1 
ATOM   436  N  NE2 . GLN A 1 59 ? 2.617   -7.703  0.808   1.00 5.67  ? 59   GLN A NE2 1 
ATOM   437  N  N   . SER A 1 60 ? 3.300   -4.428  5.983   1.00 8.11  ? 60   SER A N   1 
ATOM   438  C  CA  . SER A 1 60 ? 3.193   -2.997  5.974   1.00 9.72  ? 60   SER A CA  1 
ATOM   439  C  C   . SER A 1 60 ? 4.453   -2.283  5.509   1.00 9.39  ? 60   SER A C   1 
ATOM   440  O  O   . SER A 1 60 ? 4.349   -1.080  5.096   1.00 12.81 ? 60   SER A O   1 
ATOM   441  C  CB  . SER A 1 60 ? 2.792   -2.412  7.323   1.00 13.18 ? 60   SER A CB  1 
ATOM   442  O  OG  . SER A 1 60 ? 3.696   -2.793  8.320   1.00 17.93 ? 60   SER A OG  1 
ATOM   443  N  N   . ASP A 1 61 ? 5.619   -2.906  5.462   1.00 10.43 ? 61   ASP A N   1 
ATOM   444  C  CA  . ASP A 1 61 ? 6.767   -2.221  4.859   1.00 12.54 ? 61   ASP A CA  1 
ATOM   445  C  C   . ASP A 1 61 ? 6.775   -2.203  3.371   1.00 12.30 ? 61   ASP A C   1 
ATOM   446  O  O   . ASP A 1 61 ? 7.674   -1.535  2.779   1.00 14.40 ? 61   ASP A O   1 
ATOM   447  C  CB  . ASP A 1 61 ? 8.100   -2.757  5.325   1.00 14.87 ? 61   ASP A CB  1 
ATOM   448  C  CG  . ASP A 1 61 ? 8.491   -2.285  6.760   1.00 23.63 ? 61   ASP A CG  1 
ATOM   449  O  OD1 . ASP A 1 61 ? 7.925   -1.301  7.279   1.00 28.15 ? 61   ASP A OD1 1 
ATOM   450  O  OD2 . ASP A 1 61 ? 9.364   -2.945  7.377   1.00 29.52 ? 61   ASP A OD2 1 
ATOM   451  N  N   . GLN A 1 62 ? 5.879   -2.948  2.722   1.00 8.78  ? 62   GLN A N   1 
ATOM   452  C  CA  . GLN A 1 62 ? 5.855   -3.013  1.289   1.00 8.11  ? 62   GLN A CA  1 
ATOM   453  C  C   . GLN A 1 62 ? 5.469   -1.649  0.693   1.00 9.50  ? 62   GLN A C   1 
ATOM   454  O  O   . GLN A 1 62 ? 4.681   -0.861  1.315   1.00 11.60 ? 62   GLN A O   1 
ATOM   455  C  CB  . GLN A 1 62 ? 4.907   -4.116  0.810   1.00 9.93  ? 62   GLN A CB  1 
ATOM   456  C  CG  . GLN A 1 62 ? 3.412   -3.802  0.800   1.00 8.16  ? 62   GLN A CG  1 
ATOM   457  C  CD  . GLN A 1 62 ? 2.971   -3.232  -0.538  1.00 7.75  ? 62   GLN A CD  1 
ATOM   458  O  OE1 . GLN A 1 62 ? 3.620   -3.466  -1.583  1.00 7.47  ? 62   GLN A OE1 1 
ATOM   459  N  NE2 . GLN A 1 62 ? 1.942   -2.416  -0.529  1.00 9.23  ? 62   GLN A NE2 1 
ATOM   460  N  N   . SER A 1 63 ? 5.979   -1.360  -0.482  1.00 8.64  ? 63   SER A N   1 
ATOM   461  C  CA  . SER A 1 63 ? 5.733   -0.078  -1.113  1.00 9.91  ? 63   SER A CA  1 
ATOM   462  C  C   . SER A 1 63 ? 5.427   -0.221  -2.524  1.00 9.54  ? 63   SER A C   1 
ATOM   463  O  O   . SER A 1 63 ? 5.433   0.834   -3.213  1.00 12.13 ? 63   SER A O   1 
ATOM   464  C  CB  . SER A 1 63 ? 6.902   0.874   -0.874  1.00 13.00 ? 63   SER A CB  1 
ATOM   465  O  OG  . SER A 1 63 ? 8.142   0.352   -1.437  1.00 13.23 ? 63   SER A OG  1 
ATOM   466  N  N   . PHE A 1 64 ? 5.102   -1.353  -3.045  1.00 8.01  ? 64   PHE A N   1 
ATOM   467  C  CA  . PHE A 1 64 ? 4.913   -1.595  -4.451  1.00 7.99  ? 64   PHE A CA  1 
ATOM   468  C  C   . PHE A 1 64 ? 3.537   -1.955  -4.863  1.00 8.46  ? 64   PHE A C   1 
ATOM   469  O  O   . PHE A 1 64 ? 3.038   -1.536  -5.931  1.00 10.47 ? 64   PHE A O   1 
ATOM   470  C  CB  . PHE A 1 64 ? 5.945   -2.673  -4.857  1.00 10.07 ? 64   PHE A CB  1 
ATOM   471  C  CG  . PHE A 1 64 ? 5.943   -2.953  -6.334  1.00 11.84 ? 64   PHE A CG  1 
ATOM   472  C  CD1 . PHE A 1 64 ? 6.726   -2.217  -7.164  1.00 16.88 ? 64   PHE A CD1 1 
ATOM   473  C  CD2 . PHE A 1 64 ? 5.048   -3.872  -6.867  1.00 15.31 ? 64   PHE A CD2 1 
ATOM   474  C  CE1 . PHE A 1 64 ? 6.726   -2.489  -8.586  1.00 18.37 ? 64   PHE A CE1 1 
ATOM   475  C  CE2 . PHE A 1 64 ? 4.967   -4.145  -8.272  1.00 20.79 ? 64   PHE A CE2 1 
ATOM   476  C  CZ  . PHE A 1 64 ? 5.865   -3.430  -9.107  1.00 18.50 ? 64   PHE A CZ  1 
ATOM   477  N  N   . LEU A 1 65 ? 2.820   -2.836  -4.133  1.00 7.39  ? 65   LEU A N   1 
ATOM   478  C  CA  . LEU A 1 65 ? 1.519   -3.336  -4.497  1.00 7.10  ? 65   LEU A CA  1 
ATOM   479  C  C   . LEU A 1 65 ? 0.441   -2.273  -4.252  1.00 6.92  ? 65   LEU A C   1 
ATOM   480  O  O   . LEU A 1 65 ? 0.387   -1.713  -3.163  1.00 8.61  ? 65   LEU A O   1 
ATOM   481  C  CB  . LEU A 1 65 ? 1.144   -4.593  -3.734  1.00 6.44  ? 65   LEU A CB  1 
ATOM   482  C  CG  . LEU A 1 65 ? 2.113   -5.776  -3.990  1.00 6.80  ? 65   LEU A CG  1 
ATOM   483  C  CD1 . LEU A 1 65 ? 1.684   -6.912  -3.012  1.00 7.57  ? 65   LEU A CD1 1 
ATOM   484  C  CD2 . LEU A 1 65 ? 2.033   -6.283  -5.467  1.00 8.99  ? 65   LEU A CD2 1 
ATOM   485  N  N   . ASP A 1 66 ? -0.455  -2.092  -5.223  1.00 7.64  ? 66   ASP A N   1 
ATOM   486  C  CA  . ASP A 1 66 ? -1.574  -1.128  -5.051  1.00 8.72  ? 66   ASP A CA  1 
ATOM   487  C  C   . ASP A 1 66 ? -2.723  -1.783  -4.289  1.00 8.52  ? 66   ASP A C   1 
ATOM   488  O  O   . ASP A 1 66 ? -2.714  -2.975  -3.960  1.00 8.02  ? 66   ASP A O   1 
ATOM   489  C  CB  . ASP A 1 66 ? -2.006  -0.525  -6.382  1.00 9.91  ? 66   ASP A CB  1 
ATOM   490  C  CG  . ASP A 1 66 ? -2.696  -1.473  -7.295  1.00 13.45 ? 66   ASP A CG  1 
ATOM   491  O  OD1 . ASP A 1 66 ? -3.431  -2.376  -6.928  1.00 13.35 ? 66   ASP A OD1 1 
ATOM   492  O  OD2 . ASP A 1 66 ? -2.584  -1.291  -8.576  1.00 19.03 ? 66   ASP A OD2 1 
ATOM   493  N  N   . GLU A 1 67 ? -3.804  -1.002  -4.065  1.00 8.51  ? 67   GLU A N   1 
ATOM   494  C  CA  . GLU A 1 67 ? -4.863  -1.533  -3.190  1.00 8.80  ? 67   GLU A CA  1 
ATOM   495  C  C   . GLU A 1 67 ? -5.626  -2.686  -3.854  1.00 9.26  ? 67   GLU A C   1 
ATOM   496  O  O   . GLU A 1 67 ? -6.100  -3.595  -3.152  1.00 9.11  ? 67   GLU A O   1 
ATOM   497  C  CB  . GLU A 1 67 ? -5.881  -0.430  -2.789  1.00 9.73  ? 67   GLU A CB  1 
ATOM   498  C  CG  . GLU A 1 67 ? -5.219  0.715   -1.999  1.00 9.87  ? 67   GLU A CG  1 
ATOM   499  C  CD  . GLU A 1 67 ? -6.245  1.731   -1.506  1.00 9.24  ? 67   GLU A CD  1 
ATOM   500  O  OE1 . GLU A 1 67 ? -7.346  1.809   -2.113  1.00 11.50 ? 67   GLU A OE1 1 
ATOM   501  O  OE2 . GLU A 1 67 ? -5.904  2.463   -0.539  1.00 10.57 ? 67   GLU A OE2 1 
ATOM   502  N  N   . ASP A 1 68 ? -5.770  -2.625  -5.146  1.00 9.20  ? 68   ASP A N   1 
ATOM   503  C  CA  . ASP A 1 68 ? -6.497  -3.713  -5.809  1.00 10.70 ? 68   ASP A CA  1 
ATOM   504  C  C   . ASP A 1 68 ? -5.710  -5.037  -5.783  1.00 8.80  ? 68   ASP A C   1 
ATOM   505  O  O   . ASP A 1 68 ? -6.243  -6.097  -5.594  1.00 9.96  ? 68   ASP A O   1 
ATOM   506  C  CB  . ASP A 1 68 ? -6.828  -3.342  -7.288  1.00 14.20 ? 68   ASP A CB  1 
ATOM   507  C  CG  . ASP A 1 68 ? -7.803  -2.138  -7.398  1.00 17.94 ? 68   ASP A CG  1 
ATOM   508  O  OD1 . ASP A 1 68 ? -8.732  -2.101  -6.554  1.00 24.30 ? 68   ASP A OD1 1 
ATOM   509  O  OD2 . ASP A 1 68 ? -7.548  -1.250  -8.261  1.00 26.74 ? 68   ASP A OD2 1 
ATOM   510  N  N   . GLN A 1 69 ? -4.386  -4.889  -6.004  1.00 8.49  ? 69   GLN A N   1 
ATOM   511  C  CA  . GLN A 1 69 ? -3.492  -6.065  -5.906  1.00 8.20  ? 69   GLN A CA  1 
ATOM   512  C  C   . GLN A 1 69 ? -3.557  -6.651  -4.524  1.00 6.75  ? 69   GLN A C   1 
ATOM   513  O  O   . GLN A 1 69 ? -3.670  -7.865  -4.325  1.00 7.97  ? 69   GLN A O   1 
ATOM   514  C  CB  . GLN A 1 69 ? -2.114  -5.687  -6.273  1.00 8.08  ? 69   GLN A CB  1 
ATOM   515  C  CG  . GLN A 1 69 ? -1.976  -5.365  -7.806  1.00 10.86 ? 69   GLN A CG  1 
ATOM   516  C  CD  . GLN A 1 69 ? -0.766  -4.587  -8.144  1.00 8.84  ? 69   GLN A CD  1 
ATOM   517  O  OE1 . GLN A 1 69 ? -0.130  -3.884  -7.432  1.00 10.50 ? 69   GLN A OE1 1 
ATOM   518  N  NE2 . GLN A 1 69 ? -0.414  -4.755  -9.457  1.00 15.07 ? 69   GLN A NE2 1 
ATOM   519  N  N   . ILE A 1 70 ? -3.487  -5.816  -3.513  1.00 6.49  ? 70   ILE A N   1 
ATOM   520  C  CA  . ILE A 1 70 ? -3.606  -6.325  -2.117  1.00 6.23  ? 70   ILE A CA  1 
ATOM   521  C  C   . ILE A 1 70 ? -4.937  -7.025  -1.919  1.00 6.43  ? 70   ILE A C   1 
ATOM   522  O  O   . ILE A 1 70 ? -4.984  -8.050  -1.269  1.00 7.06  ? 70   ILE A O   1 
ATOM   523  C  CB  . ILE A 1 70 ? -3.357  -5.211  -1.124  1.00 8.08  ? 70   ILE A CB  1 
ATOM   524  C  CG1 . ILE A 1 70 ? -1.945  -4.701  -1.231  1.00 10.51 ? 70   ILE A CG1 1 
ATOM   525  C  CG2 . ILE A 1 70 ? -3.593  -5.704  0.341   1.00 9.26  ? 70   ILE A CG2 1 
ATOM   526  C  CD1 . ILE A 1 70 ? -1.026  -5.476  -0.656  1.00 16.31 ? 70   ILE A CD1 1 
ATOM   527  N  N   . SER A 1 71 ? -6.012  -6.390  -2.388  1.00 7.48  ? 71   SER A N   1 
ATOM   528  C  CA  . SER A 1 71 ? -7.345  -6.980  -2.190  1.00 8.16  ? 71   SER A CA  1 
ATOM   529  C  C   . SER A 1 71 ? -7.453  -8.381  -2.772  1.00 9.19  ? 71   SER A C   1 
ATOM   530  O  O   . SER A 1 71 ? -8.185  -9.246  -2.267  1.00 11.11 ? 71   SER A O   1 
ATOM   531  C  CB  . SER A 1 71 ? -8.416  -6.073  -2.763  1.00 11.53 ? 71   SER A CB  1 
ATOM   532  O  OG  . SER A 1 71 ? -8.573  -6.119  -4.168  1.00 19.87 ? 71   SER A OG  1 
ATOM   533  N  N   . LYS A 1 72 ? -6.794  -8.627  -3.871  1.00 8.38  ? 72   LYS A N   1 
ATOM   534  C  CA  . LYS A 1 72 ? -6.834  -9.966  -4.502  1.00 9.47  ? 72   LYS A CA  1 
ATOM   535  C  C   . LYS A 1 72 ? -6.042  -11.018 -3.758  1.00 8.82  ? 72   LYS A C   1 
ATOM   536  O  O   . LYS A 1 72 ? -6.123  -12.212 -4.110  1.00 12.61 ? 72   LYS A O   1 
ATOM   537  C  CB  . LYS A 1 72 ? -6.289  -9.839  -5.876  1.00 11.07 ? 72   LYS A CB  1 
ATOM   538  C  CG  . LYS A 1 72 ? -7.262  -9.138  -6.812  1.00 12.56 ? 72   LYS A CG  1 
ATOM   539  C  CD  . LYS A 1 72 ? -6.619  -8.813  -8.143  1.00 15.03 ? 72   LYS A CD  1 
ATOM   540  C  CE  . LYS A 1 72 ? -7.671  -8.111  -9.107  1.00 22.34 ? 72   LYS A CE  1 
ATOM   541  N  NZ  . LYS A 1 72 ? -7.017  -7.399  -10.250 1.00 28.00 ? 72   LYS A NZ  1 
ATOM   542  N  N   . GLY A 1 73 ? -5.201  -10.595 -2.781  1.00 7.40  ? 73   GLY A N   1 
ATOM   543  C  CA  . GLY A 1 73 ? -4.374  -11.530 -2.052  1.00 7.58  ? 73   GLY A CA  1 
ATOM   544  C  C   . GLY A 1 73 ? -2.887  -11.439 -2.357  1.00 6.38  ? 73   GLY A C   1 
ATOM   545  O  O   . GLY A 1 73 ? -2.125  -12.267 -1.809  1.00 6.28  ? 73   GLY A O   1 
ATOM   546  N  N   . PHE A 1 74 ? -2.446  -10.547 -3.246  1.00 5.96  ? 74   PHE A N   1 
ATOM   547  C  CA  . PHE A 1 74 ? -0.984  -10.561 -3.509  1.00 5.66  ? 74   PHE A CA  1 
ATOM   548  C  C   . PHE A 1 74 ? -0.218  -10.028 -2.324  1.00 4.58  ? 74   PHE A C   1 
ATOM   549  O  O   . PHE A 1 74 ? -0.640  -9.101  -1.619  1.00 5.37  ? 74   PHE A O   1 
ATOM   550  C  CB  . PHE A 1 74 ? -0.714  -9.711  -4.755  1.00 6.85  ? 74   PHE A CB  1 
ATOM   551  C  CG  . PHE A 1 74 ? -1.250  -10.378 -5.994  1.00 7.41  ? 74   PHE A CG  1 
ATOM   552  C  CD1 . PHE A 1 74 ? -0.606  -11.542 -6.507  1.00 10.44 ? 74   PHE A CD1 1 
ATOM   553  C  CD2 . PHE A 1 74 ? -2.461  -9.967  -6.610  1.00 9.10  ? 74   PHE A CD2 1 
ATOM   554  C  CE1 . PHE A 1 74 ? -1.131  -12.253 -7.657  1.00 11.91 ? 74   PHE A CE1 1 
ATOM   555  C  CE2 . PHE A 1 74 ? -3.007  -10.702 -7.701  1.00 10.26 ? 74   PHE A CE2 1 
ATOM   556  C  CZ  . PHE A 1 74 ? -2.346  -11.858 -8.223  1.00 12.50 ? 74   PHE A CZ  1 
ATOM   557  N  N   . ILE A 1 75 ? 0.935   -10.606 -2.137  1.00 4.52  ? 75   ILE A N   1 
ATOM   558  C  CA  . ILE A 1 75 ? 1.882   -10.252 -1.071  1.00 4.40  ? 75   ILE A CA  1 
ATOM   559  C  C   . ILE A 1 75 ? 3.299   -10.192 -1.613  1.00 4.11  ? 75   ILE A C   1 
ATOM   560  O  O   . ILE A 1 75 ? 3.644   -10.915 -2.561  1.00 4.60  ? 75   ILE A O   1 
ATOM   561  C  CB  . ILE A 1 75 ? 1.778   -11.247 0.135   1.00 4.63  ? 75   ILE A CB  1 
ATOM   562  C  CG1 . ILE A 1 75 ? 2.236   -12.657 -0.248  1.00 7.14  ? 75   ILE A CG1 1 
ATOM   563  C  CG2 . ILE A 1 75 ? 0.397   -11.246 0.720   1.00 6.62  ? 75   ILE A CG2 1 
ATOM   564  C  CD1 . ILE A 1 75 ? 2.384   -13.626 0.925   1.00 7.23  ? 75   ILE A CD1 1 
ATOM   565  N  N   . LEU A 1 76 ? 4.115   -9.423  -0.957  1.00 4.01  ? 76   LEU A N   1 
ATOM   566  C  CA  . LEU A 1 76 ? 5.568   -9.403  -1.186  1.00 3.65  ? 76   LEU A CA  1 
ATOM   567  C  C   . LEU A 1 76 ? 6.204   -10.273 -0.114  1.00 4.95  ? 76   LEU A C   1 
ATOM   568  O  O   . LEU A 1 76 ? 6.308   -9.851  1.060   1.00 4.57  ? 76   LEU A O   1 
ATOM   569  C  CB  . LEU A 1 76 ? 6.168   -8.013  -1.321  1.00 5.09  ? 76   LEU A CB  1 
ATOM   570  C  CG  . LEU A 1 76 ? 5.463   -7.147  -2.390  1.00 5.20  ? 76   LEU A CG  1 
ATOM   571  C  CD1 . LEU A 1 76 ? 6.119   -5.787  -2.490  1.00 6.60  ? 76   LEU A CD1 1 
ATOM   572  C  CD2 . LEU A 1 76 ? 5.454   -7.788  -3.764  1.00 6.90  ? 76   LEU A CD2 1 
ATOM   573  N  N   . THR A 1 77 ? 6.553   -11.472 -0.455  1.00 4.56  ? 77   THR A N   1 
ATOM   574  C  CA  . THR A 1 77 ? 7.044   -12.425 0.550   1.00 4.69  ? 77   THR A CA  1 
ATOM   575  C  C   . THR A 1 77 ? 8.287   -11.995 1.317   1.00 4.79  ? 77   THR A C   1 
ATOM   576  O  O   . THR A 1 77 ? 8.467   -12.423 2.477   1.00 5.26  ? 77   THR A O   1 
ATOM   577  C  CB  . THR A 1 77 ? 7.232   -13.854 -0.083  1.00 4.78  ? 77   THR A CB  1 
ATOM   578  O  OG1 . THR A 1 77 ? 8.241   -13.765 -1.124  1.00 6.10  ? 77   THR A OG1 1 
ATOM   579  C  CG2 . THR A 1 77 ? 5.963   -14.424 -0.541  1.00 5.79  ? 77   THR A CG2 1 
ATOM   580  N  N   . CYS A 1 78 ? 9.104   -11.109 0.735   1.00 4.80  ? 78   CYS A N   1 
ATOM   581  C  CA  . CYS A 1 78 ? 10.300  -10.651 1.430   1.00 6.10  ? 78   CYS A CA  1 
ATOM   582  C  C   . CYS A 1 78 ? 10.020  -9.696  2.526   1.00 4.60  ? 78   CYS A C   1 
ATOM   583  O  O   . CYS A 1 78 ? 10.899  -9.482  3.398   1.00 6.73  ? 78   CYS A O   1 
ATOM   584  C  CB  . CYS A 1 78 ? 11.295  -9.995  0.460   1.00 7.38  ? 78   CYS A CB  1 
ATOM   585  S  SG  . CYS A 1 78 ? 10.724  -8.324  -0.126  1.00 4.97  ? 78   CYS A SG  1 
ATOM   586  N  N   . VAL A 1 79 ? 8.822   -9.122  2.664   1.00 4.88  ? 79   VAL A N   1 
ATOM   587  C  CA  . VAL A 1 79 ? 8.469   -8.184  3.729   1.00 5.18  ? 79   VAL A CA  1 
ATOM   588  C  C   . VAL A 1 79 ? 7.158   -8.596  4.402   1.00 5.63  ? 79   VAL A C   1 
ATOM   589  O  O   . VAL A 1 79 ? 6.558   -7.785  5.115   1.00 6.18  ? 79   VAL A O   1 
ATOM   590  C  CB  . VAL A 1 79 ? 8.465   -6.732  3.291   1.00 6.46  ? 79   VAL A CB  1 
ATOM   591  C  CG1 . VAL A 1 79 ? 9.823   -6.198  3.048   1.00 7.68  ? 79   VAL A CG1 1 
ATOM   592  C  CG2 . VAL A 1 79 ? 7.557   -6.539  2.123   1.00 7.46  ? 79   VAL A CG2 1 
ATOM   593  N  N   . ALA A 1 80 ? 6.716   -9.839  4.221   1.00 5.06  ? 80   ALA A N   1 
ATOM   594  C  CA  . ALA A 1 80 ? 5.449   -10.285 4.789   1.00 4.45  ? 80   ALA A CA  1 
ATOM   595  C  C   . ALA A 1 80 ? 5.682   -11.148 6.050   1.00 4.44  ? 80   ALA A C   1 
ATOM   596  O  O   . ALA A 1 80 ? 6.210   -12.243 6.009   1.00 5.18  ? 80   ALA A O   1 
ATOM   597  C  CB  . ALA A 1 80 ? 4.704   -11.155 3.748   1.00 5.59  ? 80   ALA A CB  1 
ATOM   598  N  N   . TYR A 1 81 ? 5.283   -10.569 7.179   1.00 4.58  ? 81   TYR A N   1 
ATOM   599  C  CA  . TYR A 1 81 ? 5.278   -11.341 8.434   1.00 5.08  ? 81   TYR A CA  1 
ATOM   600  C  C   . TYR A 1 81 ? 3.942   -12.079 8.524   1.00 4.41  ? 81   TYR A C   1 
ATOM   601  O  O   . TYR A 1 81 ? 2.905   -11.443 8.267   1.00 5.83  ? 81   TYR A O   1 
ATOM   602  C  CB  . TYR A 1 81 ? 5.340   -10.400 9.673   1.00 5.38  ? 81   TYR A CB  1 
ATOM   603  C  CG  . TYR A 1 81 ? 6.611   -9.707  9.915   1.00 5.19  ? 81   TYR A CG  1 
ATOM   604  C  CD1 . TYR A 1 81 ? 7.758   -10.401 10.144  1.00 5.23  ? 81   TYR A CD1 1 
ATOM   605  C  CD2 . TYR A 1 81 ? 6.681   -8.352  10.047  1.00 8.35  ? 81   TYR A CD2 1 
ATOM   606  C  CE1 . TYR A 1 81 ? 8.970   -9.825  10.462  1.00 6.00  ? 81   TYR A CE1 1 
ATOM   607  C  CE2 . TYR A 1 81 ? 7.960   -7.708  10.357  1.00 8.53  ? 81   TYR A CE2 1 
ATOM   608  C  CZ  . TYR A 1 81 ? 9.033   -8.466  10.541  1.00 7.14  ? 81   TYR A CZ  1 
ATOM   609  O  OH  . TYR A 1 81 ? 10.302  -7.920  10.884  1.00 9.68  ? 81   TYR A OH  1 
ATOM   610  N  N   . PRO A 1 82 ? 3.901   -13.350 8.823   1.00 4.32  ? 82   PRO A N   1 
ATOM   611  C  CA  . PRO A 1 82 ? 2.603   -14.017 8.913   1.00 4.40  ? 82   PRO A CA  1 
ATOM   612  C  C   . PRO A 1 82 ? 1.833   -13.527 10.107  1.00 4.73  ? 82   PRO A C   1 
ATOM   613  O  O   . PRO A 1 82 ? 2.402   -13.254 11.174  1.00 5.02  ? 82   PRO A O   1 
ATOM   614  C  CB  . PRO A 1 82 ? 3.012   -15.476 9.066   1.00 6.22  ? 82   PRO A CB  1 
ATOM   615  C  CG  . PRO A 1 82 ? 4.347   -15.436 9.780   1.00 6.41  ? 82   PRO A CG  1 
ATOM   616  C  CD  . PRO A 1 82 ? 5.040   -14.231 9.201   1.00 6.17  ? 82   PRO A CD  1 
ATOM   617  N  N   . THR A 1 83 ? 0.507   -13.451 9.956   1.00 4.28  ? 83   THR A N   1 
ATOM   618  C  CA  . THR A 1 83 ? -0.392  -13.166 11.109  1.00 5.39  ? 83   THR A CA  1 
ATOM   619  C  C   . THR A 1 83 ? -1.415  -14.273 11.271  1.00 5.56  ? 83   THR A C   1 
ATOM   620  O  O   . THR A 1 83 ? -2.324  -14.106 12.147  1.00 5.92  ? 83   THR A O   1 
ATOM   621  C  CB  . THR A 1 83 ? -0.977  -11.797 11.065  1.00 5.27  ? 83   THR A CB  1 
ATOM   622  O  OG1 . THR A 1 83 ? -1.705  -11.622 9.849   1.00 7.41  ? 83   THR A OG1 1 
ATOM   623  C  CG2 . THR A 1 83 ? 0.044   -10.686 11.183  1.00 7.53  ? 83   THR A CG2 1 
ATOM   624  N  N   . SER A 1 84 ? -1.378  -15.339 10.502  1.00 5.03  ? 84   SER A N   1 
ATOM   625  C  CA  . SER A 1 84 ? -2.214  -16.507 10.701  1.00 5.75  ? 84   SER A CA  1 
ATOM   626  C  C   . SER A 1 84 ? -1.471  -17.646 10.015  1.00 4.99  ? 84   SER A C   1 
ATOM   627  O  O   . SER A 1 84 ? -0.464  -17.425 9.288   1.00 6.11  ? 84   SER A O   1 
ATOM   628  C  CB  . SER A 1 84 ? -3.546  -16.350 10.108  1.00 6.30  ? 84   SER A CB  1 
ATOM   629  O  OG  . SER A 1 84 ? -3.515  -16.329 8.675   1.00 8.93  ? 84   SER A OG  1 
ATOM   630  N  N   . ASP A 1 85 ? -1.970  -18.863 10.160  1.00 5.49  ? 85   ASP A N   1 
ATOM   631  C  CA  . ASP A 1 85 ? -1.550  -19.947 9.250   1.00 5.56  ? 85   ASP A CA  1 
ATOM   632  C  C   . ASP A 1 85 ? -1.967  -19.562 7.835   1.00 5.35  ? 85   ASP A C   1 
ATOM   633  O  O   . ASP A 1 85 ? -3.007  -18.940 7.653   1.00 5.92  ? 85   ASP A O   1 
ATOM   634  C  CB  . ASP A 1 85 ? -2.194  -21.237 9.625   1.00 6.47  ? 85   ASP A CB  1 
ATOM   635  C  CG  . ASP A 1 85 ? -1.749  -21.762 10.971  1.00 8.00  ? 85   ASP A CG  1 
ATOM   636  O  OD1 . ASP A 1 85 ? -0.712  -21.455 11.523  1.00 7.92  ? 85   ASP A OD1 1 
ATOM   637  O  OD2 . ASP A 1 85 ? -2.536  -22.641 11.498  1.00 14.40 ? 85   ASP A OD2 1 
ATOM   638  N  N   . CYS A 1 86 ? -1.103  -19.866 6.859   1.00 4.69  ? 86   CYS A N   1 
ATOM   639  C  CA  . CYS A 1 86 ? -1.371  -19.423 5.487   1.00 5.85  ? 86   CYS A CA  1 
ATOM   640  C  C   . CYS A 1 86 ? -1.161  -20.559 4.492   1.00 4.62  ? 86   CYS A C   1 
ATOM   641  O  O   . CYS A 1 86 ? -0.399  -21.478 4.729   1.00 5.74  ? 86   CYS A O   1 
ATOM   642  C  CB  . CYS A 1 86 ? -0.404  -18.307 5.058   1.00 5.62  ? 86   CYS A CB  1 
ATOM   643  S  SG  . CYS A 1 86 ? -0.536  -16.744 5.948   1.00 5.51  ? 86   CYS A SG  1 
ATOM   644  N  N   . VAL A 1 87 ? -1.863  -20.390 3.341   1.00 5.54  ? 87   VAL A N   1 
ATOM   645  C  CA  . VAL A 1 87 ? -1.567  -21.129 2.144   1.00 5.39  ? 87   VAL A CA  1 
ATOM   646  C  C   . VAL A 1 87 ? -1.251  -20.111 1.078   1.00 4.23  ? 87   VAL A C   1 
ATOM   647  O  O   . VAL A 1 87 ? -2.048  -19.208 0.845   1.00 5.34  ? 87   VAL A O   1 
ATOM   648  C  CB  . VAL A 1 87 ? -2.811  -21.998 1.692   1.00 6.59  ? 87   VAL A CB  1 
ATOM   649  C  CG1 . VAL A 1 87 ? -2.478  -22.711 0.358   1.00 7.54  ? 87   VAL A CG1 1 
ATOM   650  C  CG2 . VAL A 1 87 ? -3.256  -22.984 2.743   1.00 7.34  ? 87   VAL A CG2 1 
ATOM   651  N  N   . ILE A 1 88 ? -0.078  -20.191 0.499   1.00 4.79  ? 88   ILE A N   1 
ATOM   652  C  CA  . ILE A 1 88 ? 0.445   -19.156 -0.441  1.00 5.02  ? 88   ILE A CA  1 
ATOM   653  C  C   . ILE A 1 88 ? 0.910   -19.817 -1.697  1.00 4.87  ? 88   ILE A C   1 
ATOM   654  O  O   . ILE A 1 88 ? 1.743   -20.736 -1.650  1.00 5.73  ? 88   ILE A O   1 
ATOM   655  C  CB  . ILE A 1 88 ? 1.628   -18.397 0.239   1.00 5.33  ? 88   ILE A CB  1 
ATOM   656  C  CG1 . ILE A 1 88 ? 1.069   -17.531 1.401   1.00 6.89  ? 88   ILE A CG1 1 
ATOM   657  C  CG2 . ILE A 1 88 ? 2.398   -17.493 -0.714  1.00 7.68  ? 88   ILE A CG2 1 
ATOM   658  C  CD1 . ILE A 1 88 ? 2.065   -17.036 2.426   1.00 7.43  ? 88   ILE A CD1 1 
ATOM   659  N  N   . GLN A 1 89 ? 0.472   -19.257 -2.799  1.00 4.29  ? 89   GLN A N   1 
ATOM   660  C  CA  . GLN A 1 89 ? 1.051   -19.602 -4.132  1.00 5.33  ? 89   GLN A CA  1 
ATOM   661  C  C   . GLN A 1 89 ? 2.262   -18.745 -4.328  1.00 3.98  ? 89   GLN A C   1 
ATOM   662  O  O   . GLN A 1 89 ? 2.195   -17.522 -4.218  1.00 5.95  ? 89   GLN A O   1 
ATOM   663  C  CB  . GLN A 1 89 ? -0.018  -19.308 -5.227  1.00 5.63  ? 89   GLN A CB  1 
ATOM   664  C  CG  . GLN A 1 89 ? -1.203  -20.246 -5.153  1.00 8.94  ? 89   GLN A CG  1 
ATOM   665  C  CD  . GLN A 1 89 ? -2.134  -19.988 -6.323  1.00 11.95 ? 89   GLN A CD  1 
ATOM   666  O  OE1 . GLN A 1 89 ? -3.008  -19.112 -6.261  1.00 12.93 ? 89   GLN A OE1 1 
ATOM   667  N  NE2 . GLN A 1 89 ? -1.936  -20.753 -7.399  1.00 16.50 ? 89   GLN A NE2 1 
ATOM   668  N  N   . THR A 1 90 ? 3.374   -19.382 -4.660  1.00 4.89  ? 90   THR A N   1 
ATOM   669  C  CA  . THR A 1 90 ? 4.643   -18.664 -4.884  1.00 5.34  ? 90   THR A CA  1 
ATOM   670  C  C   . THR A 1 90 ? 4.787   -18.339 -6.391  1.00 5.06  ? 90   THR A C   1 
ATOM   671  O  O   . THR A 1 90 ? 4.032   -18.753 -7.229  1.00 6.54  ? 90   THR A O   1 
ATOM   672  C  CB  . THR A 1 90 ? 5.842   -19.458 -4.393  1.00 6.22  ? 90   THR A CB  1 
ATOM   673  O  OG1 . THR A 1 90 ? 6.000   -20.613 -5.213  1.00 7.64  ? 90   THR A OG1 1 
ATOM   674  C  CG2 . THR A 1 90 ? 5.667   -19.885 -2.973  1.00 7.93  ? 90   THR A CG2 1 
ATOM   675  N  N   . HIS A 1 91 ? 5.782   -17.449 -6.677  1.00 5.69  ? 91   HIS A N   1 
ATOM   676  C  CA  . HIS A 1 91 ? 6.155   -17.127 -8.087  1.00 6.85  ? 91   HIS A CA  1 
ATOM   677  C  C   . HIS A 1 91 ? 4.994   -16.548 -8.778  1.00 6.36  ? 91   HIS A C   1 
ATOM   678  O  O   . HIS A 1 91 ? 4.664   -16.948 -9.962  1.00 8.68  ? 91   HIS A O   1 
ATOM   679  C  CB  . HIS A 1 91 ? 6.645   -18.386 -8.846  1.00 7.90  ? 91   HIS A CB  1 
ATOM   680  C  CG  . HIS A 1 91 ? 7.860   -19.007 -8.285  1.00 8.35  ? 91   HIS A CG  1 
ATOM   681  N  ND1 . HIS A 1 91 ? 7.850   -19.846 -7.199  1.00 9.22  ? 91   HIS A ND1 1 
ATOM   682  C  CD2 . HIS A 1 91 ? 9.140   -19.040 -8.790  1.00 9.82  ? 91   HIS A CD2 1 
ATOM   683  C  CE1 . HIS A 1 91 ? 9.094   -20.301 -6.983  1.00 9.70  ? 91   HIS A CE1 1 
ATOM   684  N  NE2 . HIS A 1 91 ? 9.878   -19.826 -7.945  1.00 10.74 ? 91   HIS A NE2 1 
ATOM   685  N  N   . GLN A 1 92 ? 4.287   -15.556 -8.198  1.00 6.67  ? 92   GLN A N   1 
ATOM   686  C  CA  . GLN A 1 92 ? 3.079   -15.007 -8.770  1.00 7.74  ? 92   GLN A CA  1 
ATOM   687  C  C   . GLN A 1 92 ? 3.201   -13.655 -9.453  1.00 6.15  ? 92   GLN A C   1 
ATOM   688  O  O   . GLN A 1 92 ? 2.236   -13.053 -9.752  1.00 7.38  ? 92   GLN A O   1 
ATOM   689  C  CB  . GLN A 1 92 ? 2.036   -14.879 -7.655  1.00 9.07  ? 92   GLN A CB  1 
ATOM   690  C  CG  . GLN A 1 92 ? 1.559   -16.262 -7.162  1.00 11.38 ? 92   GLN A CG  1 
ATOM   691  C  CD  . GLN A 1 92 ? 0.904   -17.042 -8.169  1.00 15.49 ? 92   GLN A CD  1 
ATOM   692  O  OE1 . GLN A 1 92 ? 1.339   -18.138 -8.618  1.00 18.38 ? 92   GLN A OE1 1 
ATOM   693  N  NE2 . GLN A 1 92 ? -0.206  -16.456 -8.590  1.00 18.50 ? 92   GLN A NE2 1 
ATOM   694  N  N   . GLU A 1 93 ? 4.454   -13.241 -9.691  1.00 7.76  ? 93   GLU A N   1 
ATOM   695  C  CA  . GLU A 1 93 ? 4.621   -11.932 -10.362 1.00 8.15  ? 93   GLU A CA  1 
ATOM   696  C  C   . GLU A 1 93 ? 3.818   -11.832 -11.652 1.00 9.25  ? 93   GLU A C   1 
ATOM   697  O  O   . GLU A 1 93 ? 3.210   -10.798 -11.932 1.00 8.76  ? 93   GLU A O   1 
ATOM   698  C  CB  . GLU A 1 93 ? 6.119   -11.697 -10.572 1.00 9.23  ? 93   GLU A CB  1 
ATOM   699  C  CG  . GLU A 1 93 ? 6.383   -10.358 -11.196 1.00 11.20 ? 93   GLU A CG  1 
ATOM   700  C  CD  . GLU A 1 93 ? 7.810   -10.160 -11.526 1.00 13.14 ? 93   GLU A CD  1 
ATOM   701  O  OE1 . GLU A 1 93 ? 8.337   -10.940 -12.390 1.00 13.45 ? 93   GLU A OE1 1 
ATOM   702  O  OE2 . GLU A 1 93 ? 8.319   -9.255  -10.928 1.00 11.33 ? 93   GLU A OE2 1 
ATOM   703  N  N   . GLU A 1 94 ? 3.762   -12.904 -12.494 1.00 8.49  ? 94   GLU A N   1 
ATOM   704  C  CA  . GLU A 1 94 ? 2.980   -12.783 -13.737 1.00 11.42 ? 94   GLU A CA  1 
ATOM   705  C  C   . GLU A 1 94 ? 1.556   -12.435 -13.576 1.00 13.78 ? 94   GLU A C   1 
ATOM   706  O  O   . GLU A 1 94 ? 0.983   -11.768 -14.449 1.00 17.02 ? 94   GLU A O   1 
ATOM   707  C  CB  . GLU A 1 94 ? 3.069   -14.083 -14.562 1.00 12.77 ? 94   GLU A CB  1 
ATOM   708  C  CG  . GLU A 1 94 ? 2.188   -14.107 -15.873 1.00 15.39 ? 94   GLU A CG  1 
ATOM   709  C  CD  . GLU A 1 94 ? 2.297   -15.507 -16.529 1.00 17.81 ? 94   GLU A CD  1 
ATOM   710  O  OE1 . GLU A 1 94 ? 3.363   -15.777 -17.118 1.00 19.20 ? 94   GLU A OE1 1 
ATOM   711  O  OE2 . GLU A 1 94 ? 1.321   -16.281 -16.448 1.00 16.59 ? 94   GLU A OE2 1 
ATOM   712  N  N   . ALA A 1 95 ? 0.934   -12.918 -12.556 1.00 12.56 ? 95   ALA A N   1 
ATOM   713  C  CA  . ALA A 1 95 ? -0.433  -12.714 -12.338 1.00 14.31 ? 95   ALA A CA  1 
ATOM   714  C  C   . ALA A 1 95 ? -0.727  -11.247 -12.085 1.00 15.52 ? 95   ALA A C   1 
ATOM   715  O  O   . ALA A 1 95 ? -1.938  -10.867 -12.045 1.00 17.81 ? 95   ALA A O   1 
ATOM   716  C  CB  . ALA A 1 95 ? -0.877  -13.582 -11.283 1.00 14.43 ? 95   ALA A CB  1 
ATOM   717  N  N   . LEU A 1 96 ? 0.296   -10.422 -11.791 1.00 14.73 ? 96   LEU A N   1 
ATOM   718  C  CA  . LEU A 1 96 ? 0.102   -8.969  -11.643 1.00 16.81 ? 96   LEU A CA  1 
ATOM   719  C  C   . LEU A 1 96 ? 0.035   -8.219  -12.987 1.00 20.08 ? 96   LEU A C   1 
ATOM   720  O  O   . LEU A 1 96 ? -0.443  -7.052  -13.022 1.00 23.19 ? 96   LEU A O   1 
ATOM   721  C  CB  . LEU A 1 96 ? 1.302   -8.383  -10.886 1.00 12.87 ? 96   LEU A CB  1 
ATOM   722  C  CG  . LEU A 1 96 ? 1.536   -8.886  -9.449  1.00 11.88 ? 96   LEU A CG  1 
ATOM   723  C  CD1 . LEU A 1 96 ? 2.818   -8.356  -8.874  1.00 13.24 ? 96   LEU A CD1 1 
ATOM   724  C  CD2 . LEU A 1 96 ? 0.324   -8.466  -8.586  1.00 19.26 ? 96   LEU A CD2 1 
ATOM   725  N  N   . TYR A 1 97 ? 0.607   -8.830  -14.035 1.00 23.71 ? 97   TYR A N   1 
ATOM   726  C  CA  . TYR A 1 97 ? 0.850   -8.191  -15.376 1.00 26.92 ? 97   TYR A CA  1 
ATOM   727  C  C   . TYR A 1 97 ? -0.099  -8.945  -16.349 1.00 28.52 ? 97   TYR A C   1 
ATOM   728  O  O   . TYR A 1 97 ? -1.270  -9.308  -15.963 1.00 31.44 ? 97   TYR A O   1 
ATOM   729  C  CB  . TYR A 1 97 ? 2.384   -8.232  -15.816 1.00 26.92 ? 97   TYR A CB  1 
ATOM   730  C  CG  . TYR A 1 97 ? 3.431   -7.556  -14.913 1.00 28.67 ? 97   TYR A CG  1 
ATOM   731  C  CD1 . TYR A 1 97 ? 3.841   -8.168  -13.772 1.00 24.22 ? 97   TYR A CD1 1 
ATOM   732  C  CD2 . TYR A 1 97 ? 4.051   -6.331  -15.236 1.00 32.85 ? 97   TYR A CD2 1 
ATOM   733  C  CE1 . TYR A 1 97 ? 4.773   -7.608  -12.888 1.00 27.92 ? 97   TYR A CE1 1 
ATOM   734  C  CE2 . TYR A 1 97 ? 5.033   -5.749  -14.352 1.00 33.84 ? 97   TYR A CE2 1 
ATOM   735  C  CZ  . TYR A 1 97 ? 5.371   -6.404  -13.154 1.00 34.53 ? 97   TYR A CZ  1 
ATOM   736  O  OH  . TYR A 1 97 ? 6.299   -5.911  -12.209 1.00 38.72 ? 97   TYR A OH  1 
ATOM   737  N  N   . MET B 1 1  ? -18.581 17.710  -9.941  1.00 12.76 ? 1    MET B N   1 
ATOM   738  C  CA  . MET B 1 1  ? -17.201 18.336  -9.699  1.00 9.88  ? 1    MET B CA  1 
ATOM   739  C  C   . MET B 1 1  ? -17.162 18.567  -8.234  1.00 9.95  ? 1    MET B C   1 
ATOM   740  O  O   . MET B 1 1  ? -18.116 19.190  -7.672  1.00 11.54 ? 1    MET B O   1 
ATOM   741  C  CB  . MET B 1 1  ? -17.070 19.738  -10.384 1.00 14.27 ? 1    MET B CB  1 
ATOM   742  C  CG  . MET B 1 1  ? -16.909 19.644  -11.901 1.00 14.79 ? 1    MET B CG  1 
ATOM   743  S  SD  . MET B 1 1  ? -15.457 18.757  -12.291 1.00 18.94 ? 1    MET B SD  1 
ATOM   744  C  CE  . MET B 1 1  ? -14.246 19.993  -12.193 1.00 17.13 ? 1    MET B CE  1 
ATOM   745  N  N   . TYR B 1 2  ? -16.155 17.996  -7.572  1.00 7.03  ? 2    TYR B N   1 
ATOM   746  C  CA  . TYR B 1 2  ? -16.267 17.935  -6.116  1.00 6.13  ? 2    TYR B CA  1 
ATOM   747  C  C   . TYR B 1 2  ? -15.536 19.093  -5.477  1.00 5.01  ? 2    TYR B C   1 
ATOM   748  O  O   . TYR B 1 2  ? -14.452 19.529  -5.901  1.00 7.19  ? 2    TYR B O   1 
ATOM   749  C  CB  . TYR B 1 2  ? -15.649 16.650  -5.615  1.00 6.91  ? 2    TYR B CB  1 
ATOM   750  C  CG  . TYR B 1 2  ? -16.403 15.441  -6.164  1.00 4.80  ? 2    TYR B CG  1 
ATOM   751  C  CD1 . TYR B 1 2  ? -15.855 14.661  -7.103  1.00 6.72  ? 2    TYR B CD1 1 
ATOM   752  C  CD2 . TYR B 1 2  ? -17.723 15.165  -5.742  1.00 5.44  ? 2    TYR B CD2 1 
ATOM   753  C  CE1 . TYR B 1 2  ? -16.528 13.538  -7.631  1.00 8.00  ? 2    TYR B CE1 1 
ATOM   754  C  CE2 . TYR B 1 2  ? -18.394 13.992  -6.243  1.00 5.51  ? 2    TYR B CE2 1 
ATOM   755  C  CZ  . TYR B 1 2  ? -17.798 13.265  -7.177  1.00 5.75  ? 2    TYR B CZ  1 
ATOM   756  O  OH  . TYR B 1 2  ? -18.536 12.146  -7.657  1.00 7.68  ? 2    TYR B OH  1 
ATOM   757  N  N   . LYS B 1 3  ? -16.056 19.606  -4.420  1.00 5.70  ? 3    LYS B N   1 
ATOM   758  C  CA  . LYS B 1 3  ? -15.513 20.693  -3.612  1.00 6.46  ? 3    LYS B CA  1 
ATOM   759  C  C   . LYS B 1 3  ? -14.499 20.113  -2.657  1.00 5.72  ? 3    LYS B C   1 
ATOM   760  O  O   . LYS B 1 3  ? -14.859 19.236  -1.850  1.00 6.86  ? 3    LYS B O   1 
ATOM   761  C  CB  . LYS B 1 3  ? -16.661 21.339  -2.832  1.00 9.14  ? 3    LYS B CB  1 
ATOM   762  C  CG  . LYS B 1 3  ? -16.217 22.474  -1.931  1.00 13.66 ? 3    LYS B CG  1 
ATOM   763  C  CD  . LYS B 1 3  ? -17.342 23.269  -1.282  1.00 18.79 ? 3    LYS B CD  1 
ATOM   764  C  CE  . LYS B 1 3  ? -18.325 22.639  -0.411  1.00 23.97 ? 3    LYS B CE  1 
ATOM   765  N  NZ  . LYS B 1 3  ? -19.329 23.877  -0.385  1.00 24.92 ? 3    LYS B NZ  1 
ATOM   766  N  N   . ILE B 1 4  ? -13.262 20.574  -2.745  1.00 5.32  ? 4    ILE B N   1 
ATOM   767  C  CA  . ILE B 1 4  ? -12.147 20.044  -1.948  1.00 5.06  ? 4    ILE B CA  1 
ATOM   768  C  C   . ILE B 1 4  ? -11.623 21.190  -1.088  1.00 4.91  ? 4    ILE B C   1 
ATOM   769  O  O   . ILE B 1 4  ? -10.969 22.126  -1.640  1.00 6.18  ? 4    ILE B O   1 
ATOM   770  C  CB  . ILE B 1 4  ? -11.020 19.451  -2.754  1.00 5.70  ? 4    ILE B CB  1 
ATOM   771  C  CG1 . ILE B 1 4  ? -11.513 18.495  -3.839  1.00 6.17  ? 4    ILE B CG1 1 
ATOM   772  C  CG2 . ILE B 1 4  ? -9.995  18.800  -1.845  1.00 7.28  ? 4    ILE B CG2 1 
ATOM   773  C  CD1 . ILE B 1 4  ? -12.293 17.302  -3.351  1.00 6.69  ? 4    ILE B CD1 1 
ATOM   774  N  N   . GLN B 1 5  ? -11.910 21.149  0.195   1.00 5.19  ? 5    GLN B N   1 
ATOM   775  C  CA  . GLN B 1 5  ? -11.408 22.179  1.109   1.00 6.22  ? 5    GLN B CA  1 
ATOM   776  C  C   . GLN B 1 5  ? -10.093 21.665  1.740   1.00 5.47  ? 5    GLN B C   1 
ATOM   777  O  O   . GLN B 1 5  ? -10.111 20.575  2.349   1.00 7.70  ? 5    GLN B O   1 
ATOM   778  C  CB  . GLN B 1 5  ? -12.432 22.441  2.197   1.00 6.52  ? 5    GLN B CB  1 
ATOM   779  C  CG  . GLN B 1 5  ? -11.932 23.597  3.154   1.00 8.23  ? 5    GLN B CG  1 
ATOM   780  C  CD  . GLN B 1 5  ? -12.919 23.819  4.311   1.00 10.83 ? 5    GLN B CD  1 
ATOM   781  O  OE1 . GLN B 1 5  ? -13.906 23.095  4.459   1.00 11.30 ? 5    GLN B OE1 1 
ATOM   782  N  NE2 . GLN B 1 5  ? -12.759 24.906  5.038   1.00 11.50 ? 5    GLN B NE2 1 
ATOM   783  N  N   . LEU B 1 6  ? -9.016  22.388  1.562   1.00 6.04  ? 6    LEU B N   1 
ATOM   784  C  CA  . LEU B 1 6  ? -7.673  22.025  2.034   1.00 6.12  ? 6    LEU B CA  1 
ATOM   785  C  C   . LEU B 1 6  ? -7.369  22.918  3.207   1.00 7.73  ? 6    LEU B C   1 
ATOM   786  O  O   . LEU B 1 6  ? -7.428  24.187  3.099   1.00 8.80  ? 6    LEU B O   1 
ATOM   787  C  CB  . LEU B 1 6  ? -6.713  22.276  0.893   1.00 7.07  ? 6    LEU B CB  1 
ATOM   788  C  CG  . LEU B 1 6  ? -6.972  21.402  -0.358  1.00 8.16  ? 6    LEU B CG  1 
ATOM   789  C  CD1 . LEU B 1 6  ? -6.175  21.908  -1.563  1.00 11.11 ? 6    LEU B CD1 1 
ATOM   790  C  CD2 . LEU B 1 6  ? -6.648  19.969  -0.090  1.00 10.95 ? 6    LEU B CD2 1 
ATOM   791  N  N   . VAL B 1 7  ? -7.041  22.301  4.337   1.00 7.05  ? 7    VAL B N   1 
ATOM   792  C  CA  . VAL B 1 7  ? -6.900  23.042  5.613   1.00 8.25  ? 7    VAL B CA  1 
ATOM   793  C  C   . VAL B 1 7  ? -5.563  22.679  6.246   1.00 8.35  ? 7    VAL B C   1 
ATOM   794  O  O   . VAL B 1 7  ? -5.134  21.517  6.267   1.00 9.13  ? 7    VAL B O   1 
ATOM   795  C  CB  . VAL B 1 7  ? -8.070  22.874  6.579   1.00 10.61 ? 7    VAL B CB  1 
ATOM   796  C  CG1 . VAL B 1 7  ? -9.361  23.264  5.881   1.00 13.98 ? 7    VAL B CG1 1 
ATOM   797  C  CG2 . VAL B 1 7  ? -8.215  21.446  7.075   1.00 11.68 ? 7    VAL B CG2 1 
ATOM   798  N  N   . ASN B 1 8  ? -4.952  23.666  6.945   1.00 8.72  ? 8    ASN B N   1 
ATOM   799  C  CA  . ASN B 1 8  ? -3.792  23.387  7.833   1.00 9.80  ? 8    ASN B CA  1 
ATOM   800  C  C   . ASN B 1 8  ? -3.710  24.601  8.824   1.00 10.24 ? 8    ASN B C   1 
ATOM   801  O  O   . ASN B 1 8  ? -3.295  25.655  8.423   1.00 11.69 ? 8    ASN B O   1 
ATOM   802  C  CB  . ASN B 1 8  ? -2.537  23.245  7.003   1.00 11.05 ? 8    ASN B CB  1 
ATOM   803  C  CG  . ASN B 1 8  ? -1.405  22.754  7.858   1.00 11.78 ? 8    ASN B CG  1 
ATOM   804  O  OD1 . ASN B 1 8  ? -1.089  23.373  8.917   1.00 13.94 ? 8    ASN B OD1 1 
ATOM   805  N  ND2 . ASN B 1 8  ? -0.858  21.657  7.508   1.00 15.31 ? 8    ASN B ND2 1 
ATOM   806  N  N   . GLN B 1 9  ? -4.303  24.450  9.993   1.00 14.56 ? 9    GLN B N   1 
ATOM   807  C  CA  . GLN B 1 9  ? -4.350  25.537  10.996  1.00 16.73 ? 9    GLN B CA  1 
ATOM   808  C  C   . GLN B 1 9  ? -2.951  26.054  11.346  1.00 18.97 ? 9    GLN B C   1 
ATOM   809  O  O   . GLN B 1 9  ? -2.722  27.279  11.257  1.00 18.57 ? 9    GLN B O   1 
ATOM   810  C  CB  . GLN B 1 9  ? -5.163  25.028  12.202  1.00 19.97 ? 9    GLN B CB  1 
ATOM   811  C  CG  . GLN B 1 9  ? -4.733  23.651  12.756  1.00 27.52 ? 9    GLN B CG  1 
ATOM   812  C  CD  . GLN B 1 9  ? -4.289  22.547  11.703  1.00 34.95 ? 9    GLN B CD  1 
ATOM   813  O  OE1 . GLN B 1 9  ? -5.136  21.990  10.873  1.00 30.90 ? 9    GLN B OE1 1 
ATOM   814  N  NE2 . GLN B 1 9  ? -2.943  22.201  11.764  1.00 28.30 ? 9    GLN B NE2 1 
ATOM   815  N  N   . LYS B 1 10 ? -2.000  25.139  11.467  1.00 16.05 ? 10   LYS B N   1 
ATOM   816  C  CA  . LYS B 1 10 ? -0.583  25.512  11.781  1.00 18.62 ? 10   LYS B CA  1 
ATOM   817  C  C   . LYS B 1 10 ? 0.012   26.389  10.719  1.00 16.94 ? 10   LYS B C   1 
ATOM   818  O  O   . LYS B 1 10 ? 0.727   27.422  10.995  1.00 18.67 ? 10   LYS B O   1 
ATOM   819  C  CB  . LYS B 1 10 ? 0.281   24.259  12.013  1.00 19.01 ? 10   LYS B CB  1 
ATOM   820  C  CG  . LYS B 1 10 ? 1.792   24.611  12.258  1.00 23.56 ? 10   LYS B CG  1 
ATOM   821  C  CD  . LYS B 1 10 ? 2.707   23.353  12.305  1.00 31.51 ? 10   LYS B CD  1 
ATOM   822  C  CE  . LYS B 1 10 ? 4.104   23.698  12.911  1.00 36.32 ? 10   LYS B CE  1 
ATOM   823  N  NZ  . LYS B 1 10 ? 5.020   22.519  12.859  1.00 42.07 ? 10   LYS B NZ  1 
ATOM   824  N  N   . GLU B 1 11 ? -0.264  26.100  9.453   1.00 15.79 ? 11   GLU B N   1 
ATOM   825  C  CA  . GLU B 1 11 ? 0.338   26.830  8.348   1.00 14.71 ? 11   GLU B CA  1 
ATOM   826  C  C   . GLU B 1 11 ? -0.593  27.947  7.838   1.00 15.06 ? 11   GLU B C   1 
ATOM   827  O  O   . GLU B 1 11 ? -0.254  28.572  6.845   1.00 17.53 ? 11   GLU B O   1 
ATOM   828  C  CB  . GLU B 1 11 ? 0.761   25.898  7.211   1.00 16.62 ? 11   GLU B CB  1 
ATOM   829  C  CG  . GLU B 1 11 ? 1.680   24.732  7.716   1.00 12.88 ? 11   GLU B CG  1 
ATOM   830  C  CD  . GLU B 1 11 ? 2.109   23.724  6.699   1.00 18.98 ? 11   GLU B CD  1 
ATOM   831  O  OE1 . GLU B 1 11 ? 1.822   23.943  5.476   1.00 23.94 ? 11   GLU B OE1 1 
ATOM   832  O  OE2 . GLU B 1 11 ? 2.719   22.716  7.139   1.00 17.34 ? 11   GLU B OE2 1 
ATOM   833  N  N   . GLY B 1 12 ? -1.724  28.142  8.498   1.00 14.01 ? 12   GLY B N   1 
ATOM   834  C  CA  . GLY B 1 12 ? -2.728  29.163  8.112   1.00 17.03 ? 12   GLY B CA  1 
ATOM   835  C  C   . GLY B 1 12 ? -3.308  28.966  6.715   1.00 14.88 ? 12   GLY B C   1 
ATOM   836  O  O   . GLY B 1 12 ? -3.596  29.901  5.966   1.00 18.15 ? 12   GLY B O   1 
ATOM   837  N  N   . ILE B 1 13 ? -3.479  27.695  6.320   1.00 12.06 ? 13   ILE B N   1 
ATOM   838  C  CA  . ILE B 1 13 ? -4.078  27.344  4.989   1.00 10.46 ? 13   ILE B CA  1 
ATOM   839  C  C   . ILE B 1 13 ? -5.565  26.997  5.150   1.00 9.67  ? 13   ILE B C   1 
ATOM   840  O  O   . ILE B 1 13 ? -5.968  26.242  6.009   1.00 10.60 ? 13   ILE B O   1 
ATOM   841  C  CB  . ILE B 1 13 ? -3.388  26.109  4.442   1.00 11.27 ? 13   ILE B CB  1 
ATOM   842  C  CG1 . ILE B 1 13 ? -1.933  26.438  4.099   1.00 15.32 ? 13   ILE B CG1 1 
ATOM   843  C  CG2 . ILE B 1 13 ? -4.049  25.612  3.112   1.00 13.31 ? 13   ILE B CG2 1 
ATOM   844  C  CD1 . ILE B 1 13 ? -1.200  25.219  3.672   1.00 20.77 ? 13   ILE B CD1 1 
ATOM   845  N  N   . ASP B 1 14 ? -6.417  27.652  4.364   1.00 9.44  ? 14   ASP B N   1 
ATOM   846  C  CA  . ASP B 1 14 ? -7.814  27.227  4.243   1.00 8.76  ? 14   ASP B CA  1 
ATOM   847  C  C   . ASP B 1 14 ? -8.266  27.692  2.870   1.00 8.71  ? 14   ASP B C   1 
ATOM   848  O  O   . ASP B 1 14 ? -8.572  28.893  2.621   1.00 9.61  ? 14   ASP B O   1 
ATOM   849  C  CB  . ASP B 1 14 ? -8.615  27.957  5.322   1.00 10.44 ? 14   ASP B CB  1 
ATOM   850  C  CG  . ASP B 1 14 ? -10.036 27.537  5.316   1.00 14.93 ? 14   ASP B CG  1 
ATOM   851  O  OD1 . ASP B 1 14 ? -10.454 26.741  4.433   1.00 15.31 ? 14   ASP B OD1 1 
ATOM   852  O  OD2 . ASP B 1 14 ? -10.817 27.971  6.213   1.00 22.41 ? 14   ASP B OD2 1 
ATOM   853  N  N   . VAL B 1 15 ? -8.203  26.770  1.883   1.00 7.99  ? 15   VAL B N   1 
ATOM   854  C  CA  . VAL B 1 15 ? -8.563  27.134  0.476   1.00 7.11  ? 15   VAL B CA  1 
ATOM   855  C  C   . VAL B 1 15 ? -9.404  26.010  -0.098  1.00 7.26  ? 15   VAL B C   1 
ATOM   856  O  O   . VAL B 1 15 ? -9.182  24.831  0.253   1.00 9.48  ? 15   VAL B O   1 
ATOM   857  C  CB  . VAL B 1 15 ? -7.274  27.256  -0.309  1.00 8.82  ? 15   VAL B CB  1 
ATOM   858  C  CG1 . VAL B 1 15 ? -6.364  26.031  -0.281  1.00 12.54 ? 15   VAL B CG1 1 
ATOM   859  C  CG2 . VAL B 1 15 ? -7.541  27.615  -1.821  1.00 11.34 ? 15   VAL B CG2 1 
ATOM   860  N  N   . THR B 1 16 ? -10.340 26.321  -0.953  1.00 6.36  ? 16   THR B N   1 
ATOM   861  C  CA  . THR B 1 16 ? -11.171 25.311  -1.587  1.00 6.81  ? 16   THR B CA  1 
ATOM   862  C  C   . THR B 1 16 ? -11.034 25.353  -3.040  1.00 6.43  ? 16   THR B C   1 
ATOM   863  O  O   . THR B 1 16 ? -11.009 26.435  -3.682  1.00 7.47  ? 16   THR B O   1 
ATOM   864  C  CB  . THR B 1 16 ? -12.648 25.560  -1.158  1.00 8.57  ? 16   THR B CB  1 
ATOM   865  O  OG1 . THR B 1 16 ? -12.748 25.409  0.300   1.00 9.75  ? 16   THR B OG1 1 
ATOM   866  C  CG2 . THR B 1 16 ? -13.580 24.599  -1.804  1.00 10.21 ? 16   THR B CG2 1 
ATOM   867  N  N   . ILE B 1 17 ? -10.917 24.196  -3.635  1.00 6.54  ? 17   ILE B N   1 
ATOM   868  C  CA  . ILE B 1 17 ? -10.787 24.057  -5.093  1.00 6.75  ? 17   ILE B CA  1 
ATOM   869  C  C   . ILE B 1 17 ? -11.856 23.077  -5.559  1.00 6.81  ? 17   ILE B C   1 
ATOM   870  O  O   . ILE B 1 17 ? -12.560 22.439  -4.733  1.00 7.94  ? 17   ILE B O   1 
ATOM   871  C  CB  . ILE B 1 17 ? -9.395  23.562  -5.499  1.00 7.21  ? 17   ILE B CB  1 
ATOM   872  C  CG1 . ILE B 1 17 ? -9.111  22.181  -4.899  1.00 11.74 ? 17   ILE B CG1 1 
ATOM   873  C  CG2 . ILE B 1 17 ? -8.300  24.631  -5.060  1.00 8.40  ? 17   ILE B CG2 1 
ATOM   874  C  CD1 . ILE B 1 17 ? -8.062  21.450  -5.320  1.00 17.83 ? 17   ILE B CD1 1 
ATOM   875  N  N   . GLN B 1 18 ? -11.999 22.929  -6.881  1.00 6.02  ? 18   GLN B N   1 
ATOM   876  C  CA  . GLN B 1 18 ? -12.923 21.900  -7.435  1.00 7.11  ? 18   GLN B CA  1 
ATOM   877  C  C   . GLN B 1 18 ? -12.066 20.862  -8.090  1.00 7.51  ? 18   GLN B C   1 
ATOM   878  O  O   . GLN B 1 18 ? -11.066 21.158  -8.762  1.00 9.02  ? 18   GLN B O   1 
ATOM   879  C  CB  . GLN B 1 18 ? -13.815 22.598  -8.444  1.00 10.22 ? 18   GLN B CB  1 
ATOM   880  C  CG  . GLN B 1 18 ? -14.842 23.626  -7.793  1.00 15.77 ? 18   GLN B CG  1 
ATOM   881  C  CD  . GLN B 1 18 ? -16.117 22.959  -7.272  1.00 19.14 ? 18   GLN B CD  1 
ATOM   882  O  OE1 . GLN B 1 18 ? -16.885 22.345  -8.047  1.00 29.74 ? 18   GLN B OE1 1 
ATOM   883  N  NE2 . GLN B 1 18 ? -16.402 23.103  -6.015  1.00 22.71 ? 18   GLN B NE2 1 
ATOM   884  N  N   . CYS B 1 19 ? -12.502 19.589  -7.998  1.00 5.66  ? 19   CYS B N   1 
ATOM   885  C  CA  . CYS B 1 19 ? -11.742 18.485  -8.574  1.00 6.65  ? 19   CYS B CA  1 
ATOM   886  C  C   . CYS B 1 19 ? -12.682 17.464  -9.123  1.00 6.39  ? 19   CYS B C   1 
ATOM   887  O  O   . CYS B 1 19 ? -13.622 17.030  -8.459  1.00 6.84  ? 19   CYS B O   1 
ATOM   888  C  CB  . CYS B 1 19 ? -10.893 17.877  -7.501  1.00 5.93  ? 19   CYS B CB  1 
ATOM   889  S  SG  . CYS B 1 19 ? -9.724  16.601  -8.068  1.00 5.51  ? 19   CYS B SG  1 
ATOM   890  N  N   . ALA B 1 20 ? -12.463 17.112  -10.380 1.00 7.12  ? 20   ALA B N   1 
ATOM   891  C  CA  . ALA B 1 20 ? -13.290 16.068  -11.038 1.00 7.95  ? 20   ALA B CA  1 
ATOM   892  C  C   . ALA B 1 20 ? -12.980 14.705  -10.508 1.00 6.38  ? 20   ALA B C   1 
ATOM   893  O  O   . ALA B 1 20 ? -11.873 14.473  -9.981  1.00 6.65  ? 20   ALA B O   1 
ATOM   894  C  CB  . ALA B 1 20 ? -12.972 16.118  -12.578 1.00 12.55 ? 20   ALA B CB  1 
ATOM   895  N  N   . GLY B 1 21 ? -13.879 13.753  -10.779 1.00 7.41  ? 21   GLY B N   1 
ATOM   896  C  CA  . GLY B 1 21 ? -13.684 12.451  -10.339 1.00 8.20  ? 21   GLY B CA  1 
ATOM   897  C  C   . GLY B 1 21 ? -12.528 11.736  -11.047 1.00 7.25  ? 21   GLY B C   1 
ATOM   898  O  O   . GLY B 1 21 ? -12.079 10.692  -10.531 1.00 9.28  ? 21   GLY B O   1 
ATOM   899  N  N   . ASP B 1 22 ? -12.017 12.243  -12.132 1.00 7.78  ? 22   ASP B N   1 
ATOM   900  C  CA  . ASP B 1 22 ? -10.873 11.623  -12.849 1.00 8.56  ? 22   ASP B CA  1 
ATOM   901  C  C   . ASP B 1 22 ? -9.655  12.529  -12.772 1.00 8.42  ? 22   ASP B C   1 
ATOM   902  O  O   . ASP B 1 22 ? -8.722  12.402  -13.619 1.00 9.01  ? 22   ASP B O   1 
ATOM   903  C  CB  . ASP B 1 22 ? -11.198 11.352  -14.332 1.00 10.80 ? 22   ASP B CB  1 
ATOM   904  C  CG  . ASP B 1 22 ? -11.447 12.560  -15.043 1.00 9.80  ? 22   ASP B CG  1 
ATOM   905  O  OD1 . ASP B 1 22 ? -11.678 13.644  -14.543 1.00 10.87 ? 22   ASP B OD1 1 
ATOM   906  O  OD2 . ASP B 1 22 ? -11.456 12.454  -16.330 1.00 14.85 ? 22   ASP B OD2 1 
ATOM   907  N  N   . GLN B 1 23 ? -9.561  13.412  -11.749 1.00 7.45  ? 23   GLN B N   1 
ATOM   908  C  CA  . GLN B 1 23 ? -8.418  14.226  -11.533 1.00 7.62  ? 23   GLN B CA  1 
ATOM   909  C  C   . GLN B 1 23 ? -7.922  13.989  -10.109 1.00 6.43  ? 23   GLN B C   1 
ATOM   910  O  O   . GLN B 1 23 ? -8.698  13.885  -9.174  1.00 6.24  ? 23   GLN B O   1 
ATOM   911  C  CB  . GLN B 1 23 ? -8.755  15.730  -11.724 1.00 10.59 ? 23   GLN B CB  1 
ATOM   912  C  CG  . GLN B 1 23 ? -7.510  16.555  -11.525 1.00 14.62 ? 23   GLN B CG  1 
ATOM   913  C  CD  . GLN B 1 23 ? -7.351  17.986  -12.135 1.00 20.99 ? 23   GLN B CD  1 
ATOM   914  O  OE1 . GLN B 1 23 ? -8.195  18.739  -11.944 1.00 17.17 ? 23   GLN B OE1 1 
ATOM   915  N  NE2 . GLN B 1 23 ? -6.186  18.342  -12.764 1.00 24.02 ? 23   GLN B NE2 1 
ATOM   916  N  N   . TYR B 1 24 ? -6.579  13.875  -9.951  1.00 5.87  ? 24   TYR B N   1 
ATOM   917  C  CA  . TYR B 1 24 ? -6.044  13.717  -8.623  1.00 6.25  ? 24   TYR B CA  1 
ATOM   918  C  C   . TYR B 1 24 ? -6.110  15.007  -7.867  1.00 5.97  ? 24   TYR B C   1 
ATOM   919  O  O   . TYR B 1 24 ? -5.905  16.095  -8.454  1.00 6.51  ? 24   TYR B O   1 
ATOM   920  C  CB  . TYR B 1 24 ? -4.587  13.269  -8.677  1.00 8.04  ? 24   TYR B CB  1 
ATOM   921  C  CG  . TYR B 1 24 ? -4.317  11.939  -9.311  1.00 8.68  ? 24   TYR B CG  1 
ATOM   922  C  CD1 . TYR B 1 24 ? -5.019  10.795  -8.946  1.00 9.73  ? 24   TYR B CD1 1 
ATOM   923  C  CD2 . TYR B 1 24 ? -3.294  11.836  -10.268 1.00 11.88 ? 24   TYR B CD2 1 
ATOM   924  C  CE1 . TYR B 1 24 ? -4.677  9.547   -9.498  1.00 12.17 ? 24   TYR B CE1 1 
ATOM   925  C  CE2 . TYR B 1 24 ? -2.967  10.611  -10.833 1.00 14.82 ? 24   TYR B CE2 1 
ATOM   926  C  CZ  . TYR B 1 24 ? -3.652  9.537   -10.402 1.00 13.07 ? 24   TYR B CZ  1 
ATOM   927  O  OH  . TYR B 1 24 ? -3.313  8.254   -10.946 1.00 19.93 ? 24   TYR B OH  1 
ATOM   928  N  N   . ILE B 1 25 ? -6.300  14.900  -6.542  1.00 5.45  ? 25   ILE B N   1 
ATOM   929  C  CA  . ILE B 1 25 ? -6.448  16.099  -5.730  1.00 5.83  ? 25   ILE B CA  1 
ATOM   930  C  C   . ILE B 1 25 ? -5.214  16.957  -5.845  1.00 6.02  ? 25   ILE B C   1 
ATOM   931  O  O   . ILE B 1 25 ? -5.343  18.198  -5.900  1.00 6.49  ? 25   ILE B O   1 
ATOM   932  C  CB  . ILE B 1 25 ? -6.761  15.690  -4.290  1.00 7.66  ? 25   ILE B CB  1 
ATOM   933  C  CG1 . ILE B 1 25 ? -8.263  15.200  -4.308  1.00 8.07  ? 25   ILE B CG1 1 
ATOM   934  C  CG2 . ILE B 1 25 ? -6.493  16.836  -3.263  1.00 8.73  ? 25   ILE B CG2 1 
ATOM   935  C  CD1 . ILE B 1 25 ? -8.662  14.416  -3.012  1.00 11.22 ? 25   ILE B CD1 1 
ATOM   936  N  N   . LEU B 1 26 ? -3.981  16.419  -5.802  1.00 6.65  ? 26   LEU B N   1 
ATOM   937  C  CA  . LEU B 1 26 ? -2.791  17.236  -5.859  1.00 6.36  ? 26   LEU B CA  1 
ATOM   938  C  C   . LEU B 1 26 ? -2.820  18.072  -7.156  1.00 7.60  ? 26   LEU B C   1 
ATOM   939  O  O   . LEU B 1 26 ? -2.472  19.282  -7.118  1.00 8.59  ? 26   LEU B O   1 
ATOM   940  C  CB  . LEU B 1 26 ? -1.523  16.374  -5.781  1.00 8.15  ? 26   LEU B CB  1 
ATOM   941  C  CG  . LEU B 1 26 ? -0.207  17.145  -5.962  1.00 8.38  ? 26   LEU B CG  1 
ATOM   942  C  CD1 . LEU B 1 26 ? 0.028   18.108  -4.896  1.00 11.45 ? 26   LEU B CD1 1 
ATOM   943  C  CD2 . LEU B 1 26 ? 0.919   16.030  -5.973  1.00 10.52 ? 26   LEU B CD2 1 
ATOM   944  N  N   . ASP B 1 27 ? -3.122  17.465  -8.250  1.00 6.47  ? 27   ASP B N   1 
ATOM   945  C  CA  . ASP B 1 27 ? -3.135  18.196  -9.502  1.00 8.98  ? 27   ASP B CA  1 
ATOM   946  C  C   . ASP B 1 27 ? -4.167  19.288  -9.556  1.00 7.46  ? 27   ASP B C   1 
ATOM   947  O  O   . ASP B 1 27 ? -3.881  20.408  -10.077 1.00 9.30  ? 27   ASP B O   1 
ATOM   948  C  CB  . ASP B 1 27 ? -3.425  17.185  -10.646 1.00 10.39 ? 27   ASP B CB  1 
ATOM   949  C  CG  . ASP B 1 27 ? -2.272  16.246  -10.923 1.00 14.49 ? 27   ASP B CG  1 
ATOM   950  O  OD1 . ASP B 1 27 ? -1.065  16.670  -10.929 1.00 21.11 ? 27   ASP B OD1 1 
ATOM   951  O  OD2 . ASP B 1 27 ? -2.478  15.093  -11.334 1.00 20.68 ? 27   ASP B OD2 1 
ATOM   952  N  N   . ALA B 1 28 ? -5.367  19.007  -9.072  1.00 6.99  ? 28   ALA B N   1 
ATOM   953  C  CA  . ALA B 1 28 ? -6.385  20.069  -9.000  1.00 6.86  ? 28   ALA B CA  1 
ATOM   954  C  C   . ALA B 1 28 ? -5.957  21.221  -8.135  1.00 7.24  ? 28   ALA B C   1 
ATOM   955  O  O   . ALA B 1 28 ? -6.212  22.392  -8.533  1.00 7.76  ? 28   ALA B O   1 
ATOM   956  C  CB  . ALA B 1 28 ? -7.697  19.497  -8.528  1.00 8.33  ? 28   ALA B CB  1 
ATOM   957  N  N   . ALA B 1 29 ? -5.302  20.957  -7.030  1.00 6.32  ? 29   ALA B N   1 
ATOM   958  C  CA  . ALA B 1 29 ? -4.829  22.055  -6.168  1.00 7.36  ? 29   ALA B CA  1 
ATOM   959  C  C   . ALA B 1 29 ? -3.748  22.853  -6.860  1.00 6.98  ? 29   ALA B C   1 
ATOM   960  O  O   . ALA B 1 29 ? -3.769  24.103  -6.845  1.00 8.87  ? 29   ALA B O   1 
ATOM   961  C  CB  . ALA B 1 29 ? -4.295  21.438  -4.876  1.00 9.23  ? 29   ALA B CB  1 
ATOM   962  N  N   . GLU B 1 30 ? -2.811  22.175  -7.448  1.00 7.35  ? 30   GLU B N   1 
ATOM   963  C  CA  . GLU B 1 30 ? -1.730  22.858  -8.174  1.00 9.62  ? 30   GLU B CA  1 
ATOM   964  C  C   . GLU B 1 30 ? -2.287  23.738  -9.281  1.00 9.76  ? 30   GLU B C   1 
ATOM   965  O  O   . GLU B 1 30 ? -1.709  24.815  -9.570  1.00 11.01 ? 30   GLU B O   1 
ATOM   966  C  CB  . GLU B 1 30 ? -0.751  21.831  -8.706  1.00 10.73 ? 30   GLU B CB  1 
ATOM   967  C  CG  . GLU B 1 30 ? 0.075   21.247  -7.521  1.00 12.59 ? 30   GLU B CG  1 
ATOM   968  C  CD  . GLU B 1 30 ? 1.012   20.143  -7.941  1.00 17.87 ? 30   GLU B CD  1 
ATOM   969  O  OE1 . GLU B 1 30 ? 0.806   19.610  -9.051  1.00 19.23 ? 30   GLU B OE1 1 
ATOM   970  O  OE2 . GLU B 1 30 ? 1.991   19.870  -7.164  1.00 16.23 ? 30   GLU B OE2 1 
ATOM   971  N  N   . GLU B 1 31 ? -3.327  23.284  -9.983  1.00 9.55  ? 31   GLU B N   1 
ATOM   972  C  CA  . GLU B 1 31 ? -3.898  24.084  -11.077 1.00 10.36 ? 31   GLU B CA  1 
ATOM   973  C  C   . GLU B 1 31 ? -4.408  25.393  -10.567 1.00 9.39  ? 31   GLU B C   1 
ATOM   974  O  O   . GLU B 1 31 ? -4.475  26.368  -11.375 1.00 12.58 ? 31   GLU B O   1 
ATOM   975  C  CB  . GLU B 1 31 ? -4.955  23.243  -11.680 1.00 12.61 ? 31   GLU B CB  1 
ATOM   976  C  CG  . GLU B 1 31 ? -5.853  23.722  -12.748 1.00 22.16 ? 31   GLU B CG  1 
ATOM   977  C  CD  . GLU B 1 31 ? -6.664  22.468  -13.280 1.00 32.26 ? 31   GLU B CD  1 
ATOM   978  O  OE1 . GLU B 1 31 ? -7.582  21.914  -12.566 1.00 37.31 ? 31   GLU B OE1 1 
ATOM   979  O  OE2 . GLU B 1 31 ? -6.321  21.978  -14.390 1.00 41.43 ? 31   GLU B OE2 1 
ATOM   980  N  N   . GLN B 1 32 ? -4.719  25.551  -9.317  1.00 7.70  ? 32   GLN B N   1 
ATOM   981  C  CA  . GLN B 1 32 ? -5.179  26.832  -8.757  1.00 8.38  ? 32   GLN B CA  1 
ATOM   982  C  C   . GLN B 1 32 ? -4.061  27.603  -8.122  1.00 10.78 ? 32   GLN B C   1 
ATOM   983  O  O   . GLN B 1 32 ? -4.296  28.682  -7.603  1.00 12.19 ? 32   GLN B O   1 
ATOM   984  C  CB  . GLN B 1 32 ? -6.341  26.677  -7.733  1.00 8.46  ? 32   GLN B CB  1 
ATOM   985  C  CG  . GLN B 1 32 ? -7.581  26.043  -8.391  1.00 6.20  ? 32   GLN B CG  1 
ATOM   986  C  CD  . GLN B 1 32 ? -8.032  26.825  -9.640  1.00 6.67  ? 32   GLN B CD  1 
ATOM   987  O  OE1 . GLN B 1 32 ? -8.198  28.047  -9.542  1.00 8.05  ? 32   GLN B OE1 1 
ATOM   988  N  NE2 . GLN B 1 32 ? -8.252  26.156  -10.703 1.00 9.43  ? 32   GLN B NE2 1 
ATOM   989  N  N   . GLY B 1 33 ? -2.858  27.026  -8.046  1.00 9.46  ? 33   GLY B N   1 
ATOM   990  C  CA  . GLY B 1 33 ? -1.709  27.727  -7.481  1.00 11.03 ? 33   GLY B CA  1 
ATOM   991  C  C   . GLY B 1 33 ? -1.446  27.346  -6.027  1.00 10.18 ? 33   GLY B C   1 
ATOM   992  O  O   . GLY B 1 33 ? -0.579  27.956  -5.365  1.00 12.93 ? 33   GLY B O   1 
ATOM   993  N  N   . VAL B 1 34 ? -2.143  26.333  -5.424  1.00 10.60 ? 34   VAL B N   1 
ATOM   994  C  CA  . VAL B 1 34 ? -1.859  25.874  -4.082  1.00 12.13 ? 34   VAL B CA  1 
ATOM   995  C  C   . VAL B 1 34 ? -0.558  25.053  -3.979  1.00 11.34 ? 34   VAL B C   1 
ATOM   996  O  O   . VAL B 1 34 ? -0.383  24.131  -4.723  1.00 13.98 ? 34   VAL B O   1 
ATOM   997  C  CB  . VAL B 1 34 ? -3.018  25.017  -3.550  1.00 12.39 ? 34   VAL B CB  1 
ATOM   998  C  CG1 . VAL B 1 34 ? -2.846  24.657  -2.170  1.00 13.69 ? 34   VAL B CG1 1 
ATOM   999  C  CG2 . VAL B 1 34 ? -4.377  25.846  -3.763  1.00 13.30 ? 34   VAL B CG2 1 
ATOM   1000 N  N   . ASP B 1 35 ? 0.295   25.397  -3.044  1.00 13.41 ? 35   ASP B N   1 
ATOM   1001 C  CA  . ASP B 1 35 ? 1.642   24.749  -2.954  1.00 11.87 ? 35   ASP B CA  1 
ATOM   1002 C  C   . ASP B 1 35 ? 1.567   23.609  -1.919  1.00 13.09 ? 35   ASP B C   1 
ATOM   1003 O  O   . ASP B 1 35 ? 1.863   23.817  -0.711  1.00 17.45 ? 35   ASP B O   1 
ATOM   1004 C  CB  . ASP B 1 35 ? 2.628   25.826  -2.474  1.00 15.01 ? 35   ASP B CB  1 
ATOM   1005 C  CG  . ASP B 1 35 ? 4.074   25.342  -2.339  1.00 17.40 ? 35   ASP B CG  1 
ATOM   1006 O  OD1 . ASP B 1 35 ? 4.334   24.255  -2.803  1.00 19.67 ? 35   ASP B OD1 1 
ATOM   1007 O  OD2 . ASP B 1 35 ? 4.896   26.123  -1.783  1.00 25.03 ? 35   ASP B OD2 1 
ATOM   1008 N  N   . LEU B 1 36 ? 1.213   22.404  -2.427  1.00 12.12 ? 36   LEU B N   1 
ATOM   1009 C  CA  . LEU B 1 36 ? 1.061   21.230  -1.498  1.00 10.29 ? 36   LEU B CA  1 
ATOM   1010 C  C   . LEU B 1 36 ? 2.335   20.450  -1.597  1.00 11.63 ? 36   LEU B C   1 
ATOM   1011 O  O   . LEU B 1 36 ? 2.981   20.385  -2.667  1.00 12.54 ? 36   LEU B O   1 
ATOM   1012 C  CB  . LEU B 1 36 ? -0.047  20.302  -1.966  1.00 10.88 ? 36   LEU B CB  1 
ATOM   1013 C  CG  . LEU B 1 36 ? -1.439  20.925  -1.775  1.00 11.11 ? 36   LEU B CG  1 
ATOM   1014 C  CD1 . LEU B 1 36 ? -2.485  19.853  -2.268  1.00 11.48 ? 36   LEU B CD1 1 
ATOM   1015 C  CD2 . LEU B 1 36 ? -1.660  21.405  -0.377  1.00 12.90 ? 36   LEU B CD2 1 
ATOM   1016 N  N   . PRO B 1 37 ? 2.715   19.692  -0.528  1.00 11.40 ? 37   PRO B N   1 
ATOM   1017 C  CA  . PRO B 1 37 ? 4.013   18.983  -0.490  1.00 12.64 ? 37   PRO B CA  1 
ATOM   1018 C  C   . PRO B 1 37 ? 3.904   17.748  -1.383  1.00 10.62 ? 37   PRO B C   1 
ATOM   1019 O  O   . PRO B 1 37 ? 2.803   17.057  -1.553  1.00 10.66 ? 37   PRO B O   1 
ATOM   1020 C  CB  . PRO B 1 37 ? 4.161   18.642  0.999   1.00 13.49 ? 37   PRO B CB  1 
ATOM   1021 C  CG  . PRO B 1 37 ? 2.809   18.601  1.500   1.00 11.99 ? 37   PRO B CG  1 
ATOM   1022 C  CD  . PRO B 1 37 ? 2.093   19.686  0.781   1.00 10.51 ? 37   PRO B CD  1 
ATOM   1023 N  N   . TYR B 1 38 ? 4.977   17.383  -2.041  1.00 12.23 ? 38   TYR B N   1 
ATOM   1024 C  CA  . TYR B 1 38 ? 5.085   16.180  -2.784  1.00 11.82 ? 38   TYR B CA  1 
ATOM   1025 C  C   . TYR B 1 38 ? 6.540   15.781  -3.005  1.00 12.41 ? 38   TYR B C   1 
ATOM   1026 O  O   . TYR B 1 38 ? 7.419   16.715  -2.838  1.00 14.04 ? 38   TYR B O   1 
ATOM   1027 C  CB  . TYR B 1 38 ? 4.359   16.187  -4.132  1.00 10.92 ? 38   TYR B CB  1 
ATOM   1028 C  CG  . TYR B 1 38 ? 4.992   17.234  -5.015  1.00 15.21 ? 38   TYR B CG  1 
ATOM   1029 C  CD1 . TYR B 1 38 ? 4.580   18.572  -4.965  1.00 16.11 ? 38   TYR B CD1 1 
ATOM   1030 C  CD2 . TYR B 1 38 ? 6.024   16.884  -5.881  1.00 16.98 ? 38   TYR B CD2 1 
ATOM   1031 C  CE1 . TYR B 1 38 ? 5.209   19.552  -5.807  1.00 19.66 ? 38   TYR B CE1 1 
ATOM   1032 C  CE2 . TYR B 1 38 ? 6.645   17.841  -6.706  1.00 22.85 ? 38   TYR B CE2 1 
ATOM   1033 C  CZ  . TYR B 1 38 ? 6.228   19.156  -6.639  1.00 20.73 ? 38   TYR B CZ  1 
ATOM   1034 O  OH  . TYR B 1 38 ? 6.858   20.095  -7.466  1.00 23.63 ? 38   TYR B OH  1 
ATOM   1035 N  N   . SER B 1 39 ? 6.786   14.571  -3.469  1.00 11.59 ? 39   SER B N   1 
ATOM   1036 C  CA  . SER B 1 39 ? 8.156   14.205  -3.973  1.00 13.68 ? 39   SER B CA  1 
ATOM   1037 C  C   . SER B 1 39 ? 7.993   13.241  -5.049  1.00 11.18 ? 39   SER B C   1 
ATOM   1038 O  O   . SER B 1 39 ? 8.066   13.533  -6.230  1.00 14.58 ? 39   SER B O   1 
ATOM   1039 C  CB  . SER B 1 39 ? 9.138   13.710  -2.866  1.00 15.99 ? 39   SER B CB  1 
ATOM   1040 O  OG  . SER B 1 39 ? 8.606   12.538  -2.167  1.00 15.02 ? 39   SER B OG  1 
ATOM   1041 N  N   . CYS B 1 40 ? 7.632   11.942  -4.762  1.00 13.10 ? 40   CYS B N   1 
ATOM   1042 C  CA  . CYS B 1 40 ? 7.571   10.912  -5.788  1.00 11.62 ? 40   CYS B CA  1 
ATOM   1043 C  C   . CYS B 1 40 ? 6.494   11.068  -6.899  1.00 13.67 ? 40   CYS B C   1 
ATOM   1044 O  O   . CYS B 1 40 ? 6.585   10.589  -8.039  1.00 13.65 ? 40   CYS B O   1 
ATOM   1045 C  CB  . CYS B 1 40 ? 7.540   9.488   -5.178  1.00 12.99 ? 40   CYS B CB  1 
ATOM   1046 S  SG  . CYS B 1 40 ? 5.901   8.869   -4.724  1.00 10.64 ? 40   CYS B SG  1 
ATOM   1047 N  N   . ARG B 1 41 ? 5.330   11.612  -6.476  1.00 12.56 ? 41   ARG B N   1 
ATOM   1048 C  CA  . ARG B 1 41 ? 4.115   11.782  -7.278  1.00 13.37 ? 41   ARG B CA  1 
ATOM   1049 C  C   . ARG B 1 41 ? 3.594   10.501  -7.852  1.00 11.88 ? 41   ARG B C   1 
ATOM   1050 O  O   . ARG B 1 41 ? 2.852   10.506  -8.827  1.00 14.60 ? 41   ARG B O   1 
ATOM   1051 C  CB  . ARG B 1 41 ? 4.307   12.889  -8.333  1.00 13.36 ? 41   ARG B CB  1 
ATOM   1052 C  CG  . ARG B 1 41 ? 4.854   14.198  -7.799  1.00 15.65 ? 41   ARG B CG  1 
ATOM   1053 C  CD  . ARG B 1 41 ? 4.921   15.249  -8.973  1.00 16.22 ? 41   ARG B CD  1 
ATOM   1054 N  NE  . ARG B 1 41 ? 3.582   15.626  -9.430  1.00 16.46 ? 41   ARG B NE  1 
ATOM   1055 C  CZ  . ARG B 1 41 ? 2.930   16.738  -9.045  1.00 13.83 ? 41   ARG B CZ  1 
ATOM   1056 N  NH1 . ARG B 1 41 ? 3.432   17.585  -8.232  1.00 15.55 ? 41   ARG B NH1 1 
ATOM   1057 N  NH2 . ARG B 1 41 ? 1.723   16.907  -9.540  1.00 17.59 ? 41   ARG B NH2 1 
ATOM   1058 N  N   . ALA B 1 42 ? 3.962   9.332   -7.255  1.00 11.72 ? 42   ALA B N   1 
ATOM   1059 C  CA  . ALA B 1 42 ? 3.542   8.086   -7.756  1.00 12.51 ? 42   ALA B CA  1 
ATOM   1060 C  C   . ALA B 1 42 ? 2.815   7.147   -6.770  1.00 13.50 ? 42   ALA B C   1 
ATOM   1061 O  O   . ALA B 1 42 ? 2.649   5.952   -7.061  1.00 14.51 ? 42   ALA B O   1 
ATOM   1062 C  CB  . ALA B 1 42 ? 4.774   7.291   -8.443  1.00 17.42 ? 42   ALA B CB  1 
ATOM   1063 N  N   . GLY B 1 43 ? 2.457   7.635   -5.631  1.00 10.19 ? 43   GLY B N   1 
ATOM   1064 C  CA  . GLY B 1 43 ? 1.683   6.831   -4.631  1.00 11.25 ? 43   GLY B CA  1 
ATOM   1065 C  C   . GLY B 1 43 ? 2.559   5.898   -3.779  1.00 9.61  ? 43   GLY B C   1 
ATOM   1066 O  O   . GLY B 1 43 ? 2.004   5.018   -3.090  1.00 11.81 ? 43   GLY B O   1 
ATOM   1067 N  N   . ALA B 1 44 ? 3.876   6.092   -3.786  1.00 10.56 ? 44   ALA B N   1 
ATOM   1068 C  CA  . ALA B 1 44 ? 4.844   5.162   -3.090  1.00 10.78 ? 44   ALA B CA  1 
ATOM   1069 C  C   . ALA B 1 44 ? 5.664   5.834   -2.081  1.00 11.55 ? 44   ALA B C   1 
ATOM   1070 O  O   . ALA B 1 44 ? 6.817   5.349   -1.805  1.00 14.98 ? 44   ALA B O   1 
ATOM   1071 C  CB  . ALA B 1 44 ? 5.672   4.422   -4.136  1.00 12.77 ? 44   ALA B CB  1 
ATOM   1072 N  N   . CYS B 1 45 ? 5.227   6.859   -1.410  1.00 11.49 ? 45   CYS B N   1 
ATOM   1073 C  CA  . CYS B 1 45 ? 5.968   7.538   -0.387  1.00 11.41 ? 45   CYS B CA  1 
ATOM   1074 C  C   . CYS B 1 45 ? 5.032   8.314   0.554   1.00 9.81  ? 45   CYS B C   1 
ATOM   1075 O  O   . CYS B 1 45 ? 3.732   8.150   0.366   1.00 12.56 ? 45   CYS B O   1 
ATOM   1076 C  CB  . CYS B 1 45 ? 7.049   8.479   -1.010  1.00 11.45 ? 45   CYS B CB  1 
ATOM   1077 S  SG  . CYS B 1 45 ? 6.604   10.212  -1.395  1.00 10.07 ? 45   CYS B SG  1 
ATOM   1078 N  N   . SER B 1 46 ? 5.484   9.029   1.542   1.00 11.10 ? 46   SER B N   1 
ATOM   1079 C  CA  . SER B 1 46 ? 4.593   9.731   2.435   1.00 11.40 ? 46   SER B CA  1 
ATOM   1080 C  C   . SER B 1 46 ? 4.452   11.289  2.212   1.00 8.84  ? 46   SER B C   1 
ATOM   1081 O  O   . SER B 1 46 ? 3.847   11.946  2.975   1.00 9.95  ? 46   SER B O   1 
ATOM   1082 C  CB  . SER B 1 46 ? 4.993   9.483   3.892   1.00 11.55 ? 46   SER B CB  1 
ATOM   1083 O  OG  . SER B 1 46 ? 6.363   9.727   4.174   1.00 14.21 ? 46   SER B OG  1 
ATOM   1084 N  N   . THR B 1 47 ? 5.245   11.847  1.322   1.00 10.27 ? 47   THR B N   1 
ATOM   1085 C  CA  . THR B 1 47 ? 5.478   13.299  1.330   1.00 11.13 ? 47   THR B CA  1 
ATOM   1086 C  C   . THR B 1 47 ? 4.182   14.115  1.137   1.00 6.35  ? 47   THR B C   1 
ATOM   1087 O  O   . THR B 1 47 ? 3.989   15.042  1.808   1.00 9.25  ? 47   THR B O   1 
ATOM   1088 C  CB  . THR B 1 47 ? 6.442   13.707  0.219   1.00 10.50 ? 47   THR B CB  1 
ATOM   1089 O  OG1 . THR B 1 47 ? 7.686   12.937  0.362   1.00 11.77 ? 47   THR B OG1 1 
ATOM   1090 C  CG2 . THR B 1 47 ? 6.823   15.182  0.303   1.00 13.88 ? 47   THR B CG2 1 
ATOM   1091 N  N   . CYS B 1 48 ? 3.333   13.544  0.243   1.00 8.10  ? 48   CYS B N   1 
ATOM   1092 C  CA  . CYS B 1 48 ? 2.059   14.236  -0.117  1.00 8.74  ? 48   CYS B CA  1 
ATOM   1093 C  C   . CYS B 1 48 ? 0.946   13.856  0.835   1.00 8.67  ? 48   CYS B C   1 
ATOM   1094 O  O   . CYS B 1 48 ? -0.284  14.196  0.538   1.00 8.64  ? 48   CYS B O   1 
ATOM   1095 C  CB  . CYS B 1 48 ? 1.668   13.949  -1.536  1.00 7.73  ? 48   CYS B CB  1 
ATOM   1096 S  SG  . CYS B 1 48 ? 1.116   12.217  -1.709  1.00 7.43  ? 48   CYS B SG  1 
ATOM   1097 N  N   . ALA B 1 49 ? 1.174   13.162  1.930   1.00 8.66  ? 49   ALA B N   1 
ATOM   1098 C  CA  . ALA B 1 49 ? 0.012   12.632  2.686   1.00 7.07  ? 49   ALA B CA  1 
ATOM   1099 C  C   . ALA B 1 49 ? -0.845  13.749  3.181   1.00 7.95  ? 49   ALA B C   1 
ATOM   1100 O  O   . ALA B 1 49 ? -0.364  14.820  3.652   1.00 8.16  ? 49   ALA B O   1 
ATOM   1101 C  CB  . ALA B 1 49 ? 0.582   11.820  3.878   1.00 7.70  ? 49   ALA B CB  1 
ATOM   1102 N  N   . GLY B 1 50 ? -2.135  13.455  3.256   1.00 7.89  ? 50   GLY B N   1 
ATOM   1103 C  CA  . GLY B 1 50 ? -3.128  14.294  3.846   1.00 8.00  ? 50   GLY B CA  1 
ATOM   1104 C  C   . GLY B 1 50 ? -4.037  13.425  4.725   1.00 7.06  ? 50   GLY B C   1 
ATOM   1105 O  O   . GLY B 1 50 ? -3.882  12.207  4.755   1.00 7.18  ? 50   GLY B O   1 
ATOM   1106 N  N   . LYS B 1 51 ? -4.945  14.040  5.401   1.00 7.54  ? 51   LYS B N   1 
ATOM   1107 C  CA  . LYS B 1 51 ? -5.919  13.277  6.210   1.00 7.46  ? 51   LYS B CA  1 
ATOM   1108 C  C   . LYS B 1 51 ? -7.290  13.784  5.964   1.00 6.99  ? 51   LYS B C   1 
ATOM   1109 O  O   . LYS B 1 51 ? -7.586  14.962  6.076   1.00 7.67  ? 51   LYS B O   1 
ATOM   1110 C  CB  . LYS B 1 51 ? -5.568  13.413  7.697   1.00 10.12 ? 51   LYS B CB  1 
ATOM   1111 C  CG  . LYS B 1 51 ? -6.326  12.362  8.500   1.00 12.28 ? 51   LYS B CG  1 
ATOM   1112 C  CD  . LYS B 1 51 ? -6.018  12.549  10.014  1.00 16.21 ? 51   LYS B CD  1 
ATOM   1113 C  CE  . LYS B 1 51 ? -6.201  11.341  10.955  1.00 22.88 ? 51   LYS B CE  1 
ATOM   1114 N  NZ  . LYS B 1 51 ? -5.647  11.710  12.336  1.00 25.19 ? 51   LYS B NZ  1 
ATOM   1115 N  N   . LEU B 1 52 ? -8.203  12.865  5.607   1.00 6.84  ? 52   LEU B N   1 
ATOM   1116 C  CA  . LEU B 1 52 ? -9.582  13.207  5.386   1.00 6.98  ? 52   LEU B CA  1 
ATOM   1117 C  C   . LEU B 1 52 ? -10.246 13.600  6.705   1.00 8.14  ? 52   LEU B C   1 
ATOM   1118 O  O   . LEU B 1 52 ? -10.195 12.747  7.681   1.00 10.54 ? 52   LEU B O   1 
ATOM   1119 C  CB  . LEU B 1 52 ? -10.378 12.080  4.813   1.00 7.60  ? 52   LEU B CB  1 
ATOM   1120 C  CG  . LEU B 1 52 ? -10.147 11.822  3.380   1.00 8.24  ? 52   LEU B CG  1 
ATOM   1121 C  CD1 . LEU B 1 52 ? -10.580 10.415  2.932   1.00 10.33 ? 52   LEU B CD1 1 
ATOM   1122 C  CD2 . LEU B 1 52 ? -10.949 12.920  2.491   1.00 9.64  ? 52   LEU B CD2 1 
ATOM   1123 N  N   . VAL B 1 53 ? -10.869 14.719  6.792   1.00 7.67  ? 53   VAL B N   1 
ATOM   1124 C  CA  . VAL B 1 53 ? -11.728 15.048  7.915   1.00 8.14  ? 53   VAL B CA  1 
ATOM   1125 C  C   . VAL B 1 53 ? -13.155 14.674  7.546   1.00 7.83  ? 53   VAL B C   1 
ATOM   1126 O  O   . VAL B 1 53 ? -13.926 14.178  8.404   1.00 9.65  ? 53   VAL B O   1 
ATOM   1127 C  CB  . VAL B 1 53 ? -11.657 16.567  8.143   1.00 9.74  ? 53   VAL B CB  1 
ATOM   1128 C  CG1 . VAL B 1 53 ? -12.577 16.966  9.301   1.00 14.85 ? 53   VAL B CG1 1 
ATOM   1129 C  CG2 . VAL B 1 53 ? -10.241 17.037  8.468   1.00 11.90 ? 53   VAL B CG2 1 
ATOM   1130 N  N   . LYS B 1 54 ? -13.584 14.977  6.302   1.00 8.05  ? 54   LYS B N   1 
ATOM   1131 C  CA  . LYS B 1 54 ? -14.883 14.565  5.789   1.00 7.91  ? 54   LYS B CA  1 
ATOM   1132 C  C   . LYS B 1 54 ? -14.704 14.196  4.344   1.00 6.97  ? 54   LYS B C   1 
ATOM   1133 O  O   . LYS B 1 54 ? -13.802 14.758  3.688   1.00 6.42  ? 54   LYS B O   1 
ATOM   1134 C  CB  . LYS B 1 54 ? -15.859 15.766  5.838   1.00 12.73 ? 54   LYS B CB  1 
ATOM   1135 C  CG  . LYS B 1 54 ? -16.300 16.229  7.183   1.00 20.68 ? 54   LYS B CG  1 
ATOM   1136 C  CD  . LYS B 1 54 ? -17.347 17.313  6.822   1.00 27.96 ? 54   LYS B CD  1 
ATOM   1137 C  CE  . LYS B 1 54 ? -17.964 17.939  8.060   1.00 38.38 ? 54   LYS B CE  1 
ATOM   1138 N  NZ  . LYS B 1 54 ? -18.316 19.406  7.791   1.00 41.77 ? 54   LYS B NZ  1 
ATOM   1139 N  N   . GLY B 1 55 ? -15.552 13.307  3.834   1.00 6.68  ? 55   GLY B N   1 
ATOM   1140 C  CA  . GLY B 1 55 ? -15.532 12.956  2.383   1.00 7.05  ? 55   GLY B CA  1 
ATOM   1141 C  C   . GLY B 1 55 ? -14.829 11.655  2.167   1.00 6.73  ? 55   GLY B C   1 
ATOM   1142 O  O   . GLY B 1 55 ? -14.368 10.954  3.108   1.00 8.56  ? 55   GLY B O   1 
ATOM   1143 N  N   . SER B 1 56 ? -14.718 11.288  0.925   1.00 6.24  ? 56   SER B N   1 
ATOM   1144 C  CA  . SER B 1 56 ? -14.151 10.054  0.510   1.00 6.60  ? 56   SER B CA  1 
ATOM   1145 C  C   . SER B 1 56 ? -13.318 10.204  -0.770  1.00 5.55  ? 56   SER B C   1 
ATOM   1146 O  O   . SER B 1 56 ? -13.552 11.134  -1.554  1.00 5.53  ? 56   SER B O   1 
ATOM   1147 C  CB  . SER B 1 56 ? -15.264 8.985   0.319   1.00 7.88  ? 56   SER B CB  1 
ATOM   1148 O  OG  . SER B 1 56 ? -16.257 9.444   -0.563  1.00 9.12  ? 56   SER B OG  1 
ATOM   1149 N  N   . VAL B 1 57 ? -12.369 9.288   -0.975  1.00 6.16  ? 57   VAL B N   1 
ATOM   1150 C  CA  . VAL B 1 57 ? -11.565 9.264   -2.137  1.00 6.05  ? 57   VAL B CA  1 
ATOM   1151 C  C   . VAL B 1 57 ? -11.450 7.845   -2.667  1.00 5.97  ? 57   VAL B C   1 
ATOM   1152 O  O   . VAL B 1 57 ? -11.703 6.869   -1.918  1.00 7.48  ? 57   VAL B O   1 
ATOM   1153 C  CB  . VAL B 1 57 ? -10.131 9.792   -1.867  1.00 6.72  ? 57   VAL B CB  1 
ATOM   1154 C  CG1 . VAL B 1 57 ? -10.150 11.216  -1.348  1.00 7.32  ? 57   VAL B CG1 1 
ATOM   1155 C  CG2 . VAL B 1 57 ? -9.284  8.848   -0.950  1.00 8.38  ? 57   VAL B CG2 1 
ATOM   1156 N  N   . ASP B 1 58 ? -11.030 7.733   -3.893  1.00 6.30  ? 58   ASP B N   1 
ATOM   1157 C  CA  . ASP B 1 58 ? -10.538 6.480   -4.484  1.00 7.59  ? 58   ASP B CA  1 
ATOM   1158 C  C   . ASP B 1 58 ? -9.054  6.700   -4.707  1.00 6.74  ? 58   ASP B C   1 
ATOM   1159 O  O   . ASP B 1 58 ? -8.662  7.454   -5.568  1.00 7.38  ? 58   ASP B O   1 
ATOM   1160 C  CB  . ASP B 1 58 ? -11.270 6.161   -5.805  1.00 8.54  ? 58   ASP B CB  1 
ATOM   1161 C  CG  . ASP B 1 58 ? -10.613 5.021   -6.588  1.00 13.63 ? 58   ASP B CG  1 
ATOM   1162 O  OD1 . ASP B 1 58 ? -9.788  4.287   -6.018  1.00 12.19 ? 58   ASP B OD1 1 
ATOM   1163 O  OD2 . ASP B 1 58 ? -10.851 4.905   -7.835  1.00 17.37 ? 58   ASP B OD2 1 
ATOM   1164 N  N   . GLN B 1 59 ? -8.218  6.036   -3.876  1.00 7.10  ? 59   GLN B N   1 
ATOM   1165 C  CA  . GLN B 1 59 ? -6.738  6.152   -4.000  1.00 7.09  ? 59   GLN B CA  1 
ATOM   1166 C  C   . GLN B 1 59 ? -6.182  4.728   -4.284  1.00 8.86  ? 59   GLN B C   1 
ATOM   1167 O  O   . GLN B 1 59 ? -5.136  4.367   -3.767  1.00 8.47  ? 59   GLN B O   1 
ATOM   1168 C  CB  . GLN B 1 59 ? -6.121  6.813   -2.784  1.00 7.89  ? 59   GLN B CB  1 
ATOM   1169 C  CG  . GLN B 1 59 ? -6.405  6.078   -1.469  1.00 7.99  ? 59   GLN B CG  1 
ATOM   1170 C  CD  . GLN B 1 59 ? -5.735  6.675   -0.267  1.00 7.73  ? 59   GLN B CD  1 
ATOM   1171 O  OE1 . GLN B 1 59 ? -6.093  6.367   0.897   1.00 10.49 ? 59   GLN B OE1 1 
ATOM   1172 N  NE2 . GLN B 1 59 ? -4.715  7.454   -0.483  1.00 7.02  ? 59   GLN B NE2 1 
ATOM   1173 N  N   . SER B 1 60 ? -6.860  3.998   -5.156  1.00 8.30  ? 60   SER B N   1 
ATOM   1174 C  CA  . SER B 1 60 ? -6.488  2.561   -5.336  1.00 9.12  ? 60   SER B CA  1 
ATOM   1175 C  C   . SER B 1 60 ? -5.106  2.433   -5.848  1.00 9.19  ? 60   SER B C   1 
ATOM   1176 O  O   . SER B 1 60 ? -4.545  1.301   -5.671  1.00 10.15 ? 60   SER B O   1 
ATOM   1177 C  CB  . SER B 1 60 ? -7.490  1.838   -6.236  1.00 12.08 ? 60   SER B CB  1 
ATOM   1178 O  OG  . SER B 1 60 ? -7.417  2.345   -7.559  1.00 19.82 ? 60   SER B OG  1 
ATOM   1179 N  N   . ASP B 1 61 ? -4.501  3.424   -6.505  1.00 9.84  ? 61   ASP B N   1 
ATOM   1180 C  CA  . ASP B 1 61 ? -3.159  3.308   -6.955  1.00 10.61 ? 61   ASP B CA  1 
ATOM   1181 C  C   . ASP B 1 61 ? -2.146  3.436   -5.828  1.00 9.46  ? 61   ASP B C   1 
ATOM   1182 O  O   . ASP B 1 61 ? -0.938  3.169   -6.079  1.00 13.00 ? 61   ASP B O   1 
ATOM   1183 C  CB  . ASP B 1 61 ? -2.840  4.439   -7.996  1.00 14.70 ? 61   ASP B CB  1 
ATOM   1184 C  CG  . ASP B 1 61 ? -3.764  4.419   -9.200  1.00 21.62 ? 61   ASP B CG  1 
ATOM   1185 O  OD1 . ASP B 1 61 ? -3.922  3.282   -9.733  1.00 25.00 ? 61   ASP B OD1 1 
ATOM   1186 O  OD2 . ASP B 1 61 ? -4.239  5.533   -9.690  1.00 25.51 ? 61   ASP B OD2 1 
ATOM   1187 N  N   . GLN B 1 62 ? -2.473  3.883   -4.667  1.00 8.06  ? 62   GLN B N   1 
ATOM   1188 C  CA  . GLN B 1 62 ? -1.513  4.088   -3.607  1.00 9.01  ? 62   GLN B CA  1 
ATOM   1189 C  C   . GLN B 1 62 ? -0.942  2.741   -3.160  1.00 8.55  ? 62   GLN B C   1 
ATOM   1190 O  O   . GLN B 1 62 ? -1.689  1.768   -3.014  1.00 8.96  ? 62   GLN B O   1 
ATOM   1191 C  CB  . GLN B 1 62 ? -2.124  4.940   -2.438  1.00 10.98 ? 62   GLN B CB  1 
ATOM   1192 C  CG  . GLN B 1 62 ? -3.035  4.148   -1.542  1.00 10.06 ? 62   GLN B CG  1 
ATOM   1193 C  CD  . GLN B 1 62 ? -2.330  3.388   -0.463  1.00 8.98  ? 62   GLN B CD  1 
ATOM   1194 O  OE1 . GLN B 1 62 ? -1.156  3.679   -0.148  1.00 9.91  ? 62   GLN B OE1 1 
ATOM   1195 N  NE2 . GLN B 1 62 ? -3.063  2.499   0.217   1.00 9.97  ? 62   GLN B NE2 1 
ATOM   1196 N  N   . SER B 1 63 ? 0.367   2.788   -2.893  1.00 8.96  ? 63   SER B N   1 
ATOM   1197 C  CA  . SER B 1 63 ? 1.060   1.516   -2.469  1.00 10.32 ? 63   SER B CA  1 
ATOM   1198 C  C   . SER B 1 63 ? 1.808   1.738   -1.215  1.00 11.07 ? 63   SER B C   1 
ATOM   1199 O  O   . SER B 1 63 ? 2.717   0.927   -0.870  1.00 16.21 ? 63   SER B O   1 
ATOM   1200 C  CB  . SER B 1 63 ? 1.931   0.978   -3.570  1.00 9.99  ? 63   SER B CB  1 
ATOM   1201 O  OG  . SER B 1 63 ? 2.927   1.957   -3.970  1.00 12.12 ? 63   SER B OG  1 
ATOM   1202 N  N   . PHE B 1 64 ? 1.644   2.793   -0.444  1.00 10.40 ? 64   PHE B N   1 
ATOM   1203 C  CA  . PHE B 1 64 ? 2.470   3.145   0.738   1.00 12.55 ? 64   PHE B CA  1 
ATOM   1204 C  C   . PHE B 1 64 ? 1.689   3.024   2.048   1.00 11.51 ? 64   PHE B C   1 
ATOM   1205 O  O   . PHE B 1 64 ? 2.339   2.673   3.050   1.00 15.06 ? 64   PHE B O   1 
ATOM   1206 C  CB  . PHE B 1 64 ? 3.104   4.545   0.600   1.00 11.97 ? 64   PHE B CB  1 
ATOM   1207 C  CG  . PHE B 1 64 ? 4.366   4.715   1.428   1.00 15.56 ? 64   PHE B CG  1 
ATOM   1208 C  CD1 . PHE B 1 64 ? 5.481   4.116   0.962   1.00 19.94 ? 64   PHE B CD1 1 
ATOM   1209 C  CD2 . PHE B 1 64 ? 4.470   5.483   2.587   1.00 20.87 ? 64   PHE B CD2 1 
ATOM   1210 C  CE1 . PHE B 1 64 ? 6.716   4.199   1.603   1.00 22.64 ? 64   PHE B CE1 1 
ATOM   1211 C  CE2 . PHE B 1 64 ? 5.748   5.577   3.263   1.00 18.59 ? 64   PHE B CE2 1 
ATOM   1212 C  CZ  . PHE B 1 64 ? 6.839   4.946   2.724   1.00 23.53 ? 64   PHE B CZ  1 
ATOM   1213 N  N   . LEU B 1 65 ? 0.366   3.250   2.104   1.00 12.03 ? 65   LEU B N   1 
ATOM   1214 C  CA  . LEU B 1 65 ? -0.342  3.299   3.313   1.00 11.10 ? 65   LEU B CA  1 
ATOM   1215 C  C   . LEU B 1 65 ? -0.958  1.934   3.640   1.00 14.29 ? 65   LEU B C   1 
ATOM   1216 O  O   . LEU B 1 65 ? -1.491  1.272   2.765   1.00 15.09 ? 65   LEU B O   1 
ATOM   1217 C  CB  . LEU B 1 65 ? -1.569  4.239   3.185   1.00 9.84  ? 65   LEU B CB  1 
ATOM   1218 C  CG  . LEU B 1 65 ? -1.163  5.679   2.965   1.00 9.63  ? 65   LEU B CG  1 
ATOM   1219 C  CD1 . LEU B 1 65 ? -2.377  6.584   2.666   1.00 10.35 ? 65   LEU B CD1 1 
ATOM   1220 C  CD2 . LEU B 1 65 ? -0.381  6.412   4.111   1.00 13.56 ? 65   LEU B CD2 1 
ATOM   1221 N  N   . ASP B 1 66 ? -0.870  1.503   4.888   1.00 15.18 ? 66   ASP B N   1 
ATOM   1222 C  CA  . ASP B 1 66 ? -1.459  0.206   5.259   1.00 18.09 ? 66   ASP B CA  1 
ATOM   1223 C  C   . ASP B 1 66 ? -2.919  0.381   5.671   1.00 18.07 ? 66   ASP B C   1 
ATOM   1224 O  O   . ASP B 1 66 ? -3.438  1.506   5.727   1.00 15.27 ? 66   ASP B O   1 
ATOM   1225 C  CB  . ASP B 1 66 ? -0.584  -0.453  6.379   1.00 19.78 ? 66   ASP B CB  1 
ATOM   1226 C  CG  . ASP B 1 66 ? -0.530  0.329   7.670   1.00 24.98 ? 66   ASP B CG  1 
ATOM   1227 O  OD1 . ASP B 1 66 ? -1.513  0.960   8.131   1.00 22.58 ? 66   ASP B OD1 1 
ATOM   1228 O  OD2 . ASP B 1 66 ? 0.533   0.193   8.340   1.00 33.01 ? 66   ASP B OD2 1 
ATOM   1229 N  N   . GLU B 1 67 ? -3.594  -0.735  6.013   1.00 19.98 ? 67   GLU B N   1 
ATOM   1230 C  CA  . GLU B 1 67 ? -4.998  -0.699  6.304   1.00 19.84 ? 67   GLU B CA  1 
ATOM   1231 C  C   . GLU B 1 67 ? -5.326  0.148   7.523   1.00 16.98 ? 67   GLU B C   1 
ATOM   1232 O  O   . GLU B 1 67 ? -6.319  0.813   7.515   1.00 16.95 ? 67   GLU B O   1 
ATOM   1233 C  CB  . GLU B 1 67 ? -5.516  -2.160  6.422   1.00 21.13 ? 67   GLU B CB  1 
ATOM   1234 C  CG  . GLU B 1 67 ? -6.731  -2.356  7.363   1.00 30.04 ? 67   GLU B CG  1 
ATOM   1235 C  CD  . GLU B 1 67 ? -7.090  -3.866  7.627   1.00 39.82 ? 67   GLU B CD  1 
ATOM   1236 O  OE1 . GLU B 1 67 ? -6.164  -4.712  7.824   1.00 42.33 ? 67   GLU B OE1 1 
ATOM   1237 O  OE2 . GLU B 1 67 ? -8.319  -4.164  7.663   1.00 40.81 ? 67   GLU B OE2 1 
ATOM   1238 N  N   . ASP B 1 68 ? -4.461  0.144   8.556   1.00 17.97 ? 68   ASP B N   1 
ATOM   1239 C  CA  . ASP B 1 68 ? -4.728  0.991   9.751   1.00 19.10 ? 68   ASP B CA  1 
ATOM   1240 C  C   . ASP B 1 68 ? -4.685  2.485   9.340   1.00 14.63 ? 68   ASP B C   1 
ATOM   1241 O  O   . ASP B 1 68 ? -5.551  3.226   9.754   1.00 16.58 ? 68   ASP B O   1 
ATOM   1242 C  CB  . ASP B 1 68 ? -3.727  0.700   10.924  1.00 21.39 ? 68   ASP B CB  1 
ATOM   1243 C  CG  . ASP B 1 68 ? -3.621  1.825   12.007  1.00 30.95 ? 68   ASP B CG  1 
ATOM   1244 O  OD1 . ASP B 1 68 ? -2.458  2.275   12.291  1.00 39.35 ? 68   ASP B OD1 1 
ATOM   1245 O  OD2 . ASP B 1 68 ? -4.642  2.229   12.639  1.00 37.80 ? 68   ASP B OD2 1 
ATOM   1246 N  N   . GLN B 1 69 ? -3.622  2.846   8.605   1.00 13.74 ? 69   GLN B N   1 
ATOM   1247 C  CA  . GLN B 1 69 ? -3.502  4.236   8.135   1.00 11.81 ? 69   GLN B CA  1 
ATOM   1248 C  C   . GLN B 1 69 ? -4.683  4.627   7.286   1.00 11.55 ? 69   GLN B C   1 
ATOM   1249 O  O   . GLN B 1 69 ? -5.272  5.717   7.467   1.00 11.66 ? 69   GLN B O   1 
ATOM   1250 C  CB  . GLN B 1 69 ? -2.206  4.456   7.409   1.00 11.81 ? 69   GLN B CB  1 
ATOM   1251 C  CG  . GLN B 1 69 ? -0.994  4.321   8.365   1.00 14.97 ? 69   GLN B CG  1 
ATOM   1252 C  CD  . GLN B 1 69 ? 0.238   4.126   7.726   1.00 12.59 ? 69   GLN B CD  1 
ATOM   1253 O  OE1 . GLN B 1 69 ? 0.346   3.586   6.649   1.00 15.98 ? 69   GLN B OE1 1 
ATOM   1254 N  NE2 . GLN B 1 69 ? 1.326   4.496   8.447   1.00 18.42 ? 69   GLN B NE2 1 
ATOM   1255 N  N   . ILE B 1 70 ? -5.093  3.741   6.356   1.00 12.51 ? 70   ILE B N   1 
ATOM   1256 C  CA  . ILE B 1 70 ? -6.244  4.081   5.474   1.00 13.54 ? 70   ILE B CA  1 
ATOM   1257 C  C   . ILE B 1 70 ? -7.475  4.281   6.337   1.00 13.79 ? 70   ILE B C   1 
ATOM   1258 O  O   . ILE B 1 70 ? -8.351  5.135   6.102   1.00 13.93 ? 70   ILE B O   1 
ATOM   1259 C  CB  . ILE B 1 70 ? -6.506  2.953   4.460   1.00 14.03 ? 70   ILE B CB  1 
ATOM   1260 C  CG1 . ILE B 1 70 ? -5.357  2.871   3.433   1.00 15.61 ? 70   ILE B CG1 1 
ATOM   1261 C  CG2 . ILE B 1 70 ? -7.906  3.087   3.854   1.00 18.71 ? 70   ILE B CG2 1 
ATOM   1262 C  CD1 . ILE B 1 70 ? -5.325  1.505   2.722   1.00 19.99 ? 70   ILE B CD1 1 
ATOM   1263 N  N   . SER B 1 71 ? -7.610  3.357   7.317   1.00 15.00 ? 71   SER B N   1 
ATOM   1264 C  CA  . SER B 1 71 ? -8.781  3.377   8.181   1.00 16.62 ? 71   SER B CA  1 
ATOM   1265 C  C   . SER B 1 71 ? -8.932  4.641   8.993   1.00 16.79 ? 71   SER B C   1 
ATOM   1266 O  O   . SER B 1 71 ? -10.044 5.064   9.223   1.00 18.68 ? 71   SER B O   1 
ATOM   1267 C  CB  . SER B 1 71 ? -8.924  2.085   9.036   1.00 18.43 ? 71   SER B CB  1 
ATOM   1268 O  OG  . SER B 1 71 ? -8.217  2.384   10.167  1.00 21.03 ? 71   SER B OG  1 
ATOM   1269 N  N   . LYS B 1 72 ? -7.811  5.326   9.266   1.00 16.18 ? 72   LYS B N   1 
ATOM   1270 C  CA  . LYS B 1 72 ? -7.752  6.614   9.978   1.00 17.84 ? 72   LYS B CA  1 
ATOM   1271 C  C   . LYS B 1 72 ? -7.918  7.829   9.001   1.00 13.52 ? 72   LYS B C   1 
ATOM   1272 O  O   . LYS B 1 72 ? -7.904  8.975   9.513   1.00 17.51 ? 72   LYS B O   1 
ATOM   1273 C  CB  . LYS B 1 72 ? -6.445  6.767   10.714  1.00 18.76 ? 72   LYS B CB  1 
ATOM   1274 C  CG  . LYS B 1 72 ? -6.299  5.854   11.999  1.00 26.31 ? 72   LYS B CG  1 
ATOM   1275 C  CD  . LYS B 1 72 ? -4.859  5.736   12.567  1.00 30.23 ? 72   LYS B CD  1 
ATOM   1276 C  CE  . LYS B 1 72 ? -4.271  7.124   12.888  1.00 37.26 ? 72   LYS B CE  1 
ATOM   1277 N  NZ  . LYS B 1 72 ? -2.829  7.138   13.405  1.00 36.20 ? 72   LYS B NZ  1 
ATOM   1278 N  N   . GLY B 1 73 ? -8.154  7.584   7.727   1.00 12.83 ? 73   GLY B N   1 
ATOM   1279 C  CA  . GLY B 1 73 ? -8.441  8.727   6.886   1.00 12.62 ? 73   GLY B CA  1 
ATOM   1280 C  C   . GLY B 1 73 ? -7.167  9.252   6.175   1.00 9.15  ? 73   GLY B C   1 
ATOM   1281 O  O   . GLY B 1 73 ? -7.309  10.226  5.419   1.00 8.85  ? 73   GLY B O   1 
ATOM   1282 N  N   . PHE B 1 74 ? -6.015  8.583   6.322   1.00 8.53  ? 74   PHE B N   1 
ATOM   1283 C  CA  . PHE B 1 74 ? -4.854  9.089   5.529   1.00 7.90  ? 74   PHE B CA  1 
ATOM   1284 C  C   . PHE B 1 74 ? -4.990  8.809   4.104   1.00 7.29  ? 74   PHE B C   1 
ATOM   1285 O  O   . PHE B 1 74 ? -5.501  7.729   3.676   1.00 8.57  ? 74   PHE B O   1 
ATOM   1286 C  CB  . PHE B 1 74 ? -3.548  8.494   6.091   1.00 9.41  ? 74   PHE B CB  1 
ATOM   1287 C  CG  . PHE B 1 74 ? -3.205  9.009   7.457   1.00 9.30  ? 74   PHE B CG  1 
ATOM   1288 C  CD1 . PHE B 1 74 ? -2.649  10.297  7.605   1.00 12.87 ? 74   PHE B CD1 1 
ATOM   1289 C  CD2 . PHE B 1 74 ? -3.436  8.262   8.595   1.00 11.80 ? 74   PHE B CD2 1 
ATOM   1290 C  CE1 . PHE B 1 74 ? -2.320  10.818  8.831   1.00 16.09 ? 74   PHE B CE1 1 
ATOM   1291 C  CE2 . PHE B 1 74 ? -3.139  8.806   9.824   1.00 14.66 ? 74   PHE B CE2 1 
ATOM   1292 C  CZ  . PHE B 1 74 ? -2.590  10.100  9.971   1.00 19.45 ? 74   PHE B CZ  1 
ATOM   1293 N  N   . ILE B 1 75 ? -4.535  9.771   3.287   1.00 6.62  ? 75   ILE B N   1 
ATOM   1294 C  CA  . ILE B 1 75 ? -4.582  9.634   1.826   1.00 7.11  ? 75   ILE B CA  1 
ATOM   1295 C  C   . ILE B 1 75 ? -3.263  10.155  1.229   1.00 6.05  ? 75   ILE B C   1 
ATOM   1296 O  O   . ILE B 1 75 ? -2.594  11.002  1.862   1.00 7.09  ? 75   ILE B O   1 
ATOM   1297 C  CB  . ILE B 1 75 ? -5.760  10.468  1.191   1.00 7.02  ? 75   ILE B CB  1 
ATOM   1298 C  CG1 . ILE B 1 75 ? -5.596  11.954  1.488   1.00 7.83  ? 75   ILE B CG1 1 
ATOM   1299 C  CG2 . ILE B 1 75 ? -7.102  9.944   1.774   1.00 7.90  ? 75   ILE B CG2 1 
ATOM   1300 C  CD1 . ILE B 1 75 ? -6.649  12.814  0.699   1.00 7.90  ? 75   ILE B CD1 1 
ATOM   1301 N  N   . LEU B 1 76 ? -2.945  9.635   0.101   1.00 7.08  ? 76   LEU B N   1 
ATOM   1302 C  CA  . LEU B 1 76 ? -1.852  10.160  -0.685  1.00 6.68  ? 76   LEU B CA  1 
ATOM   1303 C  C   . LEU B 1 76 ? -2.441  11.083  -1.744  1.00 7.56  ? 76   LEU B C   1 
ATOM   1304 O  O   . LEU B 1 76 ? -3.001  10.595  -2.752  1.00 7.54  ? 76   LEU B O   1 
ATOM   1305 C  CB  . LEU B 1 76 ? -0.991  9.047   -1.275  1.00 7.33  ? 76   LEU B CB  1 
ATOM   1306 C  CG  . LEU B 1 76 ? -0.379  8.094   -0.192  1.00 8.93  ? 76   LEU B CG  1 
ATOM   1307 C  CD1 . LEU B 1 76 ? 0.570   7.103   -0.828  1.00 10.92 ? 76   LEU B CD1 1 
ATOM   1308 C  CD2 . LEU B 1 76 ? 0.347   8.876   0.933   1.00 9.98  ? 76   LEU B CD2 1 
ATOM   1309 N  N   . THR B 1 77 ? -2.267  12.398  -1.584  1.00 6.79  ? 77   THR B N   1 
ATOM   1310 C  CA  . THR B 1 77 ? -2.961  13.347  -2.456  1.00 6.55  ? 77   THR B CA  1 
ATOM   1311 C  C   . THR B 1 77 ? -2.521  13.272  -3.858  1.00 7.72  ? 77   THR B C   1 
ATOM   1312 O  O   . THR B 1 77 ? -3.335  13.598  -4.796  1.00 7.61  ? 77   THR B O   1 
ATOM   1313 C  CB  . THR B 1 77 ? -2.840  14.801  -1.880  1.00 7.81  ? 77   THR B CB  1 
ATOM   1314 O  OG1 . THR B 1 77 ? -1.432  15.159  -1.830  1.00 8.37  ? 77   THR B OG1 1 
ATOM   1315 C  CG2 . THR B 1 77 ? -3.447  14.952  -0.577  1.00 8.92  ? 77   THR B CG2 1 
ATOM   1316 N  N   . CYS B 1 78 ? -1.313  12.711  -4.188  1.00 7.39  ? 78   CYS B N   1 
ATOM   1317 C  CA  . CYS B 1 78 ? -0.898  12.644  -5.567  1.00 8.71  ? 78   CYS B CA  1 
ATOM   1318 C  C   . CYS B 1 78 ? -1.597  11.562  -6.410  1.00 6.90  ? 78   CYS B C   1 
ATOM   1319 O  O   . CYS B 1 78 ? -1.551  11.598  -7.633  1.00 9.35  ? 78   CYS B O   1 
ATOM   1320 C  CB  . CYS B 1 78 ? 0.662   12.529  -5.579  1.00 8.50  ? 78   CYS B CB  1 
ATOM   1321 S  SG  . CYS B 1 78 ? 1.167   10.820  -5.126  1.00 7.73  ? 78   CYS B SG  1 
ATOM   1322 N  N   . VAL B 1 79 ? -2.283  10.616  -5.730  1.00 7.84  ? 79   VAL B N   1 
ATOM   1323 C  CA  . VAL B 1 79 ? -3.001  9.568   -6.430  1.00 7.93  ? 79   VAL B CA  1 
ATOM   1324 C  C   . VAL B 1 79 ? -4.447  9.378   -5.940  1.00 7.55  ? 79   VAL B C   1 
ATOM   1325 O  O   . VAL B 1 79 ? -5.067  8.357   -6.204  1.00 9.28  ? 79   VAL B O   1 
ATOM   1326 C  CB  . VAL B 1 79 ? -2.251  8.191   -6.289  1.00 9.02  ? 79   VAL B CB  1 
ATOM   1327 C  CG1 . VAL B 1 79 ? -0.997  8.221   -7.167  1.00 9.72  ? 79   VAL B CG1 1 
ATOM   1328 C  CG2 . VAL B 1 79 ? -1.934  7.801   -4.862  1.00 9.56  ? 79   VAL B CG2 1 
ATOM   1329 N  N   . ALA B 1 80 ? -4.982  10.379  -5.260  1.00 6.13  ? 80   ALA B N   1 
ATOM   1330 C  CA  . ALA B 1 80 ? -6.342  10.274  -4.722  1.00 6.98  ? 80   ALA B CA  1 
ATOM   1331 C  C   . ALA B 1 80 ? -7.306  11.025  -5.596  1.00 6.10  ? 80   ALA B C   1 
ATOM   1332 O  O   . ALA B 1 80 ? -7.234  12.252  -5.796  1.00 6.70  ? 80   ALA B O   1 
ATOM   1333 C  CB  . ALA B 1 80 ? -6.294  10.887  -3.364  1.00 6.92  ? 80   ALA B CB  1 
ATOM   1334 N  N   . TYR B 1 81 ? -8.282  10.271  -6.137  1.00 5.82  ? 81   TYR B N   1 
ATOM   1335 C  CA  . TYR B 1 81 ? -9.448  10.882  -6.852  1.00 5.46  ? 81   TYR B CA  1 
ATOM   1336 C  C   . TYR B 1 81 ? -10.546 11.147  -5.847  1.00 5.29  ? 81   TYR B C   1 
ATOM   1337 O  O   . TYR B 1 81 ? -10.851 10.251  -5.053  1.00 6.80  ? 81   TYR B O   1 
ATOM   1338 C  CB  . TYR B 1 81 ? -9.999  9.897   -7.863  1.00 6.83  ? 81   TYR B CB  1 
ATOM   1339 C  CG  . TYR B 1 81 ? -9.037  9.543   -8.960  1.00 7.81  ? 81   TYR B CG  1 
ATOM   1340 C  CD1 . TYR B 1 81 ? -8.689  10.489  -9.935  1.00 8.53  ? 81   TYR B CD1 1 
ATOM   1341 C  CD2 . TYR B 1 81 ? -8.533  8.240   -9.056  1.00 8.92  ? 81   TYR B CD2 1 
ATOM   1342 C  CE1 . TYR B 1 81 ? -7.901  10.090  -10.992 1.00 9.22  ? 81   TYR B CE1 1 
ATOM   1343 C  CE2 . TYR B 1 81 ? -7.746  7.883   -10.150 1.00 11.23 ? 81   TYR B CE2 1 
ATOM   1344 C  CZ  . TYR B 1 81 ? -7.355  8.855   -11.009 1.00 9.48  ? 81   TYR B CZ  1 
ATOM   1345 O  OH  . TYR B 1 81 ? -6.586  8.445   -12.109 1.00 14.86 ? 81   TYR B OH  1 
ATOM   1346 N  N   . PRO B 1 82 ? -11.178 12.304  -5.824  1.00 4.38  ? 82   PRO B N   1 
ATOM   1347 C  CA  . PRO B 1 82 ? -12.317 12.448  -4.925  1.00 5.52  ? 82   PRO B CA  1 
ATOM   1348 C  C   . PRO B 1 82 ? -13.492 11.589  -5.337  1.00 4.94  ? 82   PRO B C   1 
ATOM   1349 O  O   . PRO B 1 82 ? -13.734 11.477  -6.551  1.00 5.88  ? 82   PRO B O   1 
ATOM   1350 C  CB  . PRO B 1 82 ? -12.689 13.943  -5.071  1.00 6.13  ? 82   PRO B CB  1 
ATOM   1351 C  CG  . PRO B 1 82 ? -12.227 14.263  -6.479  1.00 8.02  ? 82   PRO B CG  1 
ATOM   1352 C  CD  . PRO B 1 82 ? -11.000 13.456  -6.706  1.00 6.41  ? 82   PRO B CD  1 
ATOM   1353 N  N   . THR B 1 83 ? -14.249 11.092  -4.370  1.00 5.29  ? 83   THR B N   1 
ATOM   1354 C  CA  . THR B 1 83 ? -15.536 10.430  -4.655  1.00 6.06  ? 83   THR B CA  1 
ATOM   1355 C  C   . THR B 1 83 ? -16.642 11.117  -3.974  1.00 5.34  ? 83   THR B C   1 
ATOM   1356 O  O   . THR B 1 83 ? -17.772 10.588  -3.945  1.00 6.81  ? 83   THR B O   1 
ATOM   1357 C  CB  . THR B 1 83 ? -15.469 8.916   -4.273  1.00 7.12  ? 83   THR B CB  1 
ATOM   1358 O  OG1 . THR B 1 83 ? -15.128 8.765   -2.909  1.00 7.85  ? 83   THR B OG1 1 
ATOM   1359 C  CG2 . THR B 1 83 ? -14.472 8.236   -5.155  1.00 8.17  ? 83   THR B CG2 1 
ATOM   1360 N  N   . SER B 1 84 ? -16.438 12.290  -3.389  1.00 5.67  ? 84   SER B N   1 
ATOM   1361 C  CA  . SER B 1 84 ? -17.467 13.178  -2.830  1.00 5.75  ? 84   SER B CA  1 
ATOM   1362 C  C   . SER B 1 84 ? -16.749 14.514  -2.601  1.00 5.40  ? 84   SER B C   1 
ATOM   1363 O  O   . SER B 1 84 ? -15.472 14.606  -2.705  1.00 5.72  ? 84   SER B O   1 
ATOM   1364 C  CB  . SER B 1 84 ? -17.985 12.693  -1.504  1.00 5.73  ? 84   SER B CB  1 
ATOM   1365 O  OG  . SER B 1 84 ? -17.009 12.726  -0.437  1.00 7.38  ? 84   SER B OG  1 
ATOM   1366 N  N   . ASP B 1 85 ? -17.480 15.522  -2.191  1.00 5.05  ? 85   ASP B N   1 
ATOM   1367 C  CA  . ASP B 1 85 ? -16.839 16.722  -1.594  1.00 5.60  ? 85   ASP B CA  1 
ATOM   1368 C  C   . ASP B 1 85 ? -16.010 16.276  -0.416  1.00 5.06  ? 85   ASP B C   1 
ATOM   1369 O  O   . ASP B 1 85 ? -16.401 15.347  0.332   1.00 5.79  ? 85   ASP B O   1 
ATOM   1370 C  CB  . ASP B 1 85 ? -17.906 17.694  -1.138  1.00 6.48  ? 85   ASP B CB  1 
ATOM   1371 C  CG  . ASP B 1 85 ? -18.714 18.281  -2.244  1.00 6.85  ? 85   ASP B CG  1 
ATOM   1372 O  OD1 . ASP B 1 85 ? -18.443 18.222  -3.403  1.00 6.25  ? 85   ASP B OD1 1 
ATOM   1373 O  OD2 . ASP B 1 85 ? -19.687 19.038  -1.807  1.00 10.70 ? 85   ASP B OD2 1 
ATOM   1374 N  N   . CYS B 1 86 ? -14.880 16.922  -0.171  1.00 5.18  ? 86   CYS B N   1 
ATOM   1375 C  CA  . CYS B 1 86 ? -13.926 16.545  0.892   1.00 5.25  ? 86   CYS B CA  1 
ATOM   1376 C  C   . CYS B 1 86 ? -13.463 17.749  1.683   1.00 4.30  ? 86   CYS B C   1 
ATOM   1377 O  O   . CYS B 1 86 ? -13.373 18.858  1.149   1.00 5.82  ? 86   CYS B O   1 
ATOM   1378 C  CB  . CYS B 1 86 ? -12.720 15.848  0.308   1.00 5.73  ? 86   CYS B CB  1 
ATOM   1379 S  SG  . CYS B 1 86 ? -12.974 14.226  -0.431  1.00 5.30  ? 86   CYS B SG  1 
ATOM   1380 N  N   . VAL B 1 87 ? -13.051 17.473  2.906   1.00 5.55  ? 87   VAL B N   1 
ATOM   1381 C  CA  . VAL B 1 87 ? -12.241 18.391  3.737   1.00 6.78  ? 87   VAL B CA  1 
ATOM   1382 C  C   . VAL B 1 87 ? -10.993 17.616  4.098   1.00 6.01  ? 87   VAL B C   1 
ATOM   1383 O  O   . VAL B 1 87 ? -11.127 16.524  4.667   1.00 6.56  ? 87   VAL B O   1 
ATOM   1384 C  CB  . VAL B 1 87 ? -13.027 18.835  4.986   1.00 8.05  ? 87   VAL B CB  1 
ATOM   1385 C  CG1 . VAL B 1 87 ? -12.076 19.811  5.802   1.00 8.78  ? 87   VAL B CG1 1 
ATOM   1386 C  CG2 . VAL B 1 87 ? -14.368 19.554  4.601   1.00 7.25  ? 87   VAL B CG2 1 
ATOM   1387 N  N   . ILE B 1 88 ? -9.854  18.130  3.762   1.00 6.02  ? 88   ILE B N   1 
ATOM   1388 C  CA  . ILE B 1 88 ? -8.582  17.397  3.872   1.00 6.35  ? 88   ILE B CA  1 
ATOM   1389 C  C   . ILE B 1 88 ? -7.592  18.271  4.627   1.00 7.19  ? 88   ILE B C   1 
ATOM   1390 O  O   . ILE B 1 88 ? -7.335  19.431  4.201   1.00 7.68  ? 88   ILE B O   1 
ATOM   1391 C  CB  . ILE B 1 88 ? -8.027  17.048  2.526   1.00 6.65  ? 88   ILE B CB  1 
ATOM   1392 C  CG1 . ILE B 1 88 ? -8.938  16.017  1.836   1.00 7.70  ? 88   ILE B CG1 1 
ATOM   1393 C  CG2 . ILE B 1 88 ? -6.542  16.479  2.499   1.00 8.66  ? 88   ILE B CG2 1 
ATOM   1394 C  CD1 . ILE B 1 88 ? -8.691  15.874  0.336   1.00 9.64  ? 88   ILE B CD1 1 
ATOM   1395 N  N   . GLN B 1 89 ? -7.026  17.726  5.692   1.00 6.74  ? 89   GLN B N   1 
ATOM   1396 C  CA  . GLN B 1 89 ? -5.853  18.321  6.368   1.00 8.94  ? 89   GLN B CA  1 
ATOM   1397 C  C   . GLN B 1 89 ? -4.657  18.025  5.579   1.00 8.48  ? 89   GLN B C   1 
ATOM   1398 O  O   . GLN B 1 89 ? -4.309  16.879  5.285   1.00 9.49  ? 89   GLN B O   1 
ATOM   1399 C  CB  . GLN B 1 89 ? -5.650  17.715  7.739   1.00 10.37 ? 89   GLN B CB  1 
ATOM   1400 C  CG  . GLN B 1 89 ? -6.674  18.066  8.636   1.00 16.23 ? 89   GLN B CG  1 
ATOM   1401 C  CD  . GLN B 1 89 ? -6.571  17.225  9.902   1.00 25.98 ? 89   GLN B CD  1 
ATOM   1402 O  OE1 . GLN B 1 89 ? -5.790  16.266  9.953   1.00 32.36 ? 89   GLN B OE1 1 
ATOM   1403 N  NE2 . GLN B 1 89 ? -7.296  17.616  10.931  1.00 29.27 ? 89   GLN B NE2 1 
ATOM   1404 N  N   . THR B 1 90 ? -3.914  19.071  5.170   1.00 8.19  ? 90   THR B N   1 
ATOM   1405 C  CA  . THR B 1 90 ? -2.737  18.929  4.361   1.00 7.98  ? 90   THR B CA  1 
ATOM   1406 C  C   . THR B 1 90 ? -1.405  18.664  5.188   1.00 7.44  ? 90   THR B C   1 
ATOM   1407 O  O   . THR B 1 90 ? -1.381  18.919  6.382   1.00 9.64  ? 90   THR B O   1 
ATOM   1408 C  CB  . THR B 1 90 ? -2.442  20.202  3.451   1.00 9.90  ? 90   THR B CB  1 
ATOM   1409 O  OG1 . THR B 1 90 ? -1.998  21.246  4.392   1.00 11.97 ? 90   THR B OG1 1 
ATOM   1410 C  CG2 . THR B 1 90 ? -3.715  20.679  2.731   1.00 13.60 ? 90   THR B CG2 1 
ATOM   1411 N  N   . HIS B 1 91 ? -0.445  18.201  4.430   1.00 7.51  ? 91   HIS B N   1 
ATOM   1412 C  CA  . HIS B 1 91 ? 0.885   18.097  5.090   1.00 8.47  ? 91   HIS B CA  1 
ATOM   1413 C  C   . HIS B 1 91 ? 0.840   17.295  6.384   1.00 9.93  ? 91   HIS B C   1 
ATOM   1414 O  O   . HIS B 1 91 ? 1.430   17.643  7.467   1.00 10.46 ? 91   HIS B O   1 
ATOM   1415 C  CB  . HIS B 1 91 ? 1.525   19.492  5.299   1.00 10.55 ? 91   HIS B CB  1 
ATOM   1416 C  CG  . HIS B 1 91 ? 2.992   19.412  5.572   1.00 11.50 ? 91   HIS B CG  1 
ATOM   1417 N  ND1 . HIS B 1 91 ? 3.729   20.489  6.067   1.00 12.82 ? 91   HIS B ND1 1 
ATOM   1418 C  CD2 . HIS B 1 91 ? 3.880   18.412  5.318   1.00 10.13 ? 91   HIS B CD2 1 
ATOM   1419 C  CE1 . HIS B 1 91 ? 5.012   20.112  6.153   1.00 13.43 ? 91   HIS B CE1 1 
ATOM   1420 N  NE2 . HIS B 1 91 ? 5.146   18.856  5.729   1.00 11.31 ? 91   HIS B NE2 1 
ATOM   1421 N  N   . GLN B 1 92 ? 0.278   16.073  6.293   1.00 8.23  ? 92   GLN B N   1 
ATOM   1422 C  CA  . GLN B 1 92 ? 0.144   15.158  7.448   1.00 7.76  ? 92   GLN B CA  1 
ATOM   1423 C  C   . GLN B 1 92 ? 1.146   14.023  7.447   1.00 7.75  ? 92   GLN B C   1 
ATOM   1424 O  O   . GLN B 1 92 ? 0.983   13.095  8.209   1.00 9.38  ? 92   GLN B O   1 
ATOM   1425 C  CB  . GLN B 1 92 ? -1.288  14.662  7.503   1.00 8.72  ? 92   GLN B CB  1 
ATOM   1426 C  CG  . GLN B 1 92 ? -2.283  15.729  7.928   1.00 13.75 ? 92   GLN B CG  1 
ATOM   1427 C  CD  . GLN B 1 92 ? -1.852  16.527  9.172   1.00 23.24 ? 92   GLN B CD  1 
ATOM   1428 O  OE1 . GLN B 1 92 ? -1.725  15.967  10.248  1.00 26.45 ? 92   GLN B OE1 1 
ATOM   1429 N  NE2 . GLN B 1 92 ? -1.596  17.862  9.007   1.00 21.01 ? 92   GLN B NE2 1 
ATOM   1430 N  N   . GLU B 1 93 ? 2.162   14.099  6.626   1.00 8.42  ? 93   GLU B N   1 
ATOM   1431 C  CA  . GLU B 1 93 ? 3.219   13.091  6.626   1.00 10.02 ? 93   GLU B CA  1 
ATOM   1432 C  C   . GLU B 1 93 ? 3.667   12.707  8.052   1.00 8.20  ? 93   GLU B C   1 
ATOM   1433 O  O   . GLU B 1 93 ? 3.864   11.499  8.300   1.00 9.37  ? 93   GLU B O   1 
ATOM   1434 C  CB  . GLU B 1 93 ? 4.362   13.629  5.798   1.00 8.89  ? 93   GLU B CB  1 
ATOM   1435 C  CG  . GLU B 1 93 ? 5.635   12.747  5.944   1.00 12.15 ? 93   GLU B CG  1 
ATOM   1436 C  CD  . GLU B 1 93 ? 6.682   13.182  4.964   1.00 10.88 ? 93   GLU B CD  1 
ATOM   1437 O  OE1 . GLU B 1 93 ? 7.032   14.389  4.981   1.00 12.28 ? 93   GLU B OE1 1 
ATOM   1438 O  OE2 . GLU B 1 93 ? 7.177   12.315  4.236   1.00 12.18 ? 93   GLU B OE2 1 
ATOM   1439 N  N   . GLU B 1 94 ? 3.924   13.668  8.909   1.00 8.33  ? 94   GLU B N   1 
ATOM   1440 C  CA  . GLU B 1 94 ? 4.601   13.375  10.147  1.00 9.38  ? 94   GLU B CA  1 
ATOM   1441 C  C   . GLU B 1 94 ? 3.697   12.497  10.936  1.00 11.13 ? 94   GLU B C   1 
ATOM   1442 O  O   . GLU B 1 94 ? 4.180   11.767  11.853  1.00 14.51 ? 94   GLU B O   1 
ATOM   1443 C  CB  . GLU B 1 94 ? 4.879   14.661  10.921  1.00 11.78 ? 94   GLU B CB  1 
ATOM   1444 C  CG  . GLU B 1 94 ? 3.713   15.396  11.459  1.00 14.77 ? 94   GLU B CG  1 
ATOM   1445 C  CD  . GLU B 1 94 ? 3.342   14.892  12.874  1.00 24.66 ? 94   GLU B CD  1 
ATOM   1446 O  OE1 . GLU B 1 94 ? 4.231   14.653  13.743  1.00 27.72 ? 94   GLU B OE1 1 
ATOM   1447 O  OE2 . GLU B 1 94 ? 2.119   14.788  13.166  1.00 25.46 ? 94   GLU B OE2 1 
ATOM   1448 N  N   . ALA B 1 95 ? 2.367   12.551  10.739  1.00 11.79 ? 95   ALA B N   1 
ATOM   1449 C  CA  . ALA B 1 95 ? 1.427   11.808  11.633  1.00 15.01 ? 95   ALA B CA  1 
ATOM   1450 C  C   . ALA B 1 95 ? 1.498   10.361  11.340  1.00 15.10 ? 95   ALA B C   1 
ATOM   1451 O  O   . ALA B 1 95 ? 0.898   9.554   12.153  1.00 17.75 ? 95   ALA B O   1 
ATOM   1452 C  CB  . ALA B 1 95 ? 0.023   12.338  11.494  1.00 14.18 ? 95   ALA B CB  1 
ATOM   1453 N  N   . LEU B 1 96 ? 2.129   9.917   10.283  1.00 13.86 ? 96   LEU B N   1 
ATOM   1454 C  CA  . LEU B 1 96 ? 2.345   8.533   9.970   1.00 16.11 ? 96   LEU B CA  1 
ATOM   1455 C  C   . LEU B 1 96 ? 3.520   7.884   10.686  1.00 18.37 ? 96   LEU B C   1 
ATOM   1456 O  O   . LEU B 1 96 ? 3.604   6.632   10.755  1.00 19.68 ? 96   LEU B O   1 
ATOM   1457 C  CB  . LEU B 1 96 ? 2.587   8.356   8.484   1.00 13.87 ? 96   LEU B CB  1 
ATOM   1458 C  CG  . LEU B 1 96 ? 1.468   8.793   7.474   1.00 13.68 ? 96   LEU B CG  1 
ATOM   1459 C  CD1 . LEU B 1 96 ? 1.925   8.783   6.015   1.00 16.13 ? 96   LEU B CD1 1 
ATOM   1460 C  CD2 . LEU B 1 96 ? 0.237   7.903   7.620   1.00 14.42 ? 96   LEU B CD2 1 
ATOM   1461 N  N   . TYR B 1 97 ? 4.476   8.647   11.170  1.00 16.42 ? 97   TYR B N   1 
ATOM   1462 C  CA  . TYR B 1 97 ? 5.670   8.019   11.722  1.00 17.49 ? 97   TYR B CA  1 
ATOM   1463 C  C   . TYR B 1 97 ? 5.536   8.025   13.204  1.00 19.52 ? 97   TYR B C   1 
ATOM   1464 O  O   . TYR B 1 97 ? 4.852   8.798   13.778  1.00 21.15 ? 97   TYR B O   1 
ATOM   1465 C  CB  . TYR B 1 97 ? 6.912   8.832   11.223  1.00 17.16 ? 97   TYR B CB  1 
ATOM   1466 C  CG  . TYR B 1 97 ? 7.086   8.648   9.751   1.00 12.64 ? 97   TYR B CG  1 
ATOM   1467 C  CD1 . TYR B 1 97 ? 6.291   9.360   8.846   1.00 11.46 ? 97   TYR B CD1 1 
ATOM   1468 C  CD2 . TYR B 1 97 ? 7.954   7.775   9.240   1.00 14.58 ? 97   TYR B CD2 1 
ATOM   1469 C  CE1 . TYR B 1 97 ? 6.413   9.184   7.585   1.00 12.84 ? 97   TYR B CE1 1 
ATOM   1470 C  CE2 . TYR B 1 97 ? 8.130   7.584   7.930   1.00 18.19 ? 97   TYR B CE2 1 
ATOM   1471 C  CZ  . TYR B 1 97 ? 7.294   8.313   7.030   1.00 12.22 ? 97   TYR B CZ  1 
ATOM   1472 O  OH  . TYR B 1 97 ? 7.550   8.024   5.768   1.00 17.05 ? 97   TYR B OH  1 
HETATM 1473 FE FE1 . FES C 2 .  ? 11.643  -6.859  -4.206  1.00 5.42  ? 100  FES A FE1 1 
HETATM 1474 FE FE2 . FES C 2 .  ? 10.464  -8.590  -2.400  1.00 4.47  ? 100  FES A FE2 1 
HETATM 1475 S  S1  . FES C 2 .  ? 12.270  -8.977  -3.643  1.00 5.47  ? 100  FES A S1  1 
HETATM 1476 S  S2  . FES C 2 .  ? 9.738   -6.633  -3.072  1.00 5.56  ? 100  FES A S2  1 
HETATM 1477 FE FE1 . FES D 2 .  ? 5.013   10.191  -3.011  1.00 9.51  ? 100  FES B FE1 1 
HETATM 1478 FE FE2 . FES D 2 .  ? 2.468   11.214  -3.257  1.00 8.08  ? 100  FES B FE2 1 
HETATM 1479 S  S1  . FES D 2 .  ? 4.405   12.324  -3.471  1.00 9.62  ? 100  FES B S1  1 
HETATM 1480 S  S2  . FES D 2 .  ? 3.058   9.202   -2.629  1.00 8.99  ? 100  FES B S2  1 
HETATM 1481 O  O   . HOH E 3 .  ? 6.988   -16.088 -4.480  1.00 6.86  ? 1604 HOH A O   1 
HETATM 1482 O  O   . HOH E 3 .  ? -2.902  -9.314  0.071   1.00 6.78  ? 1605 HOH A O   1 
HETATM 1483 O  O   . HOH E 3 .  ? 9.367   -15.409 -3.229  1.00 5.82  ? 1606 HOH A O   1 
HETATM 1484 O  O   . HOH E 3 .  ? 3.353   -11.158 12.711  1.00 7.09  ? 1607 HOH A O   1 
HETATM 1485 O  O   . HOH E 3 .  ? 11.268  -8.932  13.282  1.00 6.32  ? 1608 HOH A O   1 
HETATM 1486 O  O   . HOH E 3 .  ? -3.290  -10.151 4.883   1.00 8.26  ? 1609 HOH A O   1 
HETATM 1487 O  O   . HOH E 3 .  ? 6.072   -32.081 -1.418  1.00 8.04  ? 1612 HOH A O   1 
HETATM 1488 O  O   . HOH E 3 .  ? 6.916   -13.928 -7.918  1.00 9.45  ? 1613 HOH A O   1 
HETATM 1489 O  O   . HOH E 3 .  ? -1.658  -13.316 14.880  1.00 9.14  ? 1614 HOH A O   1 
HETATM 1490 O  O   . HOH E 3 .  ? -9.049  3.894   -2.139  1.00 9.46  ? 1617 HOH A O   1 
HETATM 1491 O  O   . HOH E 3 .  ? -4.198  -19.321 11.897  1.00 9.24  ? 1618 HOH A O   1 
HETATM 1492 O  O   . HOH E 3 .  ? 10.624  -18.384 12.068  1.00 9.63  ? 1620 HOH A O   1 
HETATM 1493 O  O   . HOH E 3 .  ? -4.493  -15.184 13.406  1.00 11.40 ? 1624 HOH A O   1 
HETATM 1494 O  O   . HOH E 3 .  ? 13.149  -7.919  3.935   1.00 11.76 ? 1625 HOH A O   1 
HETATM 1495 O  O   . HOH E 3 .  ? 15.159  -6.069  -8.641  1.00 11.57 ? 1628 HOH A O   1 
HETATM 1496 O  O   . HOH E 3 .  ? -2.716  -9.112  9.432   1.00 13.90 ? 1629 HOH A O   1 
HETATM 1497 O  O   . HOH E 3 .  ? 14.999  -10.297 4.583   1.00 14.99 ? 1630 HOH A O   1 
HETATM 1498 O  O   . HOH E 3 .  ? 6.422   -5.434  6.488   1.00 12.32 ? 1632 HOH A O   1 
HETATM 1499 O  O   . HOH E 3 .  ? -7.837  3.974   0.548   1.00 14.22 ? 1635 HOH A O   1 
HETATM 1500 O  O   . HOH E 3 .  ? 2.424   -12.256 15.151  1.00 13.70 ? 1637 HOH A O   1 
HETATM 1501 O  O   . HOH E 3 .  ? -1.608  -6.333  3.091   1.00 13.64 ? 1639 HOH A O   1 
HETATM 1502 O  O   . HOH E 3 .  ? 11.389  -5.464  10.782  1.00 14.21 ? 1640 HOH A O   1 
HETATM 1503 O  O   . HOH E 3 .  ? 10.725  -11.967 -11.897 1.00 12.45 ? 1642 HOH A O   1 
HETATM 1504 O  O   . HOH E 3 .  ? 9.368   -1.000  0.750   1.00 15.08 ? 1643 HOH A O   1 
HETATM 1505 O  O   . HOH E 3 .  ? -8.034  -16.274 5.090   1.00 14.81 ? 1644 HOH A O   1 
HETATM 1506 O  O   . HOH E 3 .  ? 3.057   -29.193 2.103   1.00 15.23 ? 1645 HOH A O   1 
HETATM 1507 O  O   . HOH E 3 .  ? -5.621  -11.756 4.357   1.00 14.60 ? 1646 HOH A O   1 
HETATM 1508 O  O   . HOH E 3 .  ? -0.466  -10.704 14.978  1.00 19.32 ? 1647 HOH A O   1 
HETATM 1509 O  O   . HOH E 3 .  ? 4.471   -23.077 17.705  1.00 17.48 ? 1651 HOH A O   1 
HETATM 1510 O  O   . HOH E 3 .  ? 11.108  -20.969 11.369  1.00 17.33 ? 1652 HOH A O   1 
HETATM 1511 O  O   . HOH E 3 .  ? -1.511  -23.558 6.549   1.00 17.86 ? 1653 HOH A O   1 
HETATM 1512 O  O   . HOH E 3 .  ? -2.487  -8.543  2.616   1.00 19.62 ? 1654 HOH A O   1 
HETATM 1513 O  O   . HOH E 3 .  ? 0.580   -2.040  2.104   1.00 18.53 ? 1656 HOH A O   1 
HETATM 1514 O  O   . HOH E 3 .  ? 5.051   1.335   3.089   1.00 19.64 ? 1660 HOH A O   1 
HETATM 1515 O  O   . HOH E 3 .  ? -9.939  -8.944  0.022   1.00 21.54 ? 1661 HOH A O   1 
HETATM 1516 O  O   . HOH E 3 .  ? -6.465  -3.224  -0.409  1.00 19.08 ? 1664 HOH A O   1 
HETATM 1517 O  O   . HOH E 3 .  ? 10.167  -13.636 -9.924  1.00 17.70 ? 1665 HOH A O   1 
HETATM 1518 O  O   . HOH E 3 .  ? 4.927   -32.611 -3.967  1.00 18.80 ? 1667 HOH A O   1 
HETATM 1519 O  O   . HOH E 3 .  ? 6.452   -8.865  13.634  1.00 19.45 ? 1668 HOH A O   1 
HETATM 1520 O  O   . HOH E 3 .  ? 5.483   -15.229 -12.258 1.00 19.61 ? 1669 HOH A O   1 
HETATM 1521 O  O   . HOH E 3 .  ? -2.519  -24.084 13.735  1.00 19.48 ? 1670 HOH A O   1 
HETATM 1522 O  O   . HOH E 3 .  ? -1.809  -26.045 4.968   1.00 22.43 ? 1672 HOH A O   1 
HETATM 1523 O  O   . HOH E 3 .  ? 1.967   -23.667 -11.280 1.00 21.42 ? 1676 HOH A O   1 
HETATM 1524 O  O   . HOH E 3 .  ? -5.767  -19.219 8.270   1.00 19.27 ? 1677 HOH A O   1 
HETATM 1525 O  O   . HOH E 3 .  ? -6.754  -14.785 2.244   1.00 29.18 ? 1678 HOH A O   1 
HETATM 1526 O  O   . HOH E 3 .  ? -6.133  -17.291 12.355  1.00 19.17 ? 1680 HOH A O   1 
HETATM 1527 O  O   . HOH E 3 .  ? 2.957   -8.426  12.600  1.00 19.70 ? 1681 HOH A O   1 
HETATM 1528 O  O   . HOH E 3 .  ? -4.015  -8.539  6.927   1.00 19.05 ? 1683 HOH A O   1 
HETATM 1529 O  O   . HOH E 3 .  ? 11.691  -2.785  3.729   1.00 19.25 ? 1684 HOH A O   1 
HETATM 1530 O  O   . HOH E 3 .  ? 11.159  -4.387  5.771   1.00 18.77 ? 1687 HOH A O   1 
HETATM 1531 O  O   . HOH E 3 .  ? 16.764  -16.487 4.723   1.00 21.39 ? 1688 HOH A O   1 
HETATM 1532 O  O   . HOH E 3 .  ? 8.399   -4.816  8.434   1.00 21.12 ? 1692 HOH A O   1 
HETATM 1533 O  O   . HOH E 3 .  ? 17.195  -22.152 0.518   1.00 23.44 ? 1693 HOH A O   1 
HETATM 1534 O  O   . HOH E 3 .  ? 4.509   -19.434 -11.485 1.00 22.68 ? 1694 HOH A O   1 
HETATM 1535 O  O   . HOH E 3 .  ? 0.236   -24.058 -8.427  1.00 27.85 ? 1695 HOH A O   1 
HETATM 1536 O  O   . HOH E 3 .  ? 3.079   -28.275 -6.187  1.00 19.01 ? 1697 HOH A O   1 
HETATM 1537 O  O   . HOH E 3 .  ? -7.275  -13.992 -5.839  1.00 18.63 ? 1698 HOH A O   1 
HETATM 1538 O  O   . HOH E 3 .  ? 11.694  -26.710 10.193  1.00 23.32 ? 1699 HOH A O   1 
HETATM 1539 O  O   . HOH E 3 .  ? -7.122  -14.560 -2.858  1.00 22.13 ? 1701 HOH A O   1 
HETATM 1540 O  O   . HOH E 3 .  ? 15.988  -14.264 8.240   1.00 12.20 ? 1801 HOH A O   1 
HETATM 1541 O  O   . HOH F 3 .  ? -0.801  17.187  1.934   1.00 8.96  ? 1610 HOH B O   1 
HETATM 1542 O  O   . HOH F 3 .  ? -1.674  -0.617  -1.435  1.00 8.66  ? 1611 HOH B O   1 
HETATM 1543 O  O   . HOH F 3 .  ? 0.187   17.245  -0.713  1.00 9.51  ? 1615 HOH B O   1 
HETATM 1544 O  O   . HOH F 3 .  ? -5.625  6.020   -7.521  1.00 10.28 ? 1616 HOH B O   1 
HETATM 1545 O  O   . HOH F 3 .  ? -8.323  23.251  -10.114 1.00 9.65  ? 1619 HOH B O   1 
HETATM 1546 O  O   . HOH F 3 .  ? -8.170  6.913   3.956   1.00 12.41 ? 1621 HOH B O   1 
HETATM 1547 O  O   . HOH F 3 .  ? -12.190 7.346   1.286   1.00 11.36 ? 1622 HOH B O   1 
HETATM 1548 O  O   . HOH F 3 .  ? 2.330   15.525  3.980   1.00 10.24 ? 1623 HOH B O   1 
HETATM 1549 O  O   . HOH F 3 .  ? -15.977 20.276  0.970   1.00 11.92 ? 1626 HOH B O   1 
HETATM 1550 O  O   . HOH F 3 .  ? -6.213  30.038  -9.133  1.00 11.18 ? 1627 HOH B O   1 
HETATM 1551 O  O   . HOH F 3 .  ? -15.866 22.580  2.518   1.00 14.56 ? 1631 HOH B O   1 
HETATM 1552 O  O   . HOH F 3 .  ? -7.894  4.687   -8.553  1.00 14.79 ? 1634 HOH B O   1 
HETATM 1553 O  O   . HOH F 3 .  ? -4.902  14.232  -12.369 1.00 16.37 ? 1636 HOH B O   1 
HETATM 1554 O  O   . HOH F 3 .  ? 5.766   16.453  3.607   1.00 14.51 ? 1638 HOH B O   1 
HETATM 1555 O  O   . HOH F 3 .  ? -4.305  31.157  -10.756 1.00 14.76 ? 1641 HOH B O   1 
HETATM 1556 O  O   . HOH F 3 .  ? -11.665 27.223  1.995   1.00 15.71 ? 1648 HOH B O   1 
HETATM 1557 O  O   . HOH F 3 .  ? -15.267 25.035  1.446   1.00 18.56 ? 1649 HOH B O   1 
HETATM 1558 O  O   . HOH F 3 .  ? 8.978   13.571  2.705   1.00 15.87 ? 1655 HOH B O   1 
HETATM 1559 O  O   . HOH F 3 .  ? 0.204   10.621  -9.769  1.00 18.07 ? 1657 HOH B O   1 
HETATM 1560 O  O   . HOH F 3 .  ? -14.676 6.057   -2.189  1.00 21.57 ? 1658 HOH B O   1 
HETATM 1561 O  O   . HOH F 3 .  ? 2.304   21.442  -5.011  1.00 16.77 ? 1659 HOH B O   1 
HETATM 1562 O  O   . HOH F 3 .  ? -9.706  6.098   1.775   1.00 20.53 ? 1662 HOH B O   1 
HETATM 1563 O  O   . HOH F 3 .  ? 8.530   8.126   1.965   1.00 18.05 ? 1663 HOH B O   1 
HETATM 1564 O  O   . HOH F 3 .  ? -13.573 8.294   3.468   1.00 17.68 ? 1666 HOH B O   1 
HETATM 1565 O  O   . HOH F 3 .  ? 7.055   20.211  -1.527  1.00 26.43 ? 1671 HOH B O   1 
HETATM 1566 O  O   . HOH F 3 .  ? -0.906  14.010  -8.927  1.00 21.56 ? 1673 HOH B O   1 
HETATM 1567 O  O   . HOH F 3 .  ? -9.956  12.956  10.484  1.00 19.53 ? 1674 HOH B O   1 
HETATM 1568 O  O   . HOH F 3 .  ? 8.352   8.360   -8.598  1.00 18.70 ? 1675 HOH B O   1 
HETATM 1569 O  O   . HOH F 3 .  ? 8.960   14.755  -8.495  1.00 18.05 ? 1679 HOH B O   1 
HETATM 1570 O  O   . HOH F 3 .  ? 6.596   15.637  7.260   1.00 16.86 ? 1682 HOH B O   1 
HETATM 1571 O  O   . HOH F 3 .  ? -1.857  20.553  -12.128 1.00 28.67 ? 1685 HOH B O   1 
HETATM 1572 O  O   . HOH F 3 .  ? 0.885   25.505  -9.299  1.00 22.02 ? 1686 HOH B O   1 
HETATM 1573 O  O   . HOH F 3 .  ? -9.900  21.308  -11.261 1.00 24.56 ? 1689 HOH B O   1 
HETATM 1574 O  O   . HOH F 3 .  ? -13.467 8.828   -9.067  1.00 21.57 ? 1690 HOH B O   1 
HETATM 1575 O  O   . HOH F 3 .  ? -1.906  -0.925  1.265   1.00 17.62 ? 1691 HOH B O   1 
HETATM 1576 O  O   . HOH F 3 .  ? 1.207   19.992  8.810   1.00 21.50 ? 1696 HOH B O   1 
HETATM 1577 O  O   . HOH F 3 .  ? -18.547 20.474  4.799   1.00 26.87 ? 1700 HOH B O   1 
HETATM 1578 O  O   . HOH F 3 .  ? 0.370   22.252  3.556   1.00 19.93 ? 1702 HOH B O   1 
HETATM 1579 O  O   . HOH F 3 .  ? -8.291  15.076  11.544  1.00 19.58 ? 1703 HOH B O   1 
HETATM 1580 O  O   . HOH F 3 .  ? 3.969   16.482  8.229   1.00 12.82 ? 1802 HOH B O   1 
# 
